data_1W8S
#
_entry.id   1W8S
#
_cell.length_a   82.500
_cell.length_b   157.300
_cell.length_c   101.200
_cell.angle_alpha   90.00
_cell.angle_beta   107.90
_cell.angle_gamma   90.00
#
_symmetry.space_group_name_H-M   'P 1 21 1'
#
loop_
_entity.id
_entity.type
_entity.pdbx_description
1 polymer 'FRUCTOSE-BISPHOSPHATE ALDOLASE CLASS I'
2 non-polymer 1,6-di-O-phosphono-beta-D-fructofuranose
3 water water
#
_entity_poly.entity_id   1
_entity_poly.type   'polypeptide(L)'
_entity_poly.pdbx_seq_one_letter_code
;MANLTEKFLRIFARRGKSIILAYDHGIEHGPADFMDNPDSADPEYILRLARDAGFDGVVFQRGIAEKYYDGSVPLILKLN
GKTTLYNGEPVSVANCSVEEAVSLGASAVGYTIYPGSGFEWKMFEELARIKRDAVKFDLPLVVESFPRGGKVVNETAPEI
VAYAARIALELGADAMKIKYTGDPKTFSWAVKVAGKVPVLMSGGPKTKTEEDFLKQVEGVLEAGALGIAVGRNVWQRRDA
LKFARALAELVYGGKKLAEPLNV
;
_entity_poly.pdbx_strand_id   A,B,C,D,E,F,G,H,I,J
#
# COMPACT_ATOMS: atom_id res chain seq x y z
N ASN A 3 -26.33 14.03 1.64
CA ASN A 3 -26.36 15.05 0.56
C ASN A 3 -25.54 16.25 1.04
N LEU A 4 -24.41 16.51 0.38
CA LEU A 4 -23.44 17.48 0.88
C LEU A 4 -23.84 18.88 0.53
N THR A 5 -24.66 19.04 -0.50
CA THR A 5 -25.23 20.35 -0.80
C THR A 5 -26.13 20.74 0.37
N GLU A 6 -26.94 19.79 0.84
CA GLU A 6 -27.89 20.06 1.95
C GLU A 6 -27.09 20.39 3.20
N LYS A 7 -25.97 19.72 3.40
CA LYS A 7 -25.11 19.98 4.55
C LYS A 7 -24.45 21.35 4.45
N PHE A 8 -23.99 21.69 3.24
CA PHE A 8 -23.45 23.03 3.00
C PHE A 8 -24.48 24.10 3.36
N LEU A 9 -25.72 23.94 2.88
CA LEU A 9 -26.78 24.91 3.14
C LEU A 9 -27.12 25.04 4.64
N ARG A 10 -27.10 23.92 5.34
CA ARG A 10 -27.40 23.90 6.76
C ARG A 10 -26.38 24.73 7.56
N ILE A 11 -25.11 24.63 7.15
CA ILE A 11 -24.00 25.23 7.88
C ILE A 11 -23.78 26.65 7.42
N PHE A 12 -23.86 26.88 6.11
CA PHE A 12 -23.47 28.18 5.55
C PHE A 12 -24.64 29.06 5.08
N ALA A 13 -25.86 28.53 5.07
CA ALA A 13 -27.04 29.28 4.62
C ALA A 13 -28.24 29.05 5.51
N ARG A 14 -28.05 28.99 6.82
CA ARG A 14 -29.15 28.69 7.74
C ARG A 14 -30.33 29.65 7.60
N ARG A 15 -30.08 30.87 7.14
CA ARG A 15 -31.15 31.87 6.95
C ARG A 15 -31.73 31.86 5.54
N GLY A 16 -31.26 30.96 4.69
CA GLY A 16 -31.77 30.82 3.34
C GLY A 16 -30.88 31.45 2.27
N LYS A 17 -30.01 32.35 2.71
CA LYS A 17 -29.01 33.01 1.88
C LYS A 17 -27.71 33.03 2.63
N SER A 18 -26.62 33.30 1.93
CA SER A 18 -25.29 33.14 2.51
C SER A 18 -24.37 34.32 2.24
N ILE A 19 -23.61 34.73 3.25
CA ILE A 19 -22.45 35.61 3.04
C ILE A 19 -21.20 34.92 3.63
N ILE A 20 -20.21 34.70 2.80
CA ILE A 20 -18.94 34.14 3.23
C ILE A 20 -17.90 35.24 3.10
N LEU A 21 -17.10 35.45 4.12
CA LEU A 21 -15.98 36.39 4.10
C LEU A 21 -14.74 35.68 3.59
N ALA A 22 -14.34 36.04 2.38
CA ALA A 22 -13.21 35.45 1.69
C ALA A 22 -11.87 36.07 2.11
N TYR A 23 -10.89 35.22 2.41
CA TYR A 23 -9.60 35.70 2.88
C TYR A 23 -8.42 34.83 2.46
N ASP A 24 -8.49 34.33 1.23
CA ASP A 24 -7.34 33.68 0.61
C ASP A 24 -6.43 34.67 -0.15
N HIS A 25 -6.71 35.96 -0.01
CA HIS A 25 -6.04 36.95 -0.84
C HIS A 25 -4.54 37.07 -0.59
N GLY A 26 -4.10 36.70 0.62
CA GLY A 26 -2.70 36.82 0.99
C GLY A 26 -1.79 36.03 0.04
N ILE A 27 -2.25 34.89 -0.46
CA ILE A 27 -1.50 34.16 -1.50
C ILE A 27 -1.89 34.60 -2.92
N GLU A 28 -3.19 34.68 -3.20
CA GLU A 28 -3.68 34.97 -4.55
C GLU A 28 -3.24 36.32 -5.07
N HIS A 29 -3.31 37.35 -4.21
CA HIS A 29 -2.91 38.71 -4.60
C HIS A 29 -1.73 39.29 -3.84
N GLY A 30 -1.44 38.77 -2.67
CA GLY A 30 -0.39 39.32 -1.85
C GLY A 30 -0.96 40.44 -0.99
N PRO A 31 -0.12 40.92 -0.08
CA PRO A 31 -0.53 41.90 0.91
C PRO A 31 -0.71 43.35 0.44
N ALA A 32 -0.45 43.67 -0.82
CA ALA A 32 -0.86 44.98 -1.34
C ALA A 32 -2.38 45.17 -1.17
N ASP A 33 -3.16 44.09 -1.26
CA ASP A 33 -4.61 44.13 -0.93
C ASP A 33 -4.88 44.73 0.48
N PHE A 34 -3.92 44.62 1.40
CA PHE A 34 -4.13 44.99 2.82
C PHE A 34 -3.70 46.40 3.22
N MET A 35 -3.05 47.14 2.32
CA MET A 35 -2.52 48.47 2.69
C MET A 35 -3.62 49.50 2.96
N ASP A 36 -4.73 49.44 2.22
CA ASP A 36 -5.84 50.39 2.43
C ASP A 36 -6.35 50.40 3.88
N ASN A 37 -6.63 49.20 4.41
CA ASN A 37 -7.13 49.02 5.77
C ASN A 37 -6.21 47.98 6.46
N PRO A 38 -5.07 48.44 6.99
CA PRO A 38 -3.98 47.57 7.50
C PRO A 38 -4.36 46.47 8.50
N ASP A 39 -5.39 46.72 9.30
CA ASP A 39 -5.99 45.71 10.17
C ASP A 39 -6.38 44.45 9.40
N SER A 40 -6.69 44.59 8.12
CA SER A 40 -7.06 43.47 7.25
C SER A 40 -5.93 42.46 7.05
N ALA A 41 -4.69 42.86 7.34
CA ALA A 41 -3.57 41.93 7.27
C ALA A 41 -3.60 40.90 8.42
N ASP A 42 -4.41 41.17 9.44
CA ASP A 42 -4.47 40.39 10.67
C ASP A 42 -5.69 39.45 10.63
N PRO A 43 -5.45 38.15 10.54
CA PRO A 43 -6.57 37.20 10.46
C PRO A 43 -7.52 37.24 11.63
N GLU A 44 -7.08 37.68 12.80
CA GLU A 44 -7.95 37.76 13.96
C GLU A 44 -9.00 38.85 13.73
N TYR A 45 -8.57 39.96 13.14
CA TYR A 45 -9.49 41.01 12.76
C TYR A 45 -10.56 40.52 11.78
N ILE A 46 -10.16 39.68 10.84
CA ILE A 46 -11.09 39.10 9.87
C ILE A 46 -12.13 38.21 10.55
N LEU A 47 -11.68 37.37 11.48
CA LEU A 47 -12.61 36.54 12.23
C LEU A 47 -13.60 37.38 13.01
N ARG A 48 -13.10 38.42 13.67
CA ARG A 48 -13.97 39.27 14.49
C ARG A 48 -15.01 39.95 13.59
N LEU A 49 -14.56 40.42 12.45
CA LEU A 49 -15.41 41.02 11.44
C LEU A 49 -16.56 40.09 11.02
N ALA A 50 -16.24 38.83 10.69
CA ALA A 50 -17.25 37.85 10.30
C ALA A 50 -18.25 37.54 11.43
N ARG A 51 -17.74 37.47 12.64
CA ARG A 51 -18.52 37.25 13.84
C ARG A 51 -19.48 38.42 14.07
N ASP A 52 -18.92 39.63 14.05
CA ASP A 52 -19.64 40.84 14.43
C ASP A 52 -20.67 41.26 13.39
N ALA A 53 -20.40 40.93 12.13
CA ALA A 53 -21.33 41.23 11.04
C ALA A 53 -22.38 40.11 10.85
N GLY A 54 -22.18 38.97 11.51
CA GLY A 54 -23.15 37.89 11.45
C GLY A 54 -23.10 37.09 10.17
N PHE A 55 -21.90 36.99 9.58
CA PHE A 55 -21.72 36.23 8.37
C PHE A 55 -21.66 34.73 8.65
N ASP A 56 -21.75 33.94 7.58
CA ASP A 56 -21.91 32.49 7.68
C ASP A 56 -20.62 31.71 7.72
N GLY A 57 -19.54 32.30 7.23
CA GLY A 57 -18.27 31.62 7.19
C GLY A 57 -17.11 32.47 6.72
N VAL A 58 -15.92 31.88 6.81
CA VAL A 58 -14.66 32.45 6.32
C VAL A 58 -13.94 31.43 5.43
N VAL A 59 -13.18 31.96 4.46
CA VAL A 59 -12.37 31.13 3.55
C VAL A 59 -10.92 31.42 3.84
N PHE A 60 -10.19 30.43 4.33
CA PHE A 60 -8.80 30.56 4.69
C PHE A 60 -7.99 29.49 3.95
N GLN A 61 -6.77 29.83 3.64
CA GLN A 61 -5.73 28.87 3.23
C GLN A 61 -5.29 28.13 4.46
N ARG A 62 -4.55 27.04 4.27
CA ARG A 62 -4.18 26.14 5.35
C ARG A 62 -3.35 26.80 6.45
N GLY A 63 -2.43 27.69 6.09
CA GLY A 63 -1.54 28.29 7.06
C GLY A 63 -2.29 29.21 8.03
N ILE A 64 -3.24 29.96 7.47
CA ILE A 64 -4.03 30.88 8.26
C ILE A 64 -4.97 30.07 9.14
N ALA A 65 -5.52 28.99 8.60
CA ALA A 65 -6.41 28.14 9.37
C ALA A 65 -5.66 27.56 10.57
N GLU A 66 -4.49 27.00 10.30
CA GLU A 66 -3.70 26.35 11.35
C GLU A 66 -3.30 27.30 12.47
N LYS A 67 -2.83 28.49 12.11
CA LYS A 67 -2.30 29.45 13.10
C LYS A 67 -3.35 30.32 13.81
N TYR A 68 -4.51 30.48 13.19
CA TYR A 68 -5.49 31.48 13.59
C TYR A 68 -6.90 30.95 13.80
N TYR A 69 -7.32 29.93 13.06
CA TYR A 69 -8.70 29.51 13.18
C TYR A 69 -9.09 29.07 14.60
N ASP A 70 -10.22 29.57 15.07
CA ASP A 70 -10.59 29.38 16.48
C ASP A 70 -11.97 28.77 16.66
N GLY A 71 -12.56 28.26 15.58
CA GLY A 71 -13.87 27.67 15.63
C GLY A 71 -15.05 28.63 15.76
N SER A 72 -14.82 29.93 15.69
CA SER A 72 -15.89 30.90 16.00
C SER A 72 -16.91 31.14 14.88
N VAL A 73 -16.51 30.82 13.65
CA VAL A 73 -17.31 30.99 12.47
C VAL A 73 -16.99 29.75 11.57
N PRO A 74 -17.95 29.16 10.89
CA PRO A 74 -17.66 28.02 10.01
C PRO A 74 -16.58 28.32 8.96
N LEU A 75 -15.69 27.35 8.76
CA LEU A 75 -14.50 27.50 7.91
C LEU A 75 -14.63 26.72 6.62
N ILE A 76 -14.33 27.40 5.53
CA ILE A 76 -14.07 26.77 4.24
C ILE A 76 -12.55 26.83 4.02
N LEU A 77 -11.93 25.66 3.93
CA LEU A 77 -10.49 25.57 3.71
C LEU A 77 -10.23 25.55 2.21
N LYS A 78 -9.61 26.63 1.73
CA LYS A 78 -9.26 26.78 0.33
C LYS A 78 -8.01 25.94 0.07
N LEU A 79 -8.16 24.89 -0.71
CA LEU A 79 -7.10 23.88 -0.78
C LEU A 79 -5.93 24.22 -1.70
N ASN A 80 -6.19 24.96 -2.77
CA ASN A 80 -5.17 25.29 -3.73
C ASN A 80 -4.86 26.77 -3.60
N GLY A 81 -3.98 27.26 -4.43
CA GLY A 81 -3.58 28.65 -4.42
C GLY A 81 -2.45 28.90 -5.37
N LYS A 82 -2.49 30.07 -6.00
CA LYS A 82 -1.41 30.53 -6.85
C LYS A 82 -1.21 32.01 -6.59
N THR A 83 -0.16 32.59 -7.15
CA THR A 83 0.13 34.00 -6.96
C THR A 83 -0.11 34.79 -8.23
N THR A 84 -0.24 36.11 -8.10
CA THR A 84 -0.28 36.97 -9.30
C THR A 84 1.09 37.24 -9.91
N LEU A 85 2.16 36.81 -9.23
CA LEU A 85 3.52 36.92 -9.76
C LEU A 85 3.73 35.99 -10.92
N TYR A 86 2.95 34.93 -10.93
CA TYR A 86 3.00 33.87 -11.94
C TYR A 86 2.51 34.38 -13.27
N ASN A 87 3.26 34.07 -14.32
CA ASN A 87 2.96 34.42 -15.71
C ASN A 87 2.54 33.31 -16.67
N GLY A 88 2.64 32.05 -16.33
CA GLY A 88 2.18 31.02 -17.28
C GLY A 88 0.68 30.87 -17.53
N GLU A 89 0.31 29.76 -18.19
CA GLU A 89 -1.11 29.42 -18.35
C GLU A 89 -1.63 29.20 -16.91
N PRO A 90 -2.77 29.76 -16.56
CA PRO A 90 -3.23 29.73 -15.18
C PRO A 90 -3.33 28.31 -14.58
N VAL A 91 -2.71 28.16 -13.43
CA VAL A 91 -2.77 26.88 -12.71
C VAL A 91 -2.64 27.12 -11.19
N SER A 92 -3.37 26.33 -10.41
CA SER A 92 -3.43 26.43 -8.95
C SER A 92 -3.53 25.02 -8.43
N VAL A 93 -2.51 24.57 -7.71
CA VAL A 93 -2.49 23.20 -7.22
C VAL A 93 -2.73 23.15 -5.72
N ALA A 94 -3.24 22.02 -5.26
CA ALA A 94 -3.53 21.84 -3.84
C ALA A 94 -2.23 21.92 -3.02
N ASN A 95 -2.27 22.70 -1.94
CA ASN A 95 -1.22 22.75 -0.93
C ASN A 95 -1.62 22.07 0.38
N CYS A 96 -2.79 21.47 0.38
CA CYS A 96 -3.40 20.85 1.58
C CYS A 96 -4.37 19.75 1.09
N SER A 97 -4.53 18.70 1.87
CA SER A 97 -5.47 17.62 1.55
C SER A 97 -6.78 17.83 2.27
N VAL A 98 -7.82 17.14 1.82
CA VAL A 98 -9.11 17.14 2.49
C VAL A 98 -8.95 16.61 3.92
N GLU A 99 -8.20 15.52 4.09
CA GLU A 99 -8.00 14.97 5.41
C GLU A 99 -7.38 16.02 6.36
N GLU A 100 -6.40 16.77 5.90
CA GLU A 100 -5.79 17.81 6.74
C GLU A 100 -6.77 18.92 7.00
N ALA A 101 -7.62 19.25 6.01
CA ALA A 101 -8.68 20.26 6.20
C ALA A 101 -9.62 19.86 7.32
N VAL A 102 -9.96 18.57 7.39
CA VAL A 102 -10.82 18.09 8.46
C VAL A 102 -10.15 18.33 9.81
N SER A 103 -8.87 18.00 9.90
CA SER A 103 -8.11 18.17 11.14
C SER A 103 -7.97 19.64 11.57
N LEU A 104 -8.03 20.55 10.61
CA LEU A 104 -7.92 21.99 10.86
C LEU A 104 -9.26 22.65 11.22
N GLY A 105 -10.35 21.87 11.21
CA GLY A 105 -11.67 22.32 11.65
C GLY A 105 -12.61 22.80 10.55
N ALA A 106 -12.27 22.44 9.30
CA ALA A 106 -13.06 22.88 8.15
C ALA A 106 -14.44 22.25 8.14
N SER A 107 -15.45 23.01 7.70
CA SER A 107 -16.81 22.50 7.48
C SER A 107 -17.06 22.28 6.01
N ALA A 108 -16.16 22.79 5.18
CA ALA A 108 -16.15 22.59 3.75
C ALA A 108 -14.77 22.88 3.18
N VAL A 109 -14.56 22.43 1.95
CA VAL A 109 -13.34 22.72 1.23
C VAL A 109 -13.60 23.46 -0.06
N GLY A 110 -12.70 24.35 -0.44
CA GLY A 110 -12.78 25.03 -1.72
C GLY A 110 -11.64 24.66 -2.63
N TYR A 111 -11.89 24.71 -3.93
CA TYR A 111 -10.85 24.38 -4.90
C TYR A 111 -11.15 25.22 -6.16
N THR A 112 -10.16 25.97 -6.60
CA THR A 112 -10.27 26.81 -7.78
C THR A 112 -9.91 26.04 -9.05
N ILE A 113 -10.73 26.17 -10.09
CA ILE A 113 -10.37 25.69 -11.43
C ILE A 113 -10.37 26.86 -12.42
N TYR A 114 -9.54 26.75 -13.44
CA TYR A 114 -9.47 27.74 -14.54
C TYR A 114 -9.77 27.05 -15.86
N PRO A 115 -11.05 26.80 -16.13
CA PRO A 115 -11.44 26.25 -17.42
C PRO A 115 -10.88 27.08 -18.56
N GLY A 116 -10.42 26.38 -19.60
CA GLY A 116 -9.80 27.02 -20.74
C GLY A 116 -8.28 27.09 -20.69
N SER A 117 -7.71 27.14 -19.47
CA SER A 117 -6.28 27.21 -19.28
C SER A 117 -5.59 26.08 -20.04
N GLY A 118 -4.39 26.32 -20.53
CA GLY A 118 -3.54 25.26 -21.03
C GLY A 118 -3.30 24.16 -20.01
N PHE A 119 -3.51 24.45 -18.72
CA PHE A 119 -3.39 23.46 -17.63
C PHE A 119 -4.73 23.05 -17.07
N GLU A 120 -5.81 23.26 -17.81
CA GLU A 120 -7.14 22.91 -17.31
C GLU A 120 -7.15 21.43 -16.83
N TRP A 121 -6.45 20.59 -17.56
CA TRP A 121 -6.34 19.17 -17.29
C TRP A 121 -5.71 18.86 -15.92
N LYS A 122 -4.75 19.66 -15.50
CA LYS A 122 -4.04 19.39 -14.28
C LYS A 122 -4.96 19.66 -13.12
N MET A 123 -5.75 20.73 -13.18
CA MET A 123 -6.74 21.00 -12.13
C MET A 123 -7.95 20.03 -12.14
N PHE A 124 -8.40 19.55 -13.31
CA PHE A 124 -9.46 18.55 -13.38
C PHE A 124 -8.99 17.21 -12.76
N GLU A 125 -7.75 16.82 -13.01
CA GLU A 125 -7.17 15.59 -12.46
C GLU A 125 -7.11 15.66 -10.94
N GLU A 126 -6.65 16.78 -10.43
CA GLU A 126 -6.54 16.91 -8.99
C GLU A 126 -7.89 17.05 -8.32
N LEU A 127 -8.78 17.83 -8.90
CA LEU A 127 -10.12 17.96 -8.37
C LEU A 127 -10.80 16.61 -8.26
N ALA A 128 -10.50 15.68 -9.17
CA ALA A 128 -11.06 14.35 -9.11
C ALA A 128 -10.75 13.69 -7.77
N ARG A 129 -9.48 13.82 -7.35
CA ARG A 129 -9.02 13.22 -6.11
C ARG A 129 -9.61 13.96 -4.90
N ILE A 130 -9.70 15.28 -5.01
CA ILE A 130 -10.29 16.11 -3.96
C ILE A 130 -11.77 15.80 -3.77
N LYS A 131 -12.49 15.68 -4.88
CA LYS A 131 -13.90 15.35 -4.82
C LYS A 131 -14.10 14.01 -4.16
N ARG A 132 -13.31 13.01 -4.54
CA ARG A 132 -13.46 11.68 -3.96
C ARG A 132 -13.23 11.76 -2.46
N ASP A 133 -12.21 12.51 -2.02
CA ASP A 133 -11.95 12.68 -0.59
C ASP A 133 -13.05 13.48 0.12
N ALA A 134 -13.60 14.46 -0.55
CA ALA A 134 -14.71 15.24 0.04
C ALA A 134 -15.87 14.32 0.39
N VAL A 135 -16.25 13.44 -0.54
CA VAL A 135 -17.29 12.48 -0.28
C VAL A 135 -16.94 11.54 0.88
N LYS A 136 -15.68 11.07 0.90
CA LYS A 136 -15.23 10.12 1.91
C LYS A 136 -15.30 10.73 3.32
N PHE A 137 -14.88 11.98 3.41
CA PHE A 137 -14.82 12.69 4.69
C PHE A 137 -16.10 13.48 5.02
N ASP A 138 -17.06 13.48 4.11
CA ASP A 138 -18.38 14.13 4.24
C ASP A 138 -18.23 15.65 4.47
N LEU A 139 -17.34 16.26 3.69
CA LEU A 139 -17.12 17.69 3.67
C LEU A 139 -17.60 18.22 2.33
N PRO A 140 -18.54 19.18 2.29
CA PRO A 140 -18.95 19.79 1.00
C PRO A 140 -17.78 20.39 0.24
N LEU A 141 -17.85 20.29 -1.08
CA LEU A 141 -16.84 20.82 -1.96
C LEU A 141 -17.42 22.04 -2.67
N VAL A 142 -16.78 23.17 -2.48
CA VAL A 142 -17.07 24.41 -3.18
C VAL A 142 -16.06 24.59 -4.31
N VAL A 143 -16.53 24.54 -5.54
CA VAL A 143 -15.68 24.73 -6.69
C VAL A 143 -15.75 26.20 -7.06
N GLU A 144 -14.59 26.81 -7.11
CA GLU A 144 -14.46 28.20 -7.48
C GLU A 144 -14.12 28.17 -8.97
N SER A 145 -15.08 28.51 -9.81
CA SER A 145 -14.91 28.22 -11.26
C SER A 145 -14.72 29.50 -12.00
N PHE A 146 -13.49 29.72 -12.44
CA PHE A 146 -13.03 30.97 -13.04
C PHE A 146 -12.33 30.71 -14.38
N PRO A 147 -13.10 30.55 -15.45
CA PRO A 147 -12.46 30.36 -16.74
C PRO A 147 -11.38 31.43 -16.99
N ARG A 148 -10.24 31.04 -17.50
CA ARG A 148 -9.11 31.95 -17.69
C ARG A 148 -8.06 31.22 -18.49
N GLY A 149 -7.45 31.93 -19.44
CA GLY A 149 -6.46 31.34 -20.33
C GLY A 149 -7.21 30.80 -21.54
N GLY A 150 -6.52 30.14 -22.46
CA GLY A 150 -7.21 29.61 -23.61
C GLY A 150 -7.92 30.70 -24.38
N LYS A 151 -9.19 30.46 -24.70
CA LYS A 151 -9.99 31.37 -25.51
C LYS A 151 -10.69 32.47 -24.69
N VAL A 152 -10.54 32.43 -23.38
CA VAL A 152 -11.26 33.36 -22.52
C VAL A 152 -10.61 34.73 -22.62
N VAL A 153 -11.41 35.72 -23.01
CA VAL A 153 -10.93 37.09 -23.08
C VAL A 153 -11.79 38.06 -22.26
N ASN A 154 -12.98 37.64 -21.87
CA ASN A 154 -13.86 38.46 -21.05
C ASN A 154 -14.44 37.55 -19.99
N GLU A 155 -13.87 37.60 -18.80
CA GLU A 155 -14.25 36.68 -17.73
C GLU A 155 -15.67 36.87 -17.19
N THR A 156 -16.28 38.02 -17.46
CA THR A 156 -17.65 38.28 -17.02
C THR A 156 -18.68 38.25 -18.14
N ALA A 157 -18.29 37.75 -19.32
CA ALA A 157 -19.23 37.63 -20.41
C ALA A 157 -20.29 36.61 -20.00
N PRO A 158 -21.56 36.88 -20.31
CA PRO A 158 -22.65 35.95 -20.04
C PRO A 158 -22.33 34.49 -20.36
N GLU A 159 -21.78 34.21 -21.54
CA GLU A 159 -21.52 32.81 -21.96
C GLU A 159 -20.39 32.17 -21.14
N ILE A 160 -19.44 32.98 -20.71
CA ILE A 160 -18.31 32.46 -19.94
C ILE A 160 -18.75 32.14 -18.52
N VAL A 161 -19.49 33.05 -17.86
CA VAL A 161 -19.96 32.78 -16.53
C VAL A 161 -20.93 31.58 -16.52
N ALA A 162 -21.77 31.42 -17.56
CA ALA A 162 -22.68 30.26 -17.58
C ALA A 162 -21.91 28.95 -17.78
N TYR A 163 -20.87 29.01 -18.62
CA TYR A 163 -19.96 27.87 -18.77
C TYR A 163 -19.28 27.55 -17.44
N ALA A 164 -18.77 28.57 -16.73
CA ALA A 164 -18.17 28.35 -15.42
C ALA A 164 -19.11 27.58 -14.49
N ALA A 165 -20.35 28.04 -14.43
CA ALA A 165 -21.35 27.44 -13.55
C ALA A 165 -21.61 25.98 -13.90
N ARG A 166 -21.80 25.74 -15.19
CA ARG A 166 -22.18 24.43 -15.62
C ARG A 166 -21.01 23.45 -15.37
N ILE A 167 -19.79 23.86 -15.69
CA ILE A 167 -18.62 22.99 -15.44
C ILE A 167 -18.55 22.59 -13.98
N ALA A 168 -18.80 23.55 -13.08
CA ALA A 168 -18.79 23.24 -11.65
C ALA A 168 -19.79 22.14 -11.27
N LEU A 169 -21.03 22.26 -11.78
CA LEU A 169 -22.02 21.22 -11.61
C LEU A 169 -21.55 19.87 -12.16
N GLU A 170 -21.06 19.89 -13.40
CA GLU A 170 -20.64 18.67 -14.09
C GLU A 170 -19.55 17.92 -13.36
N LEU A 171 -18.65 18.64 -12.71
CA LEU A 171 -17.47 18.07 -12.06
C LEU A 171 -17.70 17.62 -10.62
N GLY A 172 -18.86 17.95 -10.07
CA GLY A 172 -19.25 17.43 -8.77
C GLY A 172 -19.33 18.43 -7.63
N ALA A 173 -19.26 19.73 -7.93
CA ALA A 173 -19.36 20.74 -6.89
C ALA A 173 -20.64 20.53 -6.10
N ASP A 174 -20.56 20.77 -4.79
CA ASP A 174 -21.75 20.83 -3.93
C ASP A 174 -22.28 22.24 -3.77
N ALA A 175 -21.39 23.22 -3.91
CA ALA A 175 -21.71 24.63 -4.06
C ALA A 175 -20.66 25.19 -4.99
N MET A 176 -20.85 26.41 -5.47
CA MET A 176 -19.91 26.99 -6.42
C MET A 176 -19.80 28.49 -6.23
N LYS A 177 -18.64 29.02 -6.59
CA LYS A 177 -18.40 30.44 -6.62
C LYS A 177 -18.01 30.82 -8.03
N ILE A 178 -18.72 31.80 -8.60
CA ILE A 178 -18.47 32.30 -9.94
C ILE A 178 -18.52 33.83 -9.97
N LYS A 179 -17.98 34.44 -11.03
CA LYS A 179 -18.03 35.91 -11.18
C LYS A 179 -19.41 36.38 -11.63
N TYR A 180 -19.75 37.59 -11.26
CA TYR A 180 -20.96 38.25 -11.71
C TYR A 180 -20.83 38.75 -13.15
N THR A 181 -21.91 38.59 -13.94
CA THR A 181 -21.96 39.07 -15.31
C THR A 181 -22.23 40.55 -15.43
N GLY A 182 -22.69 41.15 -14.35
CA GLY A 182 -23.02 42.57 -14.32
C GLY A 182 -24.50 42.86 -14.45
N ASP A 183 -25.29 41.83 -14.71
CA ASP A 183 -26.75 42.04 -14.76
C ASP A 183 -27.51 40.77 -14.38
N PRO A 184 -28.70 40.95 -13.78
CA PRO A 184 -29.43 39.79 -13.25
C PRO A 184 -30.00 38.90 -14.34
N LYS A 185 -30.36 39.41 -15.52
CA LYS A 185 -30.90 38.52 -16.56
C LYS A 185 -29.87 37.46 -16.97
N THR A 186 -28.68 37.90 -17.37
CA THR A 186 -27.67 36.94 -17.81
C THR A 186 -27.15 36.09 -16.65
N PHE A 187 -27.12 36.65 -15.44
CA PHE A 187 -26.67 35.88 -14.29
C PHE A 187 -27.69 34.80 -13.93
N SER A 188 -28.98 35.06 -14.17
CA SER A 188 -30.03 34.06 -13.89
C SER A 188 -29.85 32.81 -14.75
N TRP A 189 -29.33 32.97 -15.96
CA TRP A 189 -29.06 31.81 -16.84
C TRP A 189 -27.93 30.96 -16.25
N ALA A 190 -26.88 31.61 -15.76
CA ALA A 190 -25.81 30.88 -15.06
C ALA A 190 -26.35 30.14 -13.86
N VAL A 191 -27.24 30.78 -13.09
CA VAL A 191 -27.85 30.12 -11.95
C VAL A 191 -28.70 28.91 -12.42
N LYS A 192 -29.44 29.08 -13.49
CA LYS A 192 -30.31 28.02 -14.03
C LYS A 192 -29.50 26.77 -14.39
N VAL A 193 -28.40 26.99 -15.11
CA VAL A 193 -27.60 25.88 -15.65
C VAL A 193 -26.84 25.17 -14.55
N ALA A 194 -26.66 25.83 -13.41
CA ALA A 194 -26.08 25.21 -12.21
C ALA A 194 -27.03 24.23 -11.52
N GLY A 195 -28.30 24.27 -11.88
CA GLY A 195 -29.28 23.32 -11.39
C GLY A 195 -29.43 23.36 -9.87
N LYS A 196 -29.36 22.18 -9.25
CA LYS A 196 -29.48 22.00 -7.79
C LYS A 196 -28.26 22.50 -7.00
N VAL A 197 -27.20 22.98 -7.65
CA VAL A 197 -25.99 23.42 -6.92
C VAL A 197 -26.05 24.92 -6.69
N PRO A 198 -25.99 25.35 -5.42
CA PRO A 198 -26.11 26.78 -5.11
C PRO A 198 -24.91 27.56 -5.60
N VAL A 199 -25.19 28.81 -6.00
CA VAL A 199 -24.21 29.68 -6.60
C VAL A 199 -23.92 30.84 -5.64
N LEU A 200 -22.65 31.05 -5.32
CA LEU A 200 -22.19 32.26 -4.65
C LEU A 200 -21.47 33.18 -5.65
N MET A 201 -21.79 34.46 -5.58
CA MET A 201 -21.08 35.47 -6.34
C MET A 201 -19.76 35.85 -5.69
N SER A 202 -18.68 35.80 -6.47
CA SER A 202 -17.39 36.37 -6.08
C SER A 202 -17.45 37.90 -6.09
N GLY A 203 -17.02 38.55 -5.01
CA GLY A 203 -17.21 39.99 -4.88
C GLY A 203 -16.49 40.90 -5.88
N GLY A 204 -15.26 40.55 -6.23
CA GLY A 204 -14.44 41.33 -7.14
C GLY A 204 -13.70 42.50 -6.52
N PRO A 205 -12.95 43.24 -7.36
CA PRO A 205 -12.24 44.43 -6.89
C PRO A 205 -13.18 45.38 -6.16
N LYS A 206 -12.63 46.16 -5.25
CA LYS A 206 -13.43 47.13 -4.54
C LYS A 206 -14.10 48.11 -5.53
N THR A 207 -15.41 48.31 -5.35
CA THR A 207 -16.18 49.16 -6.23
C THR A 207 -15.94 50.62 -5.88
N LYS A 208 -16.27 51.50 -6.84
CA LYS A 208 -16.08 52.92 -6.67
C LYS A 208 -16.90 53.43 -5.48
N THR A 209 -18.17 53.02 -5.39
CA THR A 209 -19.03 53.37 -4.25
C THR A 209 -19.52 52.09 -3.56
N GLU A 210 -19.95 52.24 -2.31
CA GLU A 210 -20.65 51.16 -1.61
C GLU A 210 -21.94 50.84 -2.33
N GLU A 211 -22.61 51.87 -2.83
CA GLU A 211 -23.84 51.70 -3.58
C GLU A 211 -23.64 50.80 -4.79
N ASP A 212 -22.54 50.95 -5.51
CA ASP A 212 -22.28 50.16 -6.72
C ASP A 212 -22.25 48.68 -6.34
N PHE A 213 -21.58 48.35 -5.24
CA PHE A 213 -21.49 46.96 -4.80
C PHE A 213 -22.84 46.43 -4.37
N LEU A 214 -23.59 47.22 -3.62
CA LEU A 214 -24.92 46.82 -3.16
C LEU A 214 -25.87 46.52 -4.32
N LYS A 215 -25.78 47.29 -5.42
CA LYS A 215 -26.60 47.01 -6.61
C LYS A 215 -26.21 45.68 -7.28
N GLN A 216 -24.93 45.38 -7.27
CA GLN A 216 -24.48 44.11 -7.83
C GLN A 216 -25.06 43.00 -6.97
N VAL A 217 -24.94 43.13 -5.67
CA VAL A 217 -25.46 42.11 -4.76
C VAL A 217 -26.98 41.98 -4.96
N GLU A 218 -27.66 43.10 -5.22
CA GLU A 218 -29.12 43.04 -5.44
C GLU A 218 -29.40 42.21 -6.68
N GLY A 219 -28.58 42.38 -7.72
CA GLY A 219 -28.81 41.69 -8.98
C GLY A 219 -28.55 40.21 -8.84
N VAL A 220 -27.53 39.87 -8.06
CA VAL A 220 -27.16 38.48 -7.79
C VAL A 220 -28.34 37.75 -7.13
N LEU A 221 -28.90 38.38 -6.12
CA LEU A 221 -30.08 37.87 -5.42
C LEU A 221 -31.32 37.79 -6.31
N GLU A 222 -31.55 38.80 -7.15
CA GLU A 222 -32.67 38.74 -8.11
C GLU A 222 -32.51 37.62 -9.10
N ALA A 223 -31.26 37.26 -9.40
CA ALA A 223 -30.93 36.17 -10.33
C ALA A 223 -31.13 34.78 -9.71
N GLY A 224 -31.31 34.72 -8.40
CA GLY A 224 -31.60 33.48 -7.69
C GLY A 224 -30.38 32.82 -7.08
N ALA A 225 -29.27 33.56 -7.00
CA ALA A 225 -28.09 33.03 -6.36
C ALA A 225 -28.31 32.90 -4.86
N LEU A 226 -27.50 32.04 -4.24
CA LEU A 226 -27.58 31.81 -2.80
C LEU A 226 -27.02 32.97 -2.02
N GLY A 227 -26.07 33.69 -2.60
CA GLY A 227 -25.44 34.77 -1.85
C GLY A 227 -24.07 35.13 -2.39
N ILE A 228 -23.17 35.60 -1.52
CA ILE A 228 -21.90 36.14 -1.95
C ILE A 228 -20.74 35.56 -1.15
N ALA A 229 -19.59 35.47 -1.81
CA ALA A 229 -18.31 35.23 -1.17
C ALA A 229 -17.50 36.49 -1.42
N VAL A 230 -17.39 37.32 -0.37
CA VAL A 230 -16.90 38.69 -0.51
C VAL A 230 -15.66 38.88 0.36
N GLY A 231 -14.66 39.54 -0.21
CA GLY A 231 -13.43 39.83 0.48
C GLY A 231 -13.18 41.32 0.50
N ARG A 232 -12.59 41.81 -0.59
CA ARG A 232 -12.14 43.17 -0.69
C ARG A 232 -13.23 44.19 -0.47
N ASN A 233 -14.42 43.93 -0.98
CA ASN A 233 -15.49 44.92 -0.87
C ASN A 233 -16.01 45.08 0.58
N VAL A 234 -15.57 44.19 1.48
CA VAL A 234 -15.71 44.39 2.91
C VAL A 234 -14.42 44.85 3.58
N TRP A 235 -13.35 44.05 3.57
CA TRP A 235 -12.19 44.37 4.41
C TRP A 235 -11.20 45.35 3.83
N GLN A 236 -11.36 45.73 2.56
CA GLN A 236 -10.60 46.86 2.02
C GLN A 236 -11.18 48.23 2.41
N ARG A 237 -12.36 48.24 3.03
CA ARG A 237 -13.00 49.48 3.48
C ARG A 237 -12.63 49.81 4.94
N ARG A 238 -12.44 51.09 5.24
CA ARG A 238 -12.14 51.51 6.61
C ARG A 238 -13.39 51.42 7.49
N ASP A 239 -14.55 51.46 6.85
CA ASP A 239 -15.83 51.21 7.52
C ASP A 239 -16.30 49.78 7.25
N ALA A 240 -15.38 48.82 7.36
CA ALA A 240 -15.69 47.41 7.07
C ALA A 240 -16.92 46.89 7.82
N LEU A 241 -16.98 47.11 9.14
CA LEU A 241 -18.06 46.52 9.91
C LEU A 241 -19.40 47.17 9.55
N LYS A 242 -19.45 48.50 9.48
CA LYS A 242 -20.66 49.19 9.06
C LYS A 242 -21.19 48.63 7.72
N PHE A 243 -20.32 48.52 6.72
CA PHE A 243 -20.76 48.09 5.41
C PHE A 243 -21.13 46.61 5.40
N ALA A 244 -20.34 45.79 6.10
CA ALA A 244 -20.67 44.39 6.30
C ALA A 244 -22.09 44.21 6.86
N ARG A 245 -22.49 45.06 7.81
CA ARG A 245 -23.84 44.96 8.39
C ARG A 245 -24.92 45.35 7.40
N ALA A 246 -24.63 46.31 6.52
CA ALA A 246 -25.58 46.71 5.48
C ALA A 246 -25.72 45.57 4.46
N LEU A 247 -24.63 44.86 4.20
CA LEU A 247 -24.68 43.70 3.32
C LEU A 247 -25.52 42.61 3.96
N ALA A 248 -25.33 42.38 5.25
CA ALA A 248 -26.11 41.37 5.99
C ALA A 248 -27.59 41.72 5.94
N GLU A 249 -27.90 43.01 6.10
CA GLU A 249 -29.28 43.48 6.07
C GLU A 249 -29.91 43.17 4.72
N LEU A 250 -29.18 43.44 3.65
CA LEU A 250 -29.72 43.23 2.30
C LEU A 250 -29.84 41.74 2.00
N VAL A 251 -28.82 40.97 2.34
CA VAL A 251 -28.81 39.58 1.90
C VAL A 251 -29.78 38.74 2.72
N TYR A 252 -29.77 38.92 4.03
CA TYR A 252 -30.63 38.15 4.93
C TYR A 252 -32.01 38.81 5.06
N ASN B 3 2.39 22.85 18.79
CA ASN B 3 2.72 24.11 18.07
C ASN B 3 4.18 24.12 17.63
N LEU B 4 4.37 23.92 16.34
CA LEU B 4 5.73 23.73 15.84
C LEU B 4 6.52 25.04 15.82
N THR B 5 5.82 26.17 15.74
CA THR B 5 6.50 27.46 15.84
C THR B 5 7.10 27.59 17.24
N GLU B 6 6.32 27.19 18.26
CA GLU B 6 6.82 27.23 19.65
C GLU B 6 8.04 26.35 19.79
N LYS B 7 8.03 25.18 19.16
CA LYS B 7 9.15 24.28 19.20
C LYS B 7 10.37 24.88 18.51
N PHE B 8 10.15 25.46 17.34
CA PHE B 8 11.24 26.11 16.62
C PHE B 8 11.95 27.14 17.49
N LEU B 9 11.16 27.97 18.15
CA LEU B 9 11.69 29.02 19.01
C LEU B 9 12.46 28.44 20.23
N ARG B 10 11.96 27.36 20.82
CA ARG B 10 12.66 26.75 21.98
C ARG B 10 14.04 26.28 21.51
N ILE B 11 14.12 25.71 20.32
CA ILE B 11 15.37 25.08 19.86
C ILE B 11 16.34 26.08 19.25
N PHE B 12 15.82 27.02 18.47
CA PHE B 12 16.64 27.89 17.63
C PHE B 12 16.65 29.37 18.08
N ALA B 13 15.91 29.68 19.11
CA ALA B 13 15.82 31.06 19.60
C ALA B 13 15.64 31.11 21.12
N ARG B 14 16.36 30.25 21.82
CA ARG B 14 16.23 30.21 23.28
C ARG B 14 16.48 31.57 23.96
N ARG B 15 17.33 32.41 23.36
CA ARG B 15 17.67 33.71 23.93
C ARG B 15 16.70 34.80 23.52
N GLY B 16 15.75 34.47 22.65
CA GLY B 16 14.70 35.40 22.27
C GLY B 16 14.92 35.88 20.85
N LYS B 17 16.18 35.77 20.38
CA LYS B 17 16.52 36.01 18.97
C LYS B 17 17.39 34.85 18.45
N SER B 18 17.58 34.80 17.14
CA SER B 18 18.17 33.65 16.48
C SER B 18 19.26 34.03 15.47
N ILE B 19 20.36 33.28 15.49
CA ILE B 19 21.32 33.33 14.37
C ILE B 19 21.54 31.92 13.91
N ILE B 20 21.26 31.68 12.64
CA ILE B 20 21.44 30.36 12.03
C ILE B 20 22.51 30.54 11.00
N LEU B 21 23.51 29.69 11.06
CA LEU B 21 24.56 29.67 10.06
C LEU B 21 24.16 28.81 8.87
N ALA B 22 23.99 29.48 7.75
CA ALA B 22 23.51 28.83 6.51
C ALA B 22 24.66 28.22 5.74
N TYR B 23 24.49 26.98 5.27
CA TYR B 23 25.59 26.32 4.54
C TYR B 23 25.09 25.33 3.49
N ASP B 24 24.09 25.74 2.74
CA ASP B 24 23.59 25.00 1.57
C ASP B 24 24.19 25.51 0.26
N HIS B 25 25.14 26.44 0.36
CA HIS B 25 25.73 27.15 -0.78
C HIS B 25 26.47 26.23 -1.73
N GLY B 26 27.03 25.13 -1.25
CA GLY B 26 27.76 24.21 -2.10
C GLY B 26 26.93 23.70 -3.28
N ILE B 27 25.64 23.51 -3.07
CA ILE B 27 24.77 23.17 -4.20
C ILE B 27 24.14 24.43 -4.81
N GLU B 28 23.70 25.38 -4.00
CA GLU B 28 22.93 26.50 -4.59
C GLU B 28 23.77 27.40 -5.50
N HIS B 29 25.01 27.66 -5.06
CA HIS B 29 25.96 28.51 -5.76
C HIS B 29 27.20 27.79 -6.24
N GLY B 30 27.55 26.64 -5.65
CA GLY B 30 28.80 25.98 -5.97
C GLY B 30 29.94 26.51 -5.09
N PRO B 31 31.10 25.86 -5.16
CA PRO B 31 32.22 26.18 -4.27
C PRO B 31 33.07 27.42 -4.60
N ALA B 32 32.78 28.18 -5.66
CA ALA B 32 33.49 29.45 -5.89
C ALA B 32 33.37 30.40 -4.65
N ASP B 33 32.19 30.41 -4.02
CA ASP B 33 31.89 31.07 -2.73
C ASP B 33 33.03 30.74 -1.69
N PHE B 34 33.62 29.52 -1.73
CA PHE B 34 34.54 29.05 -0.67
C PHE B 34 36.02 29.48 -0.80
N MET B 35 36.38 30.08 -1.92
CA MET B 35 37.78 30.44 -2.16
C MET B 35 38.29 31.58 -1.26
N ASP B 36 37.45 32.58 -0.97
CA ASP B 36 37.85 33.70 -0.09
C ASP B 36 38.48 33.21 1.22
N ASN B 37 37.84 32.22 1.85
CA ASN B 37 38.24 31.62 3.12
C ASN B 37 38.12 30.09 2.93
N PRO B 38 39.18 29.46 2.44
CA PRO B 38 39.13 28.05 2.00
C PRO B 38 38.66 27.04 3.04
N ASP B 39 38.88 27.30 4.32
CA ASP B 39 38.32 26.48 5.38
C ASP B 39 36.80 26.36 5.28
N SER B 40 36.15 27.34 4.65
CA SER B 40 34.71 27.34 4.48
C SER B 40 34.22 26.18 3.59
N ALA B 41 35.13 25.54 2.82
CA ALA B 41 34.78 24.37 2.03
C ALA B 41 34.61 23.12 2.94
N ASP B 42 35.10 23.22 4.18
CA ASP B 42 35.16 22.11 5.13
C ASP B 42 33.98 22.20 6.11
N PRO B 43 33.00 21.31 6.01
CA PRO B 43 31.83 21.35 6.89
C PRO B 43 32.18 21.25 8.38
N GLU B 44 33.29 20.57 8.70
CA GLU B 44 33.77 20.48 10.08
C GLU B 44 34.11 21.86 10.65
N TYR B 45 34.77 22.69 9.84
CA TYR B 45 35.07 24.07 10.21
C TYR B 45 33.78 24.88 10.46
N ILE B 46 32.77 24.68 9.62
CA ILE B 46 31.49 25.36 9.76
C ILE B 46 30.80 25.02 11.07
N LEU B 47 30.78 23.74 11.42
CA LEU B 47 30.21 23.31 12.70
C LEU B 47 30.96 23.91 13.89
N ARG B 48 32.29 23.92 13.82
CA ARG B 48 33.09 24.47 14.91
C ARG B 48 32.80 25.95 15.03
N LEU B 49 32.65 26.61 13.88
CA LEU B 49 32.42 28.04 13.86
C LEU B 49 31.09 28.35 14.52
N ALA B 50 30.05 27.60 14.19
CA ALA B 50 28.74 27.87 14.75
C ALA B 50 28.76 27.62 16.25
N ARG B 51 29.45 26.56 16.67
CA ARG B 51 29.57 26.26 18.07
C ARG B 51 30.35 27.37 18.80
N ASP B 52 31.54 27.71 18.29
CA ASP B 52 32.41 28.67 18.97
C ASP B 52 31.83 30.07 19.05
N ALA B 53 30.98 30.47 18.10
CA ALA B 53 30.34 31.79 18.12
C ALA B 53 29.08 31.80 18.97
N GLY B 54 28.65 30.61 19.37
CA GLY B 54 27.42 30.43 20.11
C GLY B 54 26.14 30.67 19.30
N PHE B 55 26.13 30.31 18.02
CA PHE B 55 24.93 30.40 17.19
C PHE B 55 23.94 29.26 17.50
N ASP B 56 22.72 29.42 16.99
CA ASP B 56 21.60 28.56 17.34
C ASP B 56 21.43 27.35 16.47
N GLY B 57 21.98 27.36 15.29
CA GLY B 57 21.84 26.22 14.40
C GLY B 57 22.65 26.37 13.14
N VAL B 58 22.63 25.31 12.34
CA VAL B 58 23.24 25.27 11.03
C VAL B 58 22.26 24.70 10.00
N VAL B 59 22.41 25.10 8.75
CA VAL B 59 21.57 24.62 7.67
C VAL B 59 22.43 23.85 6.70
N PHE B 60 22.13 22.57 6.57
CA PHE B 60 22.88 21.66 5.74
C PHE B 60 21.90 20.97 4.80
N GLN B 61 22.42 20.61 3.63
CA GLN B 61 21.82 19.63 2.73
C GLN B 61 22.08 18.23 3.27
N ARG B 62 21.36 17.25 2.75
CA ARG B 62 21.41 15.91 3.32
C ARG B 62 22.78 15.28 3.29
N GLY B 63 23.55 15.52 2.23
CA GLY B 63 24.86 14.89 2.13
C GLY B 63 25.86 15.39 3.14
N ILE B 64 25.88 16.69 3.35
CA ILE B 64 26.72 17.29 4.37
C ILE B 64 26.28 16.76 5.74
N ALA B 65 24.97 16.70 5.99
CA ALA B 65 24.48 16.22 7.28
C ALA B 65 24.89 14.77 7.51
N GLU B 66 24.69 13.92 6.52
CA GLU B 66 25.02 12.50 6.66
C GLU B 66 26.49 12.33 6.97
N LYS B 67 27.34 13.01 6.20
CA LYS B 67 28.78 12.77 6.27
C LYS B 67 29.44 13.50 7.46
N TYR B 68 28.84 14.60 7.92
CA TYR B 68 29.52 15.48 8.89
C TYR B 68 28.80 15.84 10.15
N TYR B 69 27.48 15.75 10.15
CA TYR B 69 26.73 16.29 11.29
C TYR B 69 27.02 15.45 12.52
N ASP B 70 27.33 16.11 13.63
CA ASP B 70 27.75 15.43 14.88
C ASP B 70 26.91 15.78 16.14
N GLY B 71 25.77 16.42 15.96
CA GLY B 71 24.87 16.72 17.07
C GLY B 71 25.26 17.94 17.90
N SER B 72 26.31 18.66 17.50
CA SER B 72 26.91 19.66 18.37
C SER B 72 26.18 21.00 18.35
N VAL B 73 25.39 21.20 17.30
CA VAL B 73 24.57 22.40 17.14
C VAL B 73 23.30 21.95 16.40
N PRO B 74 22.12 22.48 16.74
CA PRO B 74 20.88 22.04 16.09
C PRO B 74 20.89 22.20 14.59
N LEU B 75 20.33 21.22 13.93
CA LEU B 75 20.36 21.13 12.48
C LEU B 75 19.02 21.46 11.85
N ILE B 76 19.04 22.32 10.84
CA ILE B 76 17.94 22.44 9.92
C ILE B 76 18.36 21.75 8.64
N LEU B 77 17.58 20.75 8.21
CA LEU B 77 17.90 20.00 7.02
C LEU B 77 17.20 20.64 5.86
N LYS B 78 17.98 21.24 4.97
CA LYS B 78 17.44 21.86 3.75
C LYS B 78 17.09 20.76 2.75
N LEU B 79 15.80 20.60 2.46
CA LEU B 79 15.34 19.40 1.74
C LEU B 79 15.53 19.43 0.25
N ASN B 80 15.39 20.61 -0.34
CA ASN B 80 15.48 20.75 -1.79
C ASN B 80 16.77 21.47 -2.18
N GLY B 81 17.00 21.67 -3.46
CA GLY B 81 18.23 22.32 -3.89
C GLY B 81 18.32 22.37 -5.40
N LYS B 82 18.82 23.48 -5.93
CA LYS B 82 19.05 23.62 -7.37
C LYS B 82 20.42 24.28 -7.51
N THR B 83 20.90 24.40 -8.73
CA THR B 83 22.19 25.03 -9.00
C THR B 83 22.00 26.33 -9.76
N THR B 84 23.05 27.15 -9.81
CA THR B 84 23.00 28.33 -10.67
C THR B 84 23.37 27.99 -12.09
N LEU B 85 23.77 26.75 -12.35
CA LEU B 85 24.01 26.35 -13.73
C LEU B 85 22.67 26.22 -14.48
N TYR B 86 21.61 25.99 -13.75
CA TYR B 86 20.26 25.80 -14.32
C TYR B 86 19.75 27.12 -14.90
N ASN B 87 19.26 27.10 -16.13
CA ASN B 87 18.73 28.30 -16.78
C ASN B 87 17.18 28.37 -16.87
N GLY B 88 16.48 27.31 -16.59
CA GLY B 88 15.02 27.32 -16.77
C GLY B 88 14.26 28.19 -15.78
N GLU B 89 12.92 28.10 -15.85
CA GLU B 89 12.07 28.69 -14.80
C GLU B 89 12.54 28.15 -13.48
N PRO B 90 12.72 29.01 -12.49
CA PRO B 90 13.29 28.59 -11.21
C PRO B 90 12.50 27.45 -10.61
N VAL B 91 13.21 26.37 -10.29
CA VAL B 91 12.62 25.21 -9.63
C VAL B 91 13.67 24.48 -8.77
N SER B 92 13.23 23.94 -7.65
CA SER B 92 14.08 23.24 -6.68
C SER B 92 13.27 22.15 -6.01
N VAL B 93 13.63 20.91 -6.30
CA VAL B 93 12.86 19.76 -5.85
C VAL B 93 13.55 19.10 -4.68
N ALA B 94 12.77 18.39 -3.86
CA ALA B 94 13.32 17.76 -2.67
C ALA B 94 14.25 16.62 -3.10
N ASN B 95 15.43 16.57 -2.49
CA ASN B 95 16.37 15.48 -2.66
C ASN B 95 16.42 14.58 -1.42
N CYS B 96 15.57 14.90 -0.44
CA CYS B 96 15.52 14.25 0.88
C CYS B 96 14.10 14.36 1.42
N SER B 97 13.63 13.34 2.14
CA SER B 97 12.29 13.34 2.74
C SER B 97 12.41 13.83 4.19
N VAL B 98 11.29 14.24 4.75
CA VAL B 98 11.29 14.60 6.15
C VAL B 98 11.72 13.41 7.02
N GLU B 99 11.24 12.21 6.69
CA GLU B 99 11.58 11.03 7.46
C GLU B 99 13.11 10.81 7.48
N GLU B 100 13.75 11.01 6.34
CA GLU B 100 15.24 10.87 6.31
C GLU B 100 15.92 11.99 7.11
N ALA B 101 15.33 13.17 7.09
CA ALA B 101 15.87 14.29 7.85
C ALA B 101 15.86 13.96 9.31
N VAL B 102 14.78 13.35 9.80
CA VAL B 102 14.69 12.94 11.20
C VAL B 102 15.82 11.97 11.54
N SER B 103 16.07 11.00 10.67
CA SER B 103 17.14 10.01 10.85
C SER B 103 18.53 10.63 10.84
N LEU B 104 18.70 11.75 10.13
CA LEU B 104 20.00 12.42 10.05
C LEU B 104 20.23 13.39 11.23
N GLY B 105 19.26 13.54 12.12
CA GLY B 105 19.43 14.33 13.33
C GLY B 105 18.82 15.71 13.32
N ALA B 106 17.98 15.98 12.34
CA ALA B 106 17.46 17.31 12.16
C ALA B 106 16.48 17.67 13.27
N SER B 107 16.50 18.94 13.66
CA SER B 107 15.49 19.53 14.54
C SER B 107 14.44 20.36 13.83
N ALA B 108 14.69 20.69 12.56
CA ALA B 108 13.71 21.33 11.68
C ALA B 108 14.08 20.99 10.23
N VAL B 109 13.17 21.27 9.30
CA VAL B 109 13.43 21.09 7.87
C VAL B 109 13.21 22.41 7.19
N GLY B 110 13.94 22.62 6.14
CA GLY B 110 13.82 23.80 5.30
C GLY B 110 13.46 23.45 3.87
N TYR B 111 12.67 24.33 3.24
CA TYR B 111 12.23 24.13 1.87
C TYR B 111 12.11 25.48 1.19
N THR B 112 12.80 25.59 0.06
CA THR B 112 12.76 26.79 -0.75
C THR B 112 11.60 26.77 -1.75
N ILE B 113 10.90 27.91 -1.84
CA ILE B 113 9.92 28.14 -2.90
C ILE B 113 10.29 29.41 -3.67
N TYR B 114 9.96 29.40 -4.96
CA TYR B 114 10.10 30.54 -5.86
C TYR B 114 8.73 30.97 -6.40
N PRO B 115 7.94 31.66 -5.59
CA PRO B 115 6.70 32.25 -6.06
C PRO B 115 6.93 33.08 -7.32
N GLY B 116 6.03 32.93 -8.30
CA GLY B 116 6.11 33.61 -9.55
C GLY B 116 6.71 32.78 -10.68
N SER B 117 7.54 31.80 -10.32
CA SER B 117 8.18 30.92 -11.30
C SER B 117 7.12 30.21 -12.12
N GLY B 118 7.48 29.92 -13.36
CA GLY B 118 6.67 29.07 -14.20
C GLY B 118 6.45 27.71 -13.55
N PHE B 119 7.30 27.35 -12.61
CA PHE B 119 7.21 26.08 -11.90
C PHE B 119 6.74 26.32 -10.45
N GLU B 120 6.13 27.45 -10.16
CA GLU B 120 5.68 27.67 -8.79
C GLU B 120 4.77 26.50 -8.32
N TRP B 121 3.92 26.03 -9.21
CA TRP B 121 3.01 24.89 -8.95
C TRP B 121 3.75 23.61 -8.49
N LYS B 122 4.89 23.32 -9.09
CA LYS B 122 5.69 22.13 -8.73
C LYS B 122 6.17 22.20 -7.30
N MET B 123 6.60 23.38 -6.87
CA MET B 123 7.09 23.53 -5.53
C MET B 123 5.97 23.56 -4.52
N PHE B 124 4.84 24.15 -4.90
CA PHE B 124 3.68 24.18 -4.01
C PHE B 124 3.13 22.78 -3.81
N GLU B 125 3.09 21.98 -4.89
CA GLU B 125 2.60 20.61 -4.83
C GLU B 125 3.49 19.79 -3.88
N GLU B 126 4.81 19.94 -4.00
CA GLU B 126 5.73 19.18 -3.16
C GLU B 126 5.72 19.66 -1.72
N LEU B 127 5.62 20.97 -1.53
CA LEU B 127 5.58 21.53 -0.19
C LEU B 127 4.38 20.99 0.59
N ALA B 128 3.28 20.72 -0.10
CA ALA B 128 2.11 20.18 0.55
C ALA B 128 2.46 18.87 1.24
N ARG B 129 3.21 18.03 0.55
CA ARG B 129 3.61 16.72 1.07
C ARG B 129 4.62 16.86 2.21
N ILE B 130 5.59 17.75 2.03
CA ILE B 130 6.59 18.08 3.06
C ILE B 130 5.98 18.68 4.30
N LYS B 131 5.01 19.57 4.14
CA LYS B 131 4.29 20.13 5.27
C LYS B 131 3.55 19.04 6.04
N ARG B 132 2.84 18.18 5.32
CA ARG B 132 2.09 17.10 5.98
C ARG B 132 3.05 16.21 6.77
N ASP B 133 4.22 15.92 6.21
CA ASP B 133 5.22 15.06 6.86
C ASP B 133 5.84 15.79 8.05
N ALA B 134 6.05 17.08 7.94
CA ALA B 134 6.64 17.88 9.05
C ALA B 134 5.75 17.79 10.26
N VAL B 135 4.44 17.87 10.03
CA VAL B 135 3.47 17.78 11.09
C VAL B 135 3.50 16.37 11.67
N LYS B 136 3.54 15.36 10.82
CA LYS B 136 3.59 13.96 11.22
C LYS B 136 4.81 13.63 12.10
N PHE B 137 5.96 14.15 11.74
CA PHE B 137 7.21 13.89 12.43
C PHE B 137 7.55 14.94 13.49
N ASP B 138 6.66 15.91 13.66
CA ASP B 138 6.80 17.00 14.64
C ASP B 138 8.15 17.73 14.49
N LEU B 139 8.48 18.09 13.25
CA LEU B 139 9.67 18.85 12.92
C LEU B 139 9.18 20.17 12.32
N PRO B 140 9.52 21.32 12.91
CA PRO B 140 9.10 22.59 12.32
C PRO B 140 9.58 22.72 10.89
N LEU B 141 8.77 23.42 10.11
CA LEU B 141 9.01 23.64 8.72
C LEU B 141 9.39 25.10 8.54
N VAL B 142 10.60 25.29 8.04
CA VAL B 142 11.08 26.63 7.67
C VAL B 142 10.93 26.82 6.18
N VAL B 143 10.07 27.73 5.77
CA VAL B 143 9.90 28.02 4.33
C VAL B 143 10.84 29.17 3.97
N GLU B 144 11.67 28.94 2.97
CA GLU B 144 12.56 29.94 2.47
C GLU B 144 11.85 30.47 1.25
N SER B 145 11.28 31.64 1.40
CA SER B 145 10.38 32.20 0.40
C SER B 145 11.09 33.28 -0.43
N PHE B 146 11.44 32.90 -1.65
CA PHE B 146 12.22 33.74 -2.57
C PHE B 146 11.53 33.86 -3.92
N PRO B 147 10.58 34.77 -4.05
CA PRO B 147 9.93 35.01 -5.35
C PRO B 147 10.99 35.24 -6.42
N ARG B 148 10.83 34.56 -7.55
CA ARG B 148 11.79 34.53 -8.61
C ARG B 148 11.11 33.97 -9.86
N GLY B 149 11.40 34.57 -11.01
CA GLY B 149 10.74 34.22 -12.27
C GLY B 149 9.42 34.97 -12.39
N GLY B 150 8.68 34.68 -13.47
CA GLY B 150 7.45 35.41 -13.76
C GLY B 150 7.61 36.91 -13.75
N LYS B 151 6.83 37.61 -12.94
CA LYS B 151 6.80 39.07 -12.95
C LYS B 151 7.83 39.70 -12.02
N VAL B 152 8.58 38.88 -11.30
CA VAL B 152 9.52 39.36 -10.29
C VAL B 152 10.76 39.93 -11.02
N VAL B 153 11.14 41.15 -10.70
CA VAL B 153 12.35 41.75 -11.24
C VAL B 153 13.34 41.97 -10.11
N ASN B 154 13.03 42.88 -9.21
CA ASN B 154 13.90 43.10 -8.05
C ASN B 154 13.38 42.31 -6.84
N GLU B 155 14.18 41.37 -6.40
CA GLU B 155 13.75 40.48 -5.34
C GLU B 155 13.68 41.18 -3.99
N THR B 156 14.39 42.30 -3.83
CA THR B 156 14.41 43.01 -2.54
C THR B 156 13.40 44.12 -2.52
N ALA B 157 12.63 44.28 -3.59
CA ALA B 157 11.58 45.31 -3.60
C ALA B 157 10.61 45.08 -2.44
N PRO B 158 10.21 46.16 -1.77
CA PRO B 158 9.35 46.06 -0.59
C PRO B 158 8.12 45.17 -0.77
N GLU B 159 7.45 45.30 -1.90
CA GLU B 159 6.23 44.55 -2.13
C GLU B 159 6.52 43.08 -2.42
N ILE B 160 7.68 42.78 -2.98
CA ILE B 160 8.04 41.41 -3.28
C ILE B 160 8.39 40.68 -1.96
N VAL B 161 9.17 41.33 -1.11
CA VAL B 161 9.53 40.73 0.18
C VAL B 161 8.28 40.55 1.05
N ALA B 162 7.35 41.50 1.03
CA ALA B 162 6.11 41.31 1.79
C ALA B 162 5.25 40.14 1.26
N TYR B 163 5.15 40.05 -0.07
CA TYR B 163 4.48 38.94 -0.70
C TYR B 163 5.15 37.63 -0.30
N ALA B 164 6.48 37.59 -0.31
CA ALA B 164 7.18 36.36 0.09
C ALA B 164 6.82 35.90 1.48
N ALA B 165 6.79 36.84 2.41
CA ALA B 165 6.43 36.56 3.79
C ALA B 165 5.00 36.07 3.96
N ARG B 166 4.06 36.75 3.32
CA ARG B 166 2.70 36.31 3.37
C ARG B 166 2.50 34.90 2.80
N ILE B 167 3.12 34.61 1.68
CA ILE B 167 2.94 33.30 1.04
C ILE B 167 3.40 32.22 2.01
N ALA B 168 4.54 32.45 2.66
CA ALA B 168 5.06 31.47 3.59
C ALA B 168 4.09 31.17 4.74
N LEU B 169 3.51 32.22 5.33
CA LEU B 169 2.48 32.06 6.33
C LEU B 169 1.29 31.26 5.78
N GLU B 170 0.82 31.63 4.58
CA GLU B 170 -0.39 31.05 4.01
C GLU B 170 -0.22 29.55 3.71
N LEU B 171 0.99 29.14 3.34
CA LEU B 171 1.27 27.75 2.98
C LEU B 171 1.62 26.83 4.15
N GLY B 172 1.78 27.41 5.35
CA GLY B 172 1.96 26.60 6.56
C GLY B 172 3.34 26.64 7.20
N ALA B 173 4.19 27.58 6.81
CA ALA B 173 5.48 27.77 7.44
C ALA B 173 5.31 27.92 8.97
N ASP B 174 6.20 27.28 9.70
CA ASP B 174 6.36 27.47 11.14
C ASP B 174 7.36 28.59 11.48
N ALA B 175 8.27 28.81 10.56
CA ALA B 175 9.24 29.92 10.55
C ALA B 175 9.55 30.15 9.10
N MET B 176 10.08 31.30 8.77
CA MET B 176 10.43 31.61 7.39
C MET B 176 11.70 32.37 7.25
N LYS B 177 12.28 32.25 6.08
CA LYS B 177 13.45 33.02 5.68
C LYS B 177 13.14 33.80 4.41
N ILE B 178 13.43 35.09 4.46
CA ILE B 178 13.19 36.02 3.37
C ILE B 178 14.35 36.99 3.21
N LYS B 179 14.37 37.64 2.06
CA LYS B 179 15.37 38.66 1.76
C LYS B 179 15.04 39.98 2.44
N TYR B 180 16.09 40.73 2.76
CA TYR B 180 15.95 42.03 3.40
C TYR B 180 15.68 43.06 2.32
N THR B 181 14.76 43.99 2.61
CA THR B 181 14.44 45.07 1.70
C THR B 181 15.47 46.22 1.70
N GLY B 182 16.33 46.27 2.70
CA GLY B 182 17.34 47.31 2.80
C GLY B 182 16.92 48.41 3.75
N ASP B 183 15.74 48.33 4.32
CA ASP B 183 15.38 49.32 5.35
C ASP B 183 14.33 48.81 6.29
N PRO B 184 14.43 49.19 7.56
CA PRO B 184 13.51 48.67 8.58
C PRO B 184 12.04 49.02 8.38
N LYS B 185 11.71 50.17 7.82
CA LYS B 185 10.30 50.50 7.64
C LYS B 185 9.60 49.48 6.73
N THR B 186 10.13 49.26 5.54
CA THR B 186 9.49 48.36 4.61
C THR B 186 9.63 46.91 5.06
N PHE B 187 10.75 46.57 5.69
CA PHE B 187 10.91 45.22 6.24
C PHE B 187 9.90 44.94 7.34
N SER B 188 9.51 45.95 8.11
CA SER B 188 8.55 45.75 9.22
C SER B 188 7.15 45.38 8.70
N TRP B 189 6.82 45.82 7.50
CA TRP B 189 5.53 45.44 6.90
C TRP B 189 5.59 43.94 6.57
N ALA B 190 6.72 43.48 6.02
CA ALA B 190 6.88 42.08 5.73
C ALA B 190 6.71 41.28 7.01
N VAL B 191 7.37 41.75 8.06
CA VAL B 191 7.27 41.10 9.37
C VAL B 191 5.81 41.09 9.85
N LYS B 192 5.10 42.19 9.65
CA LYS B 192 3.70 42.29 10.09
C LYS B 192 2.79 41.29 9.38
N VAL B 193 2.88 41.21 8.05
CA VAL B 193 2.03 40.30 7.30
C VAL B 193 2.37 38.83 7.52
N ALA B 194 3.57 38.53 8.03
CA ALA B 194 3.93 37.18 8.46
C ALA B 194 3.19 36.75 9.73
N GLY B 195 2.64 37.71 10.47
CA GLY B 195 1.81 37.42 11.61
C GLY B 195 2.54 36.65 12.71
N LYS B 196 1.96 35.52 13.12
CA LYS B 196 2.51 34.71 14.21
C LYS B 196 3.75 33.93 13.76
N VAL B 197 4.14 33.98 12.50
CA VAL B 197 5.27 33.16 12.07
C VAL B 197 6.55 34.01 12.09
N PRO B 198 7.54 33.56 12.82
CA PRO B 198 8.81 34.31 12.89
C PRO B 198 9.61 34.40 11.57
N VAL B 199 10.31 35.51 11.42
CA VAL B 199 11.02 35.85 10.20
C VAL B 199 12.52 35.91 10.49
N LEU B 200 13.26 35.17 9.68
CA LEU B 200 14.71 35.24 9.60
C LEU B 200 15.11 35.94 8.30
N MET B 201 16.01 36.91 8.42
CA MET B 201 16.59 37.60 7.30
C MET B 201 17.68 36.73 6.66
N SER B 202 17.57 36.50 5.36
CA SER B 202 18.67 35.91 4.60
C SER B 202 19.84 36.92 4.50
N GLY B 203 21.06 36.47 4.81
CA GLY B 203 22.21 37.37 4.87
C GLY B 203 22.61 38.10 3.59
N GLY B 204 22.65 37.36 2.47
CA GLY B 204 23.04 37.93 1.20
C GLY B 204 24.53 37.91 0.90
N PRO B 205 24.89 38.38 -0.30
CA PRO B 205 26.30 38.48 -0.70
C PRO B 205 27.08 39.22 0.37
N LYS B 206 28.37 38.89 0.49
CA LYS B 206 29.24 39.55 1.44
C LYS B 206 29.26 41.06 1.21
N THR B 207 29.07 41.83 2.28
CA THR B 207 28.99 43.28 2.15
C THR B 207 30.39 43.85 2.00
N LYS B 208 30.45 45.12 1.58
CA LYS B 208 31.70 45.81 1.35
C LYS B 208 32.52 45.95 2.63
N THR B 209 31.84 46.28 3.73
CA THR B 209 32.47 46.32 5.04
C THR B 209 31.65 45.52 6.05
N GLU B 210 32.29 45.18 7.17
CA GLU B 210 31.59 44.51 8.26
C GLU B 210 30.51 45.43 8.83
N GLU B 211 30.80 46.72 8.97
CA GLU B 211 29.83 47.69 9.48
C GLU B 211 28.55 47.70 8.64
N ASP B 212 28.68 47.59 7.31
CA ASP B 212 27.50 47.59 6.45
C ASP B 212 26.58 46.43 6.85
N PHE B 213 27.14 45.24 7.07
CA PHE B 213 26.29 44.09 7.43
C PHE B 213 25.65 44.29 8.81
N LEU B 214 26.45 44.74 9.77
CA LEU B 214 25.98 45.01 11.13
C LEU B 214 24.80 45.98 11.09
N LYS B 215 24.87 47.00 10.24
CA LYS B 215 23.78 47.97 10.13
C LYS B 215 22.51 47.35 9.54
N GLN B 216 22.64 46.47 8.55
CA GLN B 216 21.50 45.71 8.06
C GLN B 216 20.88 44.88 9.16
N VAL B 217 21.71 44.16 9.92
CA VAL B 217 21.20 43.32 11.02
C VAL B 217 20.46 44.15 12.07
N GLU B 218 20.97 45.32 12.36
CA GLU B 218 20.32 46.24 13.29
C GLU B 218 18.92 46.60 12.75
N GLY B 219 18.79 46.81 11.43
CA GLY B 219 17.52 47.15 10.83
C GLY B 219 16.51 46.01 10.85
N VAL B 220 17.03 44.80 10.61
CA VAL B 220 16.25 43.58 10.67
C VAL B 220 15.66 43.42 12.07
N LEU B 221 16.47 43.65 13.10
CA LEU B 221 15.99 43.49 14.47
C LEU B 221 15.01 44.61 14.84
N GLU B 222 15.26 45.84 14.40
CA GLU B 222 14.30 46.93 14.66
C GLU B 222 12.96 46.74 13.95
N ALA B 223 12.97 46.03 12.83
CA ALA B 223 11.75 45.72 12.08
C ALA B 223 10.92 44.64 12.77
N GLY B 224 11.48 44.02 13.80
CA GLY B 224 10.80 42.99 14.57
C GLY B 224 11.04 41.57 14.10
N ALA B 225 12.09 41.33 13.28
CA ALA B 225 12.38 39.96 12.84
C ALA B 225 12.97 39.17 13.99
N LEU B 226 12.94 37.85 13.89
CA LEU B 226 13.50 36.98 14.93
C LEU B 226 15.03 36.98 14.93
N GLY B 227 15.63 37.20 13.76
CA GLY B 227 17.07 37.15 13.60
C GLY B 227 17.50 36.88 12.17
N ILE B 228 18.62 36.19 12.02
CA ILE B 228 19.26 36.06 10.71
C ILE B 228 19.67 34.63 10.39
N ALA B 229 19.65 34.32 9.10
CA ALA B 229 20.14 33.07 8.56
C ALA B 229 21.27 33.50 7.65
N VAL B 230 22.50 33.42 8.17
CA VAL B 230 23.65 34.05 7.54
C VAL B 230 24.67 33.03 7.13
N GLY B 231 25.22 33.18 5.93
CA GLY B 231 26.24 32.29 5.43
C GLY B 231 27.48 33.09 5.07
N ARG B 232 27.46 33.66 3.88
CA ARG B 232 28.62 34.34 3.31
C ARG B 232 29.18 35.47 4.19
N ASN B 233 28.30 36.26 4.77
CA ASN B 233 28.78 37.38 5.61
C ASN B 233 29.44 36.91 6.90
N VAL B 234 29.37 35.62 7.22
CA VAL B 234 30.25 35.04 8.24
C VAL B 234 31.41 34.27 7.59
N TRP B 235 31.13 33.14 6.92
CA TRP B 235 32.23 32.23 6.55
C TRP B 235 33.03 32.59 5.30
N GLN B 236 32.62 33.64 4.58
CA GLN B 236 33.46 34.15 3.50
C GLN B 236 34.58 35.09 4.01
N ARG B 237 34.63 35.33 5.32
CA ARG B 237 35.60 36.25 5.89
C ARG B 237 36.77 35.51 6.56
N ARG B 238 37.97 36.04 6.43
CA ARG B 238 39.14 35.43 7.07
C ARG B 238 39.08 35.59 8.59
N ASP B 239 38.31 36.58 9.04
CA ASP B 239 38.04 36.74 10.46
C ASP B 239 36.63 36.26 10.83
N ALA B 240 36.21 35.15 10.23
CA ALA B 240 34.86 34.60 10.41
C ALA B 240 34.47 34.54 11.88
N LEU B 241 35.34 33.98 12.74
CA LEU B 241 34.95 33.76 14.14
C LEU B 241 34.81 35.06 14.90
N LYS B 242 35.77 35.98 14.69
CA LYS B 242 35.75 37.29 15.30
C LYS B 242 34.45 38.00 14.95
N PHE B 243 34.13 38.02 13.66
CA PHE B 243 32.95 38.72 13.18
C PHE B 243 31.68 38.01 13.68
N ALA B 244 31.70 36.68 13.67
CA ALA B 244 30.60 35.89 14.22
C ALA B 244 30.31 36.27 15.67
N ARG B 245 31.35 36.43 16.47
CA ARG B 245 31.16 36.82 17.86
C ARG B 245 30.59 38.24 17.99
N ALA B 246 30.98 39.17 17.10
CA ALA B 246 30.38 40.49 17.02
C ALA B 246 28.90 40.46 16.63
N LEU B 247 28.54 39.57 15.72
CA LEU B 247 27.16 39.36 15.35
C LEU B 247 26.37 38.81 16.54
N ALA B 248 26.96 37.87 17.25
CA ALA B 248 26.32 37.31 18.45
C ALA B 248 26.07 38.40 19.49
N GLU B 249 27.07 39.27 19.72
CA GLU B 249 26.89 40.36 20.68
C GLU B 249 25.71 41.27 20.30
N LEU B 250 25.57 41.57 19.00
CA LEU B 250 24.53 42.48 18.54
C LEU B 250 23.17 41.84 18.67
N VAL B 251 23.04 40.66 18.09
CA VAL B 251 21.75 39.96 18.05
C VAL B 251 21.28 39.54 19.46
N TYR B 252 22.15 38.87 20.22
CA TYR B 252 21.79 38.40 21.55
C TYR B 252 22.00 39.56 22.56
N ASN C 3 28.25 3.24 7.31
CA ASN C 3 29.16 4.14 6.55
C ASN C 3 29.48 3.50 5.21
N LEU C 4 28.74 3.94 4.19
CA LEU C 4 28.82 3.33 2.88
C LEU C 4 30.05 3.78 2.06
N THR C 5 30.64 4.91 2.39
CA THR C 5 31.92 5.28 1.81
C THR C 5 32.98 4.27 2.22
N GLU C 6 33.02 3.92 3.48
CA GLU C 6 34.01 2.97 3.95
C GLU C 6 33.78 1.63 3.27
N LYS C 7 32.52 1.22 3.07
CA LYS C 7 32.19 -0.03 2.40
C LYS C 7 32.68 0.01 0.96
N PHE C 8 32.43 1.13 0.30
CA PHE C 8 32.92 1.36 -1.07
C PHE C 8 34.43 1.15 -1.13
N LEU C 9 35.17 1.81 -0.24
CA LEU C 9 36.64 1.73 -0.23
C LEU C 9 37.15 0.30 0.04
N ARG C 10 36.53 -0.36 1.01
CA ARG C 10 36.88 -1.76 1.32
C ARG C 10 36.77 -2.65 0.09
N ILE C 11 35.72 -2.44 -0.70
CA ILE C 11 35.43 -3.33 -1.84
C ILE C 11 36.19 -2.91 -3.10
N PHE C 12 36.15 -1.60 -3.40
CA PHE C 12 36.70 -1.04 -4.65
C PHE C 12 38.05 -0.36 -4.54
N ALA C 13 38.58 -0.24 -3.34
CA ALA C 13 39.89 0.40 -3.11
C ALA C 13 40.71 -0.27 -2.01
N ARG C 14 40.75 -1.61 -2.02
CA ARG C 14 41.45 -2.34 -0.97
C ARG C 14 42.97 -2.04 -0.92
N ARG C 15 43.53 -1.58 -2.04
CA ARG C 15 44.96 -1.22 -2.11
C ARG C 15 45.20 0.28 -1.86
N GLY C 16 44.13 1.01 -1.56
CA GLY C 16 44.20 2.44 -1.27
C GLY C 16 43.86 3.33 -2.45
N LYS C 17 43.93 2.80 -3.67
CA LYS C 17 43.51 3.50 -4.89
C LYS C 17 42.62 2.57 -5.71
N SER C 18 41.95 3.10 -6.73
CA SER C 18 40.94 2.32 -7.45
C SER C 18 41.09 2.47 -8.95
N ILE C 19 40.89 1.35 -9.67
CA ILE C 19 40.61 1.40 -11.10
C ILE C 19 39.32 0.62 -11.36
N ILE C 20 38.32 1.32 -11.88
CA ILE C 20 37.08 0.71 -12.32
C ILE C 20 37.02 0.71 -13.84
N LEU C 21 36.76 -0.45 -14.41
CA LEU C 21 36.55 -0.60 -15.86
C LEU C 21 35.09 -0.30 -16.22
N ALA C 22 34.88 0.83 -16.89
CA ALA C 22 33.57 1.36 -17.25
C ALA C 22 33.08 0.76 -18.57
N TYR C 23 31.86 0.29 -18.59
CA TYR C 23 31.32 -0.43 -19.76
C TYR C 23 29.82 -0.16 -19.90
N ASP C 24 29.42 1.08 -19.63
CA ASP C 24 28.03 1.51 -19.93
C ASP C 24 27.89 2.13 -21.31
N HIS C 25 28.94 2.03 -22.13
CA HIS C 25 29.03 2.76 -23.37
C HIS C 25 28.02 2.26 -24.40
N GLY C 26 27.63 1.02 -24.29
CA GLY C 26 26.72 0.44 -25.25
C GLY C 26 25.43 1.23 -25.35
N ILE C 27 24.91 1.71 -24.24
CA ILE C 27 23.77 2.63 -24.31
C ILE C 27 24.17 4.12 -24.50
N GLU C 28 25.15 4.60 -23.72
CA GLU C 28 25.52 6.02 -23.72
C GLU C 28 26.00 6.50 -25.08
N HIS C 29 26.84 5.71 -25.75
CA HIS C 29 27.49 6.08 -27.01
C HIS C 29 27.12 5.19 -28.17
N GLY C 30 26.72 3.96 -27.88
CA GLY C 30 26.42 3.01 -28.90
C GLY C 30 27.68 2.23 -29.23
N PRO C 31 27.49 1.21 -30.04
CA PRO C 31 28.55 0.25 -30.32
C PRO C 31 29.57 0.70 -31.36
N ALA C 32 29.43 1.90 -31.94
CA ALA C 32 30.53 2.50 -32.71
C ALA C 32 31.84 2.54 -31.89
N ASP C 33 31.73 2.85 -30.60
CA ASP C 33 32.84 2.73 -29.63
C ASP C 33 33.61 1.38 -29.73
N PHE C 34 32.97 0.30 -30.21
CA PHE C 34 33.52 -1.07 -30.19
C PHE C 34 34.22 -1.52 -31.47
N MET C 35 34.14 -0.73 -32.54
CA MET C 35 34.70 -1.16 -33.84
C MET C 35 36.23 -1.16 -33.87
N ASP C 36 36.87 -0.21 -33.17
CA ASP C 36 38.34 -0.22 -33.02
C ASP C 36 38.86 -1.61 -32.62
N ASN C 37 38.24 -2.17 -31.58
CA ASN C 37 38.63 -3.43 -30.94
C ASN C 37 37.36 -4.29 -30.78
N PRO C 38 36.93 -4.99 -31.83
CA PRO C 38 35.60 -5.64 -31.83
C PRO C 38 35.34 -6.64 -30.69
N ASP C 39 36.38 -7.25 -30.10
CA ASP C 39 36.18 -8.02 -28.86
C ASP C 39 35.57 -7.18 -27.73
N SER C 40 35.78 -5.86 -27.74
CA SER C 40 35.17 -4.98 -26.73
C SER C 40 33.65 -4.98 -26.70
N ALA C 41 33.00 -5.46 -27.76
CA ALA C 41 31.54 -5.64 -27.80
C ALA C 41 31.04 -6.85 -26.98
N ASP C 42 31.96 -7.72 -26.64
CA ASP C 42 31.70 -8.92 -25.85
C ASP C 42 31.95 -8.62 -24.35
N PRO C 43 30.89 -8.60 -23.55
CA PRO C 43 31.07 -8.39 -22.11
C PRO C 43 31.93 -9.45 -21.41
N GLU C 44 31.99 -10.67 -21.93
CA GLU C 44 32.85 -11.71 -21.37
C GLU C 44 34.31 -11.31 -21.48
N TYR C 45 34.66 -10.71 -22.60
CA TYR C 45 36.00 -10.15 -22.80
C TYR C 45 36.33 -9.07 -21.79
N ILE C 46 35.36 -8.21 -21.54
CA ILE C 46 35.53 -7.09 -20.62
C ILE C 46 35.81 -7.57 -19.21
N LEU C 47 35.07 -8.59 -18.78
CA LEU C 47 35.26 -9.18 -17.47
C LEU C 47 36.63 -9.80 -17.35
N ARG C 48 37.03 -10.53 -18.39
CA ARG C 48 38.36 -11.14 -18.48
C ARG C 48 39.44 -10.06 -18.33
N LEU C 49 39.29 -8.97 -19.08
CA LEU C 49 40.23 -7.83 -19.03
C LEU C 49 40.37 -7.30 -17.62
N ALA C 50 39.25 -7.10 -16.93
CA ALA C 50 39.25 -6.50 -15.58
C ALA C 50 39.99 -7.43 -14.62
N ARG C 51 39.70 -8.72 -14.74
CA ARG C 51 40.35 -9.76 -13.94
C ARG C 51 41.87 -9.84 -14.17
N ASP C 52 42.26 -9.94 -15.46
CA ASP C 52 43.67 -10.11 -15.86
C ASP C 52 44.52 -8.86 -15.59
N ALA C 53 43.89 -7.68 -15.56
CA ALA C 53 44.61 -6.43 -15.24
C ALA C 53 44.55 -6.14 -13.74
N GLY C 54 43.78 -6.96 -13.03
CA GLY C 54 43.66 -6.82 -11.58
C GLY C 54 42.94 -5.55 -11.15
N PHE C 55 41.98 -5.11 -11.95
CA PHE C 55 41.17 -3.94 -11.58
C PHE C 55 40.19 -4.25 -10.45
N ASP C 56 39.59 -3.21 -9.90
CA ASP C 56 38.72 -3.33 -8.72
C ASP C 56 37.24 -3.53 -9.02
N GLY C 57 36.78 -3.03 -10.16
CA GLY C 57 35.42 -3.27 -10.54
C GLY C 57 35.16 -3.10 -12.00
N VAL C 58 33.91 -3.39 -12.33
CA VAL C 58 33.30 -3.06 -13.59
C VAL C 58 31.99 -2.31 -13.37
N VAL C 59 31.63 -1.48 -14.34
CA VAL C 59 30.34 -0.77 -14.37
C VAL C 59 29.54 -1.31 -15.54
N PHE C 60 28.40 -1.94 -15.25
CA PHE C 60 27.49 -2.45 -16.26
C PHE C 60 26.08 -1.85 -16.06
N GLN C 61 25.35 -1.74 -17.17
CA GLN C 61 23.92 -1.52 -17.18
C GLN C 61 23.27 -2.83 -16.82
N ARG C 62 22.00 -2.78 -16.43
CA ARG C 62 21.31 -3.97 -15.98
C ARG C 62 21.29 -5.15 -16.96
N GLY C 63 21.15 -4.88 -18.24
CA GLY C 63 21.01 -5.95 -19.22
C GLY C 63 22.29 -6.74 -19.33
N ILE C 64 23.42 -6.04 -19.29
CA ILE C 64 24.73 -6.70 -19.33
C ILE C 64 24.98 -7.48 -18.03
N ALA C 65 24.68 -6.88 -16.89
CA ALA C 65 24.80 -7.56 -15.62
C ALA C 65 23.94 -8.83 -15.61
N GLU C 66 22.69 -8.73 -16.03
CA GLU C 66 21.80 -9.91 -16.01
C GLU C 66 22.35 -11.03 -16.87
N LYS C 67 22.72 -10.71 -18.09
CA LYS C 67 23.09 -11.73 -19.11
C LYS C 67 24.50 -12.25 -18.96
N TYR C 68 25.39 -11.46 -18.35
CA TYR C 68 26.83 -11.74 -18.37
C TYR C 68 27.54 -11.72 -17.03
N TYR C 69 27.01 -11.06 -16.02
CA TYR C 69 27.82 -10.87 -14.79
C TYR C 69 28.01 -12.21 -14.12
N ASP C 70 29.25 -12.51 -13.73
CA ASP C 70 29.59 -13.85 -13.24
C ASP C 70 30.18 -13.85 -11.83
N GLY C 71 30.15 -12.68 -11.17
CA GLY C 71 30.64 -12.52 -9.80
C GLY C 71 32.14 -12.44 -9.66
N SER C 72 32.86 -12.35 -10.78
CA SER C 72 34.32 -12.53 -10.79
C SER C 72 35.12 -11.26 -10.41
N VAL C 73 34.50 -10.11 -10.59
CA VAL C 73 35.02 -8.78 -10.27
C VAL C 73 33.84 -7.98 -9.68
N PRO C 74 34.03 -7.17 -8.65
CA PRO C 74 32.91 -6.40 -8.06
C PRO C 74 32.20 -5.50 -9.06
N LEU C 75 30.88 -5.42 -8.92
CA LEU C 75 30.01 -4.78 -9.89
C LEU C 75 29.42 -3.51 -9.33
N ILE C 76 29.51 -2.44 -10.15
CA ILE C 76 28.72 -1.24 -9.98
C ILE C 76 27.64 -1.28 -11.05
N LEU C 77 26.39 -1.26 -10.60
CA LEU C 77 25.24 -1.32 -11.49
C LEU C 77 24.84 0.09 -11.83
N LYS C 78 25.03 0.46 -13.09
CA LYS C 78 24.72 1.81 -13.52
C LYS C 78 23.23 1.85 -13.80
N LEU C 79 22.49 2.61 -12.97
CA LEU C 79 21.05 2.50 -12.93
C LEU C 79 20.34 3.25 -14.02
N ASN C 80 20.87 4.40 -14.43
CA ASN C 80 20.23 5.18 -15.47
C ASN C 80 20.97 5.06 -16.81
N GLY C 81 20.54 5.77 -17.81
CA GLY C 81 21.19 5.73 -19.12
C GLY C 81 20.40 6.49 -20.16
N LYS C 82 21.13 7.16 -21.05
CA LYS C 82 20.58 7.90 -22.18
C LYS C 82 21.44 7.61 -23.39
N THR C 83 21.00 8.04 -24.57
CA THR C 83 21.77 7.81 -25.81
C THR C 83 22.28 9.14 -26.31
N THR C 84 23.30 9.10 -27.19
CA THR C 84 23.77 10.29 -27.89
C THR C 84 22.88 10.69 -29.07
N LEU C 85 21.91 9.86 -29.44
CA LEU C 85 20.93 10.16 -30.48
C LEU C 85 19.96 11.25 -30.03
N TYR C 86 19.83 11.37 -28.72
CA TYR C 86 18.89 12.28 -28.09
C TYR C 86 19.41 13.70 -28.26
N ASN C 87 18.51 14.61 -28.63
CA ASN C 87 18.79 16.05 -28.74
C ASN C 87 18.27 17.03 -27.65
N GLY C 88 17.37 16.65 -26.78
CA GLY C 88 16.92 17.64 -25.78
C GLY C 88 17.89 18.14 -24.71
N GLU C 89 17.35 18.81 -23.67
CA GLU C 89 18.15 19.06 -22.49
C GLU C 89 18.48 17.69 -21.89
N PRO C 90 19.74 17.52 -21.50
CA PRO C 90 20.25 16.22 -21.06
C PRO C 90 19.48 15.64 -19.88
N VAL C 91 19.11 14.37 -20.01
CA VAL C 91 18.41 13.68 -18.94
C VAL C 91 18.60 12.21 -19.10
N SER C 92 18.75 11.54 -17.98
CA SER C 92 19.02 10.13 -17.94
C SER C 92 18.24 9.58 -16.75
N VAL C 93 17.23 8.77 -17.04
CA VAL C 93 16.36 8.21 -16.01
C VAL C 93 16.73 6.76 -15.72
N ALA C 94 16.41 6.31 -14.51
CA ALA C 94 16.72 4.93 -14.11
C ALA C 94 15.93 3.93 -14.94
N ASN C 95 16.59 2.88 -15.38
CA ASN C 95 15.98 1.76 -16.05
C ASN C 95 16.00 0.52 -15.17
N CYS C 96 16.47 0.70 -13.94
CA CYS C 96 16.70 -0.34 -12.95
C CYS C 96 16.56 0.26 -11.53
N SER C 97 16.08 -0.53 -10.57
CA SER C 97 15.93 -0.13 -9.16
C SER C 97 17.14 -0.63 -8.39
N VAL C 98 17.35 -0.08 -7.21
CA VAL C 98 18.40 -0.56 -6.32
C VAL C 98 18.13 -2.00 -5.92
N GLU C 99 16.88 -2.33 -5.64
CA GLU C 99 16.50 -3.69 -5.29
C GLU C 99 16.90 -4.70 -6.37
N GLU C 100 16.63 -4.36 -7.62
CA GLU C 100 17.00 -5.24 -8.74
C GLU C 100 18.54 -5.34 -8.83
N ALA C 101 19.23 -4.23 -8.64
CA ALA C 101 20.71 -4.23 -8.69
C ALA C 101 21.29 -5.19 -7.65
N VAL C 102 20.69 -5.20 -6.46
CA VAL C 102 21.11 -6.14 -5.44
C VAL C 102 20.93 -7.58 -5.94
N SER C 103 19.78 -7.87 -6.53
CA SER C 103 19.51 -9.20 -7.07
C SER C 103 20.44 -9.58 -8.21
N LEU C 104 20.93 -8.59 -8.94
CA LEU C 104 21.89 -8.83 -10.03
C LEU C 104 23.34 -9.01 -9.58
N GLY C 105 23.62 -8.86 -8.28
CA GLY C 105 24.94 -9.08 -7.70
C GLY C 105 25.80 -7.83 -7.53
N ALA C 106 25.21 -6.66 -7.61
CA ALA C 106 25.92 -5.40 -7.47
C ALA C 106 26.50 -5.21 -6.07
N SER C 107 27.71 -4.65 -6.01
CA SER C 107 28.28 -4.13 -4.76
C SER C 107 28.09 -2.64 -4.55
N ALA C 108 27.72 -1.93 -5.61
CA ALA C 108 27.39 -0.52 -5.50
C ALA C 108 26.49 -0.19 -6.65
N VAL C 109 25.84 0.97 -6.57
CA VAL C 109 25.06 1.46 -7.71
C VAL C 109 25.58 2.81 -8.20
N GLY C 110 25.40 3.08 -9.50
CA GLY C 110 25.78 4.35 -10.08
C GLY C 110 24.61 5.09 -10.69
N TYR C 111 24.66 6.41 -10.62
CA TYR C 111 23.60 7.26 -11.12
C TYR C 111 24.23 8.56 -11.62
N THR C 112 23.93 8.87 -12.87
CA THR C 112 24.42 10.05 -13.53
C THR C 112 23.46 11.21 -13.34
N ILE C 113 24.00 12.37 -12.99
CA ILE C 113 23.22 13.59 -12.97
C ILE C 113 23.89 14.57 -13.93
N TYR C 114 23.06 15.43 -14.54
CA TYR C 114 23.54 16.55 -15.34
C TYR C 114 23.08 17.89 -14.74
N PRO C 115 23.79 18.37 -13.71
CA PRO C 115 23.53 19.69 -13.14
C PRO C 115 23.50 20.75 -14.24
N GLY C 116 22.53 21.67 -14.17
CA GLY C 116 22.42 22.67 -15.21
C GLY C 116 21.38 22.37 -16.29
N SER C 117 21.13 21.10 -16.57
CA SER C 117 20.12 20.72 -17.54
C SER C 117 18.77 21.35 -17.17
N GLY C 118 17.98 21.63 -18.19
CA GLY C 118 16.57 21.93 -18.00
C GLY C 118 15.83 20.85 -17.20
N PHE C 119 16.35 19.63 -17.22
CA PHE C 119 15.84 18.48 -16.49
C PHE C 119 16.61 18.14 -15.20
N GLU C 120 17.44 19.06 -14.72
CA GLU C 120 18.14 18.94 -13.44
C GLU C 120 17.18 18.43 -12.34
N TRP C 121 16.03 19.05 -12.21
CA TRP C 121 15.02 18.69 -11.20
C TRP C 121 14.57 17.23 -11.31
N LYS C 122 14.39 16.74 -12.55
CA LYS C 122 13.95 15.38 -12.77
C LYS C 122 14.95 14.36 -12.25
N MET C 123 16.24 14.58 -12.54
CA MET C 123 17.28 13.74 -12.01
C MET C 123 17.48 13.89 -10.52
N PHE C 124 17.35 15.09 -9.99
CA PHE C 124 17.49 15.28 -8.54
C PHE C 124 16.37 14.54 -7.79
N GLU C 125 15.15 14.63 -8.32
CA GLU C 125 13.98 13.94 -7.73
C GLU C 125 14.22 12.45 -7.67
N GLU C 126 14.72 11.91 -8.77
CA GLU C 126 14.90 10.50 -8.88
C GLU C 126 16.05 10.02 -8.05
N LEU C 127 17.16 10.75 -8.07
CA LEU C 127 18.29 10.44 -7.24
C LEU C 127 17.89 10.35 -5.78
N ALA C 128 16.99 11.20 -5.31
CA ALA C 128 16.54 11.16 -3.91
C ALA C 128 15.98 9.78 -3.53
N ARG C 129 15.21 9.19 -4.47
CA ARG C 129 14.62 7.88 -4.26
C ARG C 129 15.69 6.80 -4.29
N ILE C 130 16.61 6.90 -5.25
CA ILE C 130 17.72 5.99 -5.36
C ILE C 130 18.62 6.04 -4.12
N LYS C 131 18.95 7.24 -3.63
CA LYS C 131 19.73 7.39 -2.41
C LYS C 131 19.06 6.72 -1.22
N ARG C 132 17.77 6.98 -1.05
CA ARG C 132 17.01 6.34 0.04
C ARG C 132 17.09 4.82 -0.06
N ASP C 133 16.96 4.27 -1.27
CA ASP C 133 17.06 2.82 -1.46
C ASP C 133 18.49 2.30 -1.23
N ALA C 134 19.49 3.06 -1.66
CA ALA C 134 20.89 2.68 -1.47
C ALA C 134 21.18 2.51 0.04
N VAL C 135 20.68 3.44 0.84
CA VAL C 135 20.85 3.37 2.29
C VAL C 135 20.14 2.13 2.79
N LYS C 136 18.91 1.90 2.30
CA LYS C 136 18.07 0.79 2.75
C LYS C 136 18.70 -0.60 2.49
N PHE C 137 19.29 -0.75 1.30
CA PHE C 137 19.91 -2.00 0.86
C PHE C 137 21.40 -2.08 1.15
N ASP C 138 21.92 -1.03 1.77
CA ASP C 138 23.31 -0.94 2.20
C ASP C 138 24.28 -1.11 1.01
N LEU C 139 23.94 -0.47 -0.11
CA LEU C 139 24.76 -0.45 -1.32
C LEU C 139 25.27 0.98 -1.51
N PRO C 140 26.59 1.17 -1.58
CA PRO C 140 27.15 2.50 -1.87
C PRO C 140 26.62 3.07 -3.18
N LEU C 141 26.41 4.38 -3.15
CA LEU C 141 25.91 5.13 -4.27
C LEU C 141 27.07 5.93 -4.86
N VAL C 142 27.38 5.68 -6.12
CA VAL C 142 28.35 6.45 -6.84
C VAL C 142 27.56 7.41 -7.74
N VAL C 143 27.72 8.70 -7.50
CA VAL C 143 27.11 9.71 -8.34
C VAL C 143 28.12 10.17 -9.39
N GLU C 144 27.70 10.06 -10.65
CA GLU C 144 28.49 10.51 -11.78
C GLU C 144 27.95 11.88 -12.11
N SER C 145 28.73 12.87 -11.75
CA SER C 145 28.32 14.26 -11.78
C SER C 145 28.96 14.97 -12.98
N PHE C 146 28.15 15.16 -14.01
CA PHE C 146 28.56 15.73 -15.30
C PHE C 146 27.63 16.91 -15.69
N PRO C 147 27.89 18.10 -15.14
CA PRO C 147 27.11 19.29 -15.53
C PRO C 147 27.07 19.40 -17.07
N ARG C 148 25.88 19.67 -17.59
CA ARG C 148 25.65 19.70 -19.02
C ARG C 148 24.28 20.31 -19.25
N GLY C 149 24.16 21.09 -20.32
CA GLY C 149 22.97 21.86 -20.59
C GLY C 149 22.98 23.15 -19.79
N GLY C 150 21.90 23.89 -19.90
CA GLY C 150 21.78 25.15 -19.17
C GLY C 150 22.92 26.08 -19.51
N LYS C 151 23.54 26.64 -18.47
CA LYS C 151 24.62 27.61 -18.63
C LYS C 151 26.01 26.97 -18.74
N VAL C 152 26.07 25.65 -18.89
CA VAL C 152 27.33 24.95 -19.03
C VAL C 152 27.86 25.07 -20.45
N VAL C 153 29.02 25.72 -20.58
CA VAL C 153 29.67 25.94 -21.86
C VAL C 153 30.88 25.04 -22.04
N ASN C 154 31.59 24.75 -20.96
CA ASN C 154 32.78 23.94 -21.04
C ASN C 154 32.77 23.00 -19.83
N GLU C 155 32.53 21.74 -20.11
CA GLU C 155 32.38 20.72 -19.06
C GLU C 155 33.63 20.45 -18.24
N THR C 156 34.81 20.74 -18.78
CA THR C 156 36.05 20.52 -18.03
C THR C 156 36.61 21.81 -17.45
N ALA C 157 35.85 22.91 -17.50
CA ALA C 157 36.29 24.15 -16.86
C ALA C 157 36.51 23.87 -15.38
N PRO C 158 37.54 24.46 -14.79
CA PRO C 158 37.86 24.26 -13.37
C PRO C 158 36.66 24.44 -12.46
N GLU C 159 35.95 25.55 -12.64
CA GLU C 159 34.83 25.86 -11.75
C GLU C 159 33.66 24.90 -11.96
N ILE C 160 33.52 24.34 -13.16
CA ILE C 160 32.47 23.39 -13.49
C ILE C 160 32.72 22.03 -12.87
N VAL C 161 33.94 21.55 -12.97
CA VAL C 161 34.26 20.27 -12.38
C VAL C 161 34.16 20.35 -10.84
N ALA C 162 34.59 21.45 -10.26
CA ALA C 162 34.51 21.59 -8.81
C ALA C 162 33.04 21.67 -8.35
N TYR C 163 32.19 22.37 -9.12
CA TYR C 163 30.75 22.43 -8.85
C TYR C 163 30.19 21.01 -8.91
N ALA C 164 30.59 20.27 -9.94
CA ALA C 164 30.18 18.87 -10.10
C ALA C 164 30.52 18.03 -8.86
N ALA C 165 31.73 18.21 -8.35
CA ALA C 165 32.18 17.44 -7.16
C ALA C 165 31.34 17.81 -5.94
N ARG C 166 31.15 19.09 -5.71
CA ARG C 166 30.43 19.55 -4.53
C ARG C 166 28.95 19.11 -4.54
N ILE C 167 28.31 19.21 -5.71
CA ILE C 167 26.93 18.76 -5.89
C ILE C 167 26.79 17.30 -5.48
N ALA C 168 27.69 16.45 -5.94
CA ALA C 168 27.67 15.04 -5.54
C ALA C 168 27.72 14.84 -4.03
N LEU C 169 28.65 15.50 -3.37
CA LEU C 169 28.71 15.48 -1.91
C LEU C 169 27.40 15.93 -1.27
N GLU C 170 26.88 17.07 -1.72
CA GLU C 170 25.69 17.66 -1.09
C GLU C 170 24.46 16.75 -1.20
N LEU C 171 24.36 16.02 -2.32
CA LEU C 171 23.22 15.19 -2.61
C LEU C 171 23.26 13.80 -1.99
N GLY C 172 24.43 13.39 -1.46
CA GLY C 172 24.57 12.17 -0.69
C GLY C 172 25.38 11.05 -1.34
N ALA C 173 26.18 11.34 -2.37
CA ALA C 173 27.08 10.34 -2.92
C ALA C 173 28.01 9.76 -1.85
N ASP C 174 28.21 8.45 -1.93
CA ASP C 174 29.23 7.77 -1.10
C ASP C 174 30.61 7.73 -1.79
N ALA C 175 30.59 7.78 -3.11
CA ALA C 175 31.74 8.00 -3.99
C ALA C 175 31.23 8.80 -5.21
N MET C 176 32.14 9.38 -5.97
CA MET C 176 31.71 10.12 -7.16
C MET C 176 32.66 9.93 -8.34
N LYS C 177 32.15 10.22 -9.53
CA LYS C 177 32.90 10.19 -10.76
C LYS C 177 32.71 11.56 -11.43
N ILE C 178 33.80 12.25 -11.70
CA ILE C 178 33.77 13.54 -12.39
C ILE C 178 34.81 13.57 -13.50
N LYS C 179 34.70 14.55 -14.38
CA LYS C 179 35.64 14.74 -15.49
C LYS C 179 36.93 15.44 -14.99
N TYR C 180 38.05 15.16 -15.65
CA TYR C 180 39.31 15.80 -15.32
C TYR C 180 39.38 17.22 -15.91
N THR C 181 39.98 18.14 -15.17
CA THR C 181 40.19 19.51 -15.64
C THR C 181 41.38 19.64 -16.59
N GLY C 182 42.26 18.63 -16.64
CA GLY C 182 43.46 18.69 -17.47
C GLY C 182 44.70 19.13 -16.71
N ASP C 183 44.55 19.50 -15.44
CA ASP C 183 45.70 19.74 -14.59
C ASP C 183 45.43 19.46 -13.11
N PRO C 184 46.46 19.01 -12.39
CA PRO C 184 46.32 18.63 -10.99
C PRO C 184 45.97 19.76 -10.02
N LYS C 185 46.44 20.98 -10.22
CA LYS C 185 46.15 22.09 -9.32
C LYS C 185 44.63 22.38 -9.21
N THR C 186 43.99 22.57 -10.36
CA THR C 186 42.53 22.83 -10.37
C THR C 186 41.77 21.61 -9.99
N PHE C 187 42.24 20.44 -10.43
CA PHE C 187 41.60 19.20 -10.02
C PHE C 187 41.67 18.94 -8.51
N SER C 188 42.73 19.41 -7.85
CA SER C 188 42.85 19.22 -6.40
C SER C 188 41.79 20.06 -5.65
N TRP C 189 41.33 21.15 -6.28
CA TRP C 189 40.24 21.94 -5.67
C TRP C 189 38.94 21.15 -5.71
N ALA C 190 38.67 20.47 -6.82
CA ALA C 190 37.49 19.61 -6.91
C ALA C 190 37.53 18.48 -5.86
N VAL C 191 38.70 17.90 -5.70
CA VAL C 191 38.87 16.85 -4.71
C VAL C 191 38.66 17.38 -3.29
N LYS C 192 39.15 18.58 -3.02
CA LYS C 192 39.04 19.19 -1.71
C LYS C 192 37.57 19.47 -1.36
N VAL C 193 36.84 20.06 -2.29
CA VAL C 193 35.44 20.41 -2.01
C VAL C 193 34.54 19.17 -1.93
N ALA C 194 35.02 18.03 -2.46
CA ALA C 194 34.35 16.76 -2.25
C ALA C 194 34.49 16.22 -0.83
N GLY C 195 35.41 16.77 -0.05
CA GLY C 195 35.51 16.45 1.36
C GLY C 195 35.79 14.98 1.59
N LYS C 196 34.98 14.33 2.42
CA LYS C 196 35.12 12.90 2.75
C LYS C 196 34.72 11.91 1.67
N VAL C 197 34.13 12.38 0.59
CA VAL C 197 33.65 11.49 -0.45
C VAL C 197 34.76 11.32 -1.51
N PRO C 198 35.20 10.10 -1.76
CA PRO C 198 36.25 9.88 -2.76
C PRO C 198 35.83 10.18 -4.19
N VAL C 199 36.82 10.56 -4.98
CA VAL C 199 36.68 11.03 -6.35
C VAL C 199 37.44 10.09 -7.29
N LEU C 200 36.70 9.62 -8.31
CA LEU C 200 37.22 8.90 -9.46
C LEU C 200 37.15 9.79 -10.69
N MET C 201 38.22 9.81 -11.44
CA MET C 201 38.28 10.52 -12.70
C MET C 201 37.65 9.67 -13.81
N SER C 202 36.73 10.26 -14.55
CA SER C 202 36.23 9.69 -15.78
C SER C 202 37.35 9.75 -16.86
N GLY C 203 37.58 8.63 -17.54
CA GLY C 203 38.69 8.49 -18.45
C GLY C 203 38.65 9.38 -19.69
N GLY C 204 37.46 9.54 -20.28
CA GLY C 204 37.29 10.39 -21.45
C GLY C 204 37.66 9.73 -22.78
N PRO C 205 37.57 10.47 -23.88
CA PRO C 205 37.88 9.94 -25.21
C PRO C 205 39.26 9.29 -25.24
N LYS C 206 39.41 8.27 -26.08
CA LYS C 206 40.71 7.63 -26.25
C LYS C 206 41.69 8.70 -26.70
N THR C 207 42.76 8.85 -25.94
CA THR C 207 43.75 9.90 -26.16
C THR C 207 44.65 9.53 -27.34
N LYS C 208 45.32 10.55 -27.88
CA LYS C 208 46.16 10.39 -29.06
C LYS C 208 47.29 9.37 -28.78
N THR C 209 47.96 9.51 -27.64
CA THR C 209 48.97 8.54 -27.22
C THR C 209 48.64 7.94 -25.88
N GLU C 210 49.25 6.78 -25.62
CA GLU C 210 49.15 6.15 -24.31
C GLU C 210 49.78 7.01 -23.21
N GLU C 211 50.90 7.66 -23.54
CA GLU C 211 51.56 8.53 -22.58
C GLU C 211 50.64 9.66 -22.10
N ASP C 212 49.78 10.16 -22.99
CA ASP C 212 48.97 11.31 -22.65
C ASP C 212 48.00 10.91 -21.55
N PHE C 213 47.39 9.74 -21.71
CA PHE C 213 46.49 9.22 -20.69
C PHE C 213 47.17 8.95 -19.35
N LEU C 214 48.36 8.36 -19.38
CA LEU C 214 49.07 8.09 -18.14
C LEU C 214 49.28 9.42 -17.38
N LYS C 215 49.61 10.47 -18.18
CA LYS C 215 49.93 11.82 -17.72
C LYS C 215 48.73 12.34 -16.98
N GLN C 216 47.56 12.13 -17.56
CA GLN C 216 46.32 12.57 -16.94
C GLN C 216 46.20 11.84 -15.61
N VAL C 217 46.40 10.52 -15.64
CA VAL C 217 46.26 9.69 -14.44
C VAL C 217 47.23 10.09 -13.35
N GLU C 218 48.46 10.43 -13.74
CA GLU C 218 49.50 10.90 -12.81
C GLU C 218 49.08 12.16 -12.07
N GLY C 219 48.45 13.08 -12.81
CA GLY C 219 47.88 14.29 -12.25
C GLY C 219 46.68 14.05 -11.34
N VAL C 220 45.81 13.13 -11.73
CA VAL C 220 44.61 12.78 -10.95
C VAL C 220 45.03 12.26 -9.57
N LEU C 221 46.02 11.38 -9.55
CA LEU C 221 46.55 10.86 -8.29
C LEU C 221 47.28 11.94 -7.50
N GLU C 222 47.97 12.84 -8.20
CA GLU C 222 48.67 13.96 -7.57
C GLU C 222 47.68 14.88 -6.84
N ALA C 223 46.52 15.07 -7.48
CA ALA C 223 45.47 15.94 -6.94
C ALA C 223 44.74 15.32 -5.75
N GLY C 224 45.00 14.05 -5.46
CA GLY C 224 44.42 13.38 -4.29
C GLY C 224 43.17 12.56 -4.58
N ALA C 225 42.84 12.34 -5.85
CA ALA C 225 41.72 11.45 -6.20
C ALA C 225 42.00 10.01 -5.84
N LEU C 226 40.94 9.25 -5.64
CA LEU C 226 41.04 7.82 -5.33
C LEU C 226 41.53 7.00 -6.54
N GLY C 227 41.21 7.43 -7.75
CA GLY C 227 41.63 6.71 -8.92
C GLY C 227 40.79 7.03 -10.13
N ILE C 228 40.50 6.01 -10.94
CA ILE C 228 39.91 6.25 -12.26
C ILE C 228 38.79 5.28 -12.54
N ALA C 229 37.81 5.77 -13.31
CA ALA C 229 36.79 4.95 -13.92
C ALA C 229 37.02 5.11 -15.40
N VAL C 230 37.64 4.09 -16.00
CA VAL C 230 38.14 4.18 -17.36
C VAL C 230 37.45 3.16 -18.26
N GLY C 231 37.04 3.61 -19.43
CA GLY C 231 36.43 2.73 -20.41
C GLY C 231 37.24 2.67 -21.69
N ARG C 232 37.03 3.66 -22.54
CA ARG C 232 37.64 3.76 -23.86
C ARG C 232 39.17 3.66 -23.86
N ASN C 233 39.82 4.40 -22.97
CA ASN C 233 41.29 4.40 -22.94
C ASN C 233 41.89 3.05 -22.57
N VAL C 234 41.06 2.09 -22.18
CA VAL C 234 41.50 0.71 -22.10
C VAL C 234 40.94 -0.15 -23.25
N TRP C 235 39.63 -0.41 -23.28
CA TRP C 235 39.14 -1.44 -24.19
C TRP C 235 39.00 -1.04 -25.66
N GLN C 236 39.19 0.25 -25.97
CA GLN C 236 39.25 0.70 -27.38
C GLN C 236 40.62 0.49 -28.00
N ARG C 237 41.62 0.19 -27.17
CA ARG C 237 42.98 -0.08 -27.66
C ARG C 237 43.16 -1.54 -28.08
N ARG C 238 43.90 -1.75 -29.16
CA ARG C 238 44.18 -3.10 -29.64
C ARG C 238 45.24 -3.84 -28.75
N ASP C 239 46.02 -3.05 -28.01
CA ASP C 239 46.82 -3.56 -26.89
C ASP C 239 46.16 -3.35 -25.50
N ALA C 240 44.84 -3.62 -25.39
CA ALA C 240 44.08 -3.34 -24.17
C ALA C 240 44.72 -3.91 -22.88
N LEU C 241 44.94 -5.24 -22.82
CA LEU C 241 45.43 -5.86 -21.60
C LEU C 241 46.77 -5.27 -21.11
N LYS C 242 47.69 -5.07 -22.05
CA LYS C 242 49.00 -4.50 -21.76
C LYS C 242 48.81 -3.08 -21.14
N PHE C 243 48.07 -2.24 -21.90
CA PHE C 243 47.94 -0.89 -21.39
C PHE C 243 47.31 -0.92 -20.01
N ALA C 244 46.31 -1.78 -19.85
CA ALA C 244 45.60 -1.93 -18.57
C ALA C 244 46.57 -2.30 -17.44
N ARG C 245 47.55 -3.12 -17.74
CA ARG C 245 48.56 -3.53 -16.73
C ARG C 245 49.60 -2.46 -16.40
N ALA C 246 49.92 -1.62 -17.38
CA ALA C 246 50.71 -0.42 -17.16
C ALA C 246 49.97 0.60 -16.29
N LEU C 247 48.63 0.71 -16.44
CA LEU C 247 47.85 1.57 -15.56
C LEU C 247 47.93 0.99 -14.13
N ALA C 248 47.87 -0.33 -14.04
CA ALA C 248 47.69 -0.97 -12.71
C ALA C 248 48.96 -0.74 -11.96
N GLU C 249 50.05 -0.81 -12.71
CA GLU C 249 51.36 -0.49 -12.21
C GLU C 249 51.49 0.93 -11.66
N LEU C 250 50.96 1.89 -12.40
CA LEU C 250 50.98 3.30 -11.99
C LEU C 250 50.08 3.61 -10.77
N VAL C 251 48.81 3.18 -10.83
CA VAL C 251 47.81 3.56 -9.81
C VAL C 251 48.04 2.84 -8.49
N TYR C 252 48.30 1.53 -8.56
CA TYR C 252 48.54 0.73 -7.38
C TYR C 252 50.02 0.80 -7.05
N ASN D 3 16.06 -18.07 -16.65
CA ASN D 3 16.64 -17.49 -17.91
C ASN D 3 15.52 -17.34 -18.95
N LEU D 4 15.10 -16.09 -19.15
CA LEU D 4 13.92 -15.83 -19.96
C LEU D 4 14.23 -15.85 -21.45
N THR D 5 15.49 -15.64 -21.82
CA THR D 5 15.91 -15.85 -23.23
C THR D 5 15.71 -17.31 -23.64
N GLU D 6 16.10 -18.24 -22.77
CA GLU D 6 15.97 -19.67 -23.03
C GLU D 6 14.50 -20.04 -23.15
N LYS D 7 13.69 -19.51 -22.24
CA LYS D 7 12.24 -19.66 -22.29
C LYS D 7 11.66 -19.16 -23.60
N PHE D 8 12.02 -17.93 -23.99
CA PHE D 8 11.60 -17.37 -25.28
C PHE D 8 11.92 -18.32 -26.42
N LEU D 9 13.13 -18.88 -26.40
CA LEU D 9 13.58 -19.72 -27.51
C LEU D 9 12.83 -21.07 -27.51
N ARG D 10 12.55 -21.61 -26.32
CA ARG D 10 11.75 -22.84 -26.20
C ARG D 10 10.36 -22.69 -26.78
N ILE D 11 9.73 -21.53 -26.56
CA ILE D 11 8.35 -21.30 -26.96
C ILE D 11 8.27 -20.82 -28.41
N PHE D 12 9.15 -19.89 -28.77
CA PHE D 12 9.03 -19.19 -30.05
C PHE D 12 10.05 -19.61 -31.10
N ALA D 13 10.95 -20.52 -30.75
CA ALA D 13 12.03 -20.99 -31.65
C ALA D 13 12.42 -22.45 -31.41
N ARG D 14 11.41 -23.29 -31.24
CA ARG D 14 11.64 -24.71 -31.00
C ARG D 14 12.39 -25.37 -32.16
N ARG D 15 12.18 -24.87 -33.38
CA ARG D 15 12.89 -25.40 -34.55
C ARG D 15 14.29 -24.77 -34.74
N GLY D 16 14.69 -23.86 -33.84
CA GLY D 16 15.97 -23.19 -33.91
C GLY D 16 15.89 -21.81 -34.54
N LYS D 17 14.83 -21.55 -35.29
CA LYS D 17 14.56 -20.25 -35.89
C LYS D 17 13.12 -19.89 -35.66
N SER D 18 12.82 -18.62 -35.86
CA SER D 18 11.52 -18.11 -35.47
C SER D 18 10.87 -17.31 -36.59
N ILE D 19 9.57 -17.51 -36.79
CA ILE D 19 8.75 -16.56 -37.54
C ILE D 19 7.57 -16.16 -36.66
N ILE D 20 7.48 -14.87 -36.39
CA ILE D 20 6.38 -14.29 -35.60
C ILE D 20 5.54 -13.45 -36.55
N LEU D 21 4.23 -13.68 -36.56
CA LEU D 21 3.30 -12.86 -37.36
C LEU D 21 2.91 -11.62 -36.56
N ALA D 22 3.36 -10.46 -37.01
CA ALA D 22 3.06 -9.19 -36.35
C ALA D 22 1.71 -8.65 -36.79
N TYR D 23 0.91 -8.21 -35.81
CA TYR D 23 -0.41 -7.67 -36.09
C TYR D 23 -0.82 -6.55 -35.11
N ASP D 24 0.13 -5.72 -34.71
CA ASP D 24 -0.20 -4.46 -34.00
C ASP D 24 -0.49 -3.28 -34.95
N HIS D 25 -0.53 -3.54 -36.24
CA HIS D 25 -0.65 -2.47 -37.24
C HIS D 25 -1.92 -1.64 -37.09
N GLY D 26 -2.97 -2.23 -36.54
CA GLY D 26 -4.25 -1.55 -36.49
C GLY D 26 -4.16 -0.26 -35.68
N ILE D 27 -3.36 -0.25 -34.63
CA ILE D 27 -3.06 1.01 -33.90
C ILE D 27 -1.87 1.75 -34.53
N GLU D 28 -0.79 1.04 -34.86
CA GLU D 28 0.43 1.73 -35.29
C GLU D 28 0.29 2.48 -36.60
N HIS D 29 -0.39 1.86 -37.59
CA HIS D 29 -0.60 2.45 -38.91
C HIS D 29 -2.08 2.65 -39.24
N GLY D 30 -2.97 2.03 -38.52
CA GLY D 30 -4.39 2.14 -38.86
C GLY D 30 -4.71 1.13 -39.97
N PRO D 31 -5.98 1.02 -40.28
CA PRO D 31 -6.47 -0.06 -41.14
C PRO D 31 -6.27 0.15 -42.64
N ALA D 32 -5.70 1.26 -43.09
CA ALA D 32 -5.37 1.40 -44.50
C ALA D 32 -4.43 0.26 -44.97
N ASP D 33 -3.56 -0.21 -44.07
CA ASP D 33 -2.74 -1.43 -44.26
C ASP D 33 -3.58 -2.64 -44.75
N PHE D 34 -4.86 -2.73 -44.35
CA PHE D 34 -5.72 -3.90 -44.58
C PHE D 34 -6.53 -3.92 -45.89
N MET D 35 -6.55 -2.83 -46.64
CA MET D 35 -7.34 -2.81 -47.87
C MET D 35 -6.78 -3.67 -49.02
N ASP D 36 -5.47 -3.83 -49.09
CA ASP D 36 -4.86 -4.64 -50.16
C ASP D 36 -5.40 -6.08 -50.15
N ASN D 37 -5.55 -6.61 -48.93
CA ASN D 37 -6.14 -7.93 -48.66
C ASN D 37 -7.12 -7.83 -47.48
N PRO D 38 -8.38 -7.51 -47.76
CA PRO D 38 -9.33 -7.09 -46.70
C PRO D 38 -9.58 -8.10 -45.54
N ASP D 39 -9.42 -9.41 -45.82
CA ASP D 39 -9.48 -10.43 -44.77
C ASP D 39 -8.49 -10.15 -43.63
N SER D 40 -7.40 -9.45 -43.96
CA SER D 40 -6.38 -9.09 -42.98
C SER D 40 -6.88 -8.19 -41.84
N ALA D 41 -8.02 -7.55 -42.04
CA ALA D 41 -8.68 -6.78 -40.97
C ALA D 41 -9.31 -7.65 -39.87
N ASP D 42 -9.49 -8.93 -40.18
CA ASP D 42 -10.13 -9.91 -39.29
C ASP D 42 -9.07 -10.67 -38.50
N PRO D 43 -8.95 -10.43 -37.19
CA PRO D 43 -7.94 -11.14 -36.41
C PRO D 43 -8.14 -12.65 -36.45
N GLU D 44 -9.36 -13.15 -36.72
CA GLU D 44 -9.57 -14.60 -36.79
C GLU D 44 -8.83 -15.15 -37.99
N TYR D 45 -8.87 -14.42 -39.09
CA TYR D 45 -8.07 -14.77 -40.28
C TYR D 45 -6.56 -14.82 -39.99
N ILE D 46 -6.06 -13.84 -39.25
CA ILE D 46 -4.64 -13.77 -38.88
C ILE D 46 -4.17 -14.97 -38.03
N LEU D 47 -4.97 -15.36 -37.05
CA LEU D 47 -4.67 -16.56 -36.22
C LEU D 47 -4.66 -17.85 -37.08
N ARG D 48 -5.60 -17.96 -38.00
CA ARG D 48 -5.64 -19.13 -38.90
C ARG D 48 -4.39 -19.15 -39.74
N LEU D 49 -4.04 -18.00 -40.30
CA LEU D 49 -2.85 -17.86 -41.12
C LEU D 49 -1.61 -18.33 -40.37
N ALA D 50 -1.41 -17.82 -39.16
CA ALA D 50 -0.24 -18.19 -38.36
C ALA D 50 -0.24 -19.68 -38.07
N ARG D 51 -1.39 -20.26 -37.80
CA ARG D 51 -1.48 -21.68 -37.51
C ARG D 51 -1.21 -22.51 -38.77
N ASP D 52 -1.91 -22.15 -39.86
CA ASP D 52 -1.83 -22.85 -41.13
C ASP D 52 -0.42 -22.82 -41.72
N ALA D 53 0.30 -21.73 -41.51
CA ALA D 53 1.68 -21.60 -42.01
C ALA D 53 2.70 -22.25 -41.06
N GLY D 54 2.27 -22.57 -39.84
CA GLY D 54 3.13 -23.17 -38.82
C GLY D 54 4.14 -22.19 -38.25
N PHE D 55 3.75 -20.94 -38.09
CA PHE D 55 4.61 -19.95 -37.48
C PHE D 55 4.64 -20.18 -35.98
N ASP D 56 5.55 -19.48 -35.32
CA ASP D 56 5.80 -19.65 -33.89
C ASP D 56 4.97 -18.78 -32.97
N GLY D 57 4.48 -17.66 -33.47
CA GLY D 57 3.77 -16.73 -32.62
C GLY D 57 3.02 -15.67 -33.39
N VAL D 58 2.16 -14.94 -32.67
CA VAL D 58 1.50 -13.73 -33.16
C VAL D 58 1.71 -12.60 -32.14
N VAL D 59 1.70 -11.36 -32.63
CA VAL D 59 1.85 -10.18 -31.79
C VAL D 59 0.55 -9.41 -31.90
N PHE D 60 -0.12 -9.22 -30.76
CA PHE D 60 -1.40 -8.54 -30.67
C PHE D 60 -1.33 -7.49 -29.57
N GLN D 61 -2.03 -6.39 -29.78
CA GLN D 61 -2.36 -5.45 -28.71
C GLN D 61 -3.43 -6.09 -27.84
N ARG D 62 -3.62 -5.52 -26.65
CA ARG D 62 -4.51 -6.06 -25.64
C ARG D 62 -5.93 -6.27 -26.13
N GLY D 63 -6.47 -5.35 -26.94
CA GLY D 63 -7.87 -5.43 -27.33
C GLY D 63 -8.15 -6.58 -28.27
N ILE D 64 -7.23 -6.78 -29.21
CA ILE D 64 -7.28 -7.93 -30.11
C ILE D 64 -7.07 -9.24 -29.33
N ALA D 65 -6.11 -9.27 -28.41
CA ALA D 65 -5.92 -10.47 -27.60
C ALA D 65 -7.18 -10.81 -26.78
N GLU D 66 -7.77 -9.81 -26.11
CA GLU D 66 -8.94 -10.06 -25.29
C GLU D 66 -10.11 -10.59 -26.09
N LYS D 67 -10.38 -9.97 -27.23
CA LYS D 67 -11.60 -10.28 -28.02
C LYS D 67 -11.42 -11.52 -28.92
N TYR D 68 -10.19 -11.83 -29.29
CA TYR D 68 -9.94 -12.86 -30.30
C TYR D 68 -8.99 -13.97 -29.94
N TYR D 69 -8.06 -13.77 -29.01
CA TYR D 69 -7.01 -14.76 -28.81
C TYR D 69 -7.65 -16.05 -28.28
N ASP D 70 -7.26 -17.16 -28.90
CA ASP D 70 -7.87 -18.45 -28.65
C ASP D 70 -6.86 -19.52 -28.21
N GLY D 71 -5.62 -19.15 -27.94
CA GLY D 71 -4.65 -20.10 -27.42
C GLY D 71 -3.96 -20.98 -28.45
N SER D 72 -4.21 -20.75 -29.75
CA SER D 72 -3.84 -21.71 -30.80
C SER D 72 -2.41 -21.56 -31.34
N VAL D 73 -1.83 -20.39 -31.09
CA VAL D 73 -0.44 -20.11 -31.41
C VAL D 73 0.05 -19.21 -30.25
N PRO D 74 1.30 -19.36 -29.81
CA PRO D 74 1.83 -18.52 -28.72
C PRO D 74 1.69 -17.04 -28.98
N LEU D 75 1.38 -16.29 -27.93
CA LEU D 75 1.09 -14.87 -28.04
C LEU D 75 2.14 -14.00 -27.41
N ILE D 76 2.52 -12.96 -28.14
CA ILE D 76 3.32 -11.86 -27.64
C ILE D 76 2.37 -10.68 -27.54
N LEU D 77 2.16 -10.20 -26.31
CA LEU D 77 1.25 -9.09 -26.05
C LEU D 77 2.10 -7.84 -26.17
N LYS D 78 1.83 -7.04 -27.20
CA LYS D 78 2.47 -5.75 -27.41
C LYS D 78 1.83 -4.72 -26.48
N LEU D 79 2.62 -4.28 -25.51
CA LEU D 79 2.04 -3.50 -24.40
C LEU D 79 1.79 -2.04 -24.67
N ASN D 80 2.62 -1.42 -25.52
CA ASN D 80 2.43 -0.02 -25.83
C ASN D 80 1.90 0.16 -27.26
N GLY D 81 1.71 1.39 -27.66
CA GLY D 81 1.26 1.64 -29.01
C GLY D 81 1.01 3.10 -29.18
N LYS D 82 1.33 3.57 -30.39
CA LYS D 82 1.03 4.93 -30.78
C LYS D 82 0.46 4.92 -32.19
N THR D 83 0.02 6.08 -32.68
CA THR D 83 -0.56 6.15 -34.00
C THR D 83 0.38 6.94 -34.93
N THR D 84 0.17 6.80 -36.25
CA THR D 84 0.85 7.69 -37.20
C THR D 84 0.21 9.05 -37.34
N LEU D 85 -1.00 9.23 -36.79
CA LEU D 85 -1.59 10.56 -36.77
C LEU D 85 -0.79 11.52 -35.87
N TYR D 86 -0.12 10.96 -34.88
CA TYR D 86 0.64 11.74 -33.90
C TYR D 86 1.82 12.42 -34.59
N ASN D 87 2.03 13.70 -34.29
CA ASN D 87 3.08 14.51 -34.90
C ASN D 87 4.25 14.95 -34.02
N GLY D 88 4.23 14.64 -32.73
CA GLY D 88 5.30 15.06 -31.83
C GLY D 88 6.57 14.21 -31.83
N GLU D 89 7.44 14.46 -30.86
CA GLU D 89 8.56 13.57 -30.57
C GLU D 89 8.02 12.19 -30.36
N PRO D 90 8.54 11.18 -31.07
CA PRO D 90 7.99 9.83 -31.02
C PRO D 90 7.89 9.30 -29.56
N VAL D 91 6.70 8.84 -29.17
CA VAL D 91 6.48 8.26 -27.85
C VAL D 91 5.36 7.25 -27.94
N SER D 92 5.48 6.18 -27.16
CA SER D 92 4.49 5.11 -27.16
C SER D 92 4.48 4.59 -25.76
N VAL D 93 3.33 4.77 -25.09
CA VAL D 93 3.20 4.36 -23.69
C VAL D 93 2.39 3.08 -23.54
N ALA D 94 2.55 2.42 -22.40
CA ALA D 94 1.85 1.17 -22.19
C ALA D 94 0.34 1.43 -22.04
N ASN D 95 -0.47 0.62 -22.71
CA ASN D 95 -1.91 0.62 -22.48
C ASN D 95 -2.36 -0.68 -21.77
N CYS D 96 -1.38 -1.50 -21.42
CA CYS D 96 -1.56 -2.82 -20.77
C CYS D 96 -0.40 -3.08 -19.82
N SER D 97 -0.68 -3.75 -18.69
CA SER D 97 0.36 -4.21 -17.78
C SER D 97 0.79 -5.62 -18.10
N VAL D 98 1.96 -5.98 -17.63
CA VAL D 98 2.39 -7.39 -17.71
C VAL D 98 1.42 -8.38 -17.04
N GLU D 99 0.92 -8.04 -15.86
CA GLU D 99 -0.05 -8.88 -15.16
C GLU D 99 -1.31 -9.13 -16.03
N GLU D 100 -1.84 -8.09 -16.66
CA GLU D 100 -2.99 -8.23 -17.56
C GLU D 100 -2.61 -9.11 -18.76
N ALA D 101 -1.41 -8.95 -19.27
CA ALA D 101 -0.93 -9.82 -20.37
C ALA D 101 -0.93 -11.28 -20.04
N VAL D 102 -0.46 -11.60 -18.84
CA VAL D 102 -0.55 -12.96 -18.35
C VAL D 102 -1.99 -13.44 -18.38
N SER D 103 -2.94 -12.62 -17.92
CA SER D 103 -4.33 -13.03 -17.86
C SER D 103 -4.98 -13.21 -19.25
N LEU D 104 -4.46 -12.51 -20.24
CA LEU D 104 -4.89 -12.62 -21.64
C LEU D 104 -4.24 -13.79 -22.38
N GLY D 105 -3.31 -14.50 -21.73
CA GLY D 105 -2.74 -15.73 -22.22
C GLY D 105 -1.40 -15.58 -22.94
N ALA D 106 -0.72 -14.45 -22.72
CA ALA D 106 0.57 -14.18 -23.34
C ALA D 106 1.65 -15.11 -22.85
N SER D 107 2.53 -15.49 -23.77
CA SER D 107 3.74 -16.19 -23.44
C SER D 107 4.95 -15.27 -23.42
N ALA D 108 4.80 -14.04 -23.93
CA ALA D 108 5.80 -13.00 -23.82
C ALA D 108 5.12 -11.64 -23.95
N VAL D 109 5.87 -10.60 -23.62
CA VAL D 109 5.43 -9.23 -23.81
C VAL D 109 6.39 -8.48 -24.69
N GLY D 110 5.86 -7.53 -25.45
CA GLY D 110 6.63 -6.66 -26.33
C GLY D 110 6.46 -5.20 -25.94
N TYR D 111 7.54 -4.45 -26.07
CA TYR D 111 7.50 -3.02 -25.77
C TYR D 111 8.43 -2.29 -26.72
N THR D 112 7.86 -1.33 -27.42
CA THR D 112 8.60 -0.45 -28.33
C THR D 112 9.30 0.73 -27.66
N ILE D 113 10.56 0.95 -28.00
CA ILE D 113 11.32 2.14 -27.59
C ILE D 113 11.80 2.88 -28.86
N TYR D 114 11.92 4.21 -28.74
CA TYR D 114 12.40 5.07 -29.80
C TYR D 114 13.61 5.85 -29.30
N PRO D 115 14.77 5.20 -29.26
CA PRO D 115 15.98 5.89 -28.86
C PRO D 115 16.21 7.12 -29.71
N GLY D 116 16.63 8.20 -29.06
CA GLY D 116 16.88 9.47 -29.69
C GLY D 116 15.70 10.41 -29.58
N SER D 117 14.49 9.89 -29.44
CA SER D 117 13.33 10.73 -29.31
C SER D 117 13.48 11.71 -28.16
N GLY D 118 12.89 12.89 -28.31
CA GLY D 118 12.76 13.84 -27.22
C GLY D 118 12.12 13.24 -25.99
N PHE D 119 11.35 12.18 -26.17
CA PHE D 119 10.67 11.43 -25.09
C PHE D 119 11.35 10.12 -24.76
N GLU D 120 12.61 9.96 -25.16
CA GLU D 120 13.30 8.68 -24.94
C GLU D 120 13.22 8.28 -23.44
N TRP D 121 13.40 9.23 -22.57
CA TRP D 121 13.33 9.05 -21.13
C TRP D 121 11.98 8.48 -20.64
N LYS D 122 10.89 8.87 -21.28
CA LYS D 122 9.56 8.40 -20.86
C LYS D 122 9.42 6.92 -21.09
N MET D 123 9.92 6.44 -22.22
CA MET D 123 9.84 5.04 -22.54
C MET D 123 10.85 4.23 -21.75
N PHE D 124 12.05 4.74 -21.50
CA PHE D 124 12.99 4.04 -20.64
C PHE D 124 12.46 3.89 -19.19
N GLU D 125 11.85 4.95 -18.70
CA GLU D 125 11.23 4.98 -17.35
C GLU D 125 10.19 3.88 -17.25
N GLU D 126 9.32 3.83 -18.26
CA GLU D 126 8.29 2.81 -18.30
C GLU D 126 8.82 1.41 -18.47
N LEU D 127 9.78 1.25 -19.37
CA LEU D 127 10.34 -0.04 -19.61
C LEU D 127 10.92 -0.60 -18.32
N ALA D 128 11.43 0.25 -17.44
CA ALA D 128 12.03 -0.22 -16.21
C ALA D 128 11.00 -1.00 -15.42
N ARG D 129 9.81 -0.46 -15.39
CA ARG D 129 8.71 -1.07 -14.64
C ARG D 129 8.22 -2.36 -15.31
N ILE D 130 8.11 -2.30 -16.62
CA ILE D 130 7.73 -3.46 -17.42
C ILE D 130 8.74 -4.59 -17.29
N LYS D 131 10.04 -4.28 -17.39
CA LYS D 131 11.08 -5.27 -17.23
C LYS D 131 10.97 -5.97 -15.88
N ARG D 132 10.81 -5.17 -14.83
CA ARG D 132 10.70 -5.72 -13.49
C ARG D 132 9.52 -6.72 -13.39
N ASP D 133 8.38 -6.31 -13.93
CA ASP D 133 7.19 -7.16 -13.94
C ASP D 133 7.41 -8.41 -14.79
N ALA D 134 8.08 -8.27 -15.94
CA ALA D 134 8.36 -9.42 -16.80
C ALA D 134 9.10 -10.48 -15.99
N VAL D 135 10.10 -10.04 -15.25
CA VAL D 135 10.86 -10.97 -14.42
C VAL D 135 9.95 -11.59 -13.37
N LYS D 136 9.13 -10.78 -12.70
CA LYS D 136 8.25 -11.26 -11.64
C LYS D 136 7.25 -12.31 -12.14
N PHE D 137 6.68 -12.06 -13.30
CA PHE D 137 5.70 -12.98 -13.91
C PHE D 137 6.30 -14.07 -14.83
N ASP D 138 7.63 -14.07 -14.96
CA ASP D 138 8.39 -15.01 -15.78
C ASP D 138 7.91 -15.05 -17.23
N LEU D 139 7.67 -13.86 -17.78
CA LEU D 139 7.33 -13.68 -19.19
C LEU D 139 8.53 -13.01 -19.86
N PRO D 140 9.09 -13.60 -20.91
CA PRO D 140 10.14 -12.92 -21.66
C PRO D 140 9.73 -11.58 -22.23
N LEU D 141 10.66 -10.63 -22.22
CA LEU D 141 10.45 -9.28 -22.72
C LEU D 141 11.12 -9.13 -24.08
N VAL D 142 10.32 -8.80 -25.09
CA VAL D 142 10.82 -8.52 -26.43
C VAL D 142 10.88 -7.01 -26.57
N VAL D 143 12.07 -6.45 -26.70
CA VAL D 143 12.15 -5.02 -26.89
C VAL D 143 12.19 -4.78 -28.38
N GLU D 144 11.30 -3.91 -28.83
CA GLU D 144 11.21 -3.55 -30.23
C GLU D 144 11.94 -2.20 -30.30
N SER D 145 13.19 -2.23 -30.79
CA SER D 145 14.09 -1.07 -30.70
C SER D 145 14.20 -0.35 -32.04
N PHE D 146 13.56 0.83 -32.11
CA PHE D 146 13.44 1.61 -33.35
C PHE D 146 13.85 3.07 -33.12
N PRO D 147 15.14 3.36 -33.16
CA PRO D 147 15.59 4.74 -33.02
C PRO D 147 14.87 5.68 -33.98
N ARG D 148 14.40 6.82 -33.46
CA ARG D 148 13.54 7.72 -34.19
C ARG D 148 13.45 9.03 -33.42
N GLY D 149 13.54 10.13 -34.16
CA GLY D 149 13.58 11.46 -33.59
C GLY D 149 15.00 11.80 -33.27
N GLY D 150 15.19 12.91 -32.59
CA GLY D 150 16.52 13.35 -32.25
C GLY D 150 17.40 13.48 -33.49
N LYS D 151 18.59 12.89 -33.42
CA LYS D 151 19.57 12.91 -34.49
C LYS D 151 19.33 11.84 -35.58
N VAL D 152 18.29 11.03 -35.43
CA VAL D 152 18.08 9.91 -36.33
C VAL D 152 17.50 10.46 -37.64
N VAL D 153 18.22 10.26 -38.73
CA VAL D 153 17.71 10.62 -40.05
C VAL D 153 17.30 9.33 -40.78
N ASN D 154 18.25 8.45 -41.02
CA ASN D 154 18.01 7.16 -41.65
C ASN D 154 17.97 6.03 -40.63
N GLU D 155 16.79 5.45 -40.47
CA GLU D 155 16.56 4.40 -39.50
C GLU D 155 17.19 3.06 -39.87
N THR D 156 17.48 2.83 -41.15
CA THR D 156 18.10 1.55 -41.57
C THR D 156 19.59 1.67 -41.81
N ALA D 157 20.18 2.77 -41.39
CA ALA D 157 21.63 2.93 -41.47
C ALA D 157 22.27 1.92 -40.55
N PRO D 158 23.42 1.38 -40.95
CA PRO D 158 24.09 0.31 -40.19
C PRO D 158 24.36 0.65 -38.73
N GLU D 159 24.84 1.85 -38.50
CA GLU D 159 25.21 2.30 -37.17
C GLU D 159 23.99 2.57 -36.30
N ILE D 160 22.86 2.93 -36.90
CA ILE D 160 21.63 3.13 -36.16
C ILE D 160 21.03 1.78 -35.77
N VAL D 161 21.03 0.81 -36.69
CA VAL D 161 20.50 -0.53 -36.39
C VAL D 161 21.33 -1.21 -35.34
N ALA D 162 22.63 -0.96 -35.34
CA ALA D 162 23.50 -1.57 -34.34
C ALA D 162 23.23 -0.90 -33.00
N TYR D 163 23.06 0.41 -33.00
CA TYR D 163 22.77 1.13 -31.75
C TYR D 163 21.47 0.58 -31.17
N ALA D 164 20.46 0.42 -32.05
CA ALA D 164 19.18 -0.15 -31.64
C ALA D 164 19.34 -1.49 -30.94
N ALA D 165 20.08 -2.39 -31.57
CA ALA D 165 20.36 -3.72 -31.00
C ALA D 165 21.07 -3.66 -29.64
N ARG D 166 22.06 -2.79 -29.54
CA ARG D 166 22.82 -2.73 -28.31
C ARG D 166 21.97 -2.18 -27.15
N ILE D 167 21.19 -1.16 -27.42
CA ILE D 167 20.33 -0.56 -26.40
C ILE D 167 19.36 -1.61 -25.84
N ALA D 168 18.77 -2.41 -26.71
CA ALA D 168 17.88 -3.47 -26.28
C ALA D 168 18.56 -4.41 -25.32
N LEU D 169 19.79 -4.84 -25.64
CA LEU D 169 20.54 -5.72 -24.76
C LEU D 169 20.77 -5.04 -23.40
N GLU D 170 21.20 -3.78 -23.44
CA GLU D 170 21.62 -3.02 -22.26
C GLU D 170 20.50 -2.80 -21.25
N LEU D 171 19.29 -2.62 -21.76
CA LEU D 171 18.13 -2.29 -20.96
C LEU D 171 17.42 -3.55 -20.45
N GLY D 172 17.80 -4.73 -20.93
CA GLY D 172 17.34 -6.00 -20.36
C GLY D 172 16.43 -6.88 -21.23
N ALA D 173 16.36 -6.58 -22.51
CA ALA D 173 15.61 -7.39 -23.45
C ALA D 173 16.01 -8.86 -23.37
N ASP D 174 15.03 -9.74 -23.42
CA ASP D 174 15.28 -11.18 -23.52
C ASP D 174 15.32 -11.65 -24.97
N ALA D 175 14.68 -10.84 -25.84
CA ALA D 175 14.79 -10.93 -27.30
C ALA D 175 14.50 -9.54 -27.80
N MET D 176 14.81 -9.28 -29.07
CA MET D 176 14.58 -7.96 -29.62
C MET D 176 14.14 -8.05 -31.05
N LYS D 177 13.48 -6.96 -31.48
CA LYS D 177 13.12 -6.76 -32.84
C LYS D 177 13.76 -5.46 -33.28
N ILE D 178 14.45 -5.50 -34.43
CA ILE D 178 15.07 -4.34 -35.08
C ILE D 178 14.86 -4.36 -36.59
N LYS D 179 15.14 -3.23 -37.22
CA LYS D 179 14.98 -3.10 -38.65
C LYS D 179 16.21 -3.67 -39.36
N TYR D 180 16.00 -4.14 -40.58
CA TYR D 180 17.08 -4.63 -41.43
C TYR D 180 17.85 -3.46 -42.05
N THR D 181 19.17 -3.61 -42.12
CA THR D 181 20.02 -2.61 -42.74
C THR D 181 20.03 -2.76 -44.26
N GLY D 182 19.53 -3.87 -44.80
CA GLY D 182 19.57 -4.12 -46.23
C GLY D 182 20.67 -5.03 -46.74
N ASP D 183 21.61 -5.40 -45.87
CA ASP D 183 22.62 -6.38 -46.24
C ASP D 183 23.17 -7.18 -45.05
N PRO D 184 23.58 -8.42 -45.30
CA PRO D 184 24.00 -9.33 -44.22
C PRO D 184 25.26 -8.89 -43.45
N LYS D 185 26.18 -8.18 -44.10
CA LYS D 185 27.43 -7.79 -43.43
C LYS D 185 27.18 -6.79 -42.30
N THR D 186 26.48 -5.71 -42.62
CA THR D 186 26.18 -4.68 -41.62
C THR D 186 25.22 -5.18 -40.58
N PHE D 187 24.26 -6.00 -41.00
CA PHE D 187 23.28 -6.53 -40.08
C PHE D 187 23.90 -7.53 -39.12
N SER D 188 24.96 -8.23 -39.56
CA SER D 188 25.67 -9.19 -38.69
C SER D 188 26.40 -8.50 -37.54
N TRP D 189 26.80 -7.24 -37.75
CA TRP D 189 27.37 -6.45 -36.67
C TRP D 189 26.30 -6.10 -35.63
N ALA D 190 25.08 -5.78 -36.06
CA ALA D 190 23.98 -5.56 -35.14
C ALA D 190 23.73 -6.85 -34.32
N VAL D 191 23.74 -7.99 -35.01
CA VAL D 191 23.53 -9.26 -34.36
C VAL D 191 24.61 -9.52 -33.30
N LYS D 192 25.83 -9.11 -33.61
CA LYS D 192 26.99 -9.37 -32.78
C LYS D 192 26.87 -8.59 -31.50
N VAL D 193 26.58 -7.29 -31.64
CA VAL D 193 26.51 -6.42 -30.46
C VAL D 193 25.32 -6.71 -29.60
N ALA D 194 24.32 -7.39 -30.15
CA ALA D 194 23.18 -7.92 -29.35
C ALA D 194 23.61 -9.09 -28.42
N GLY D 195 24.79 -9.67 -28.68
CA GLY D 195 25.30 -10.75 -27.83
C GLY D 195 24.39 -11.96 -27.69
N LYS D 196 24.18 -12.39 -26.43
CA LYS D 196 23.31 -13.54 -26.10
C LYS D 196 21.79 -13.33 -26.37
N VAL D 197 21.38 -12.13 -26.75
CA VAL D 197 19.97 -11.83 -26.96
C VAL D 197 19.60 -12.01 -28.41
N PRO D 198 18.66 -12.90 -28.72
CA PRO D 198 18.34 -13.17 -30.13
C PRO D 198 17.66 -11.98 -30.78
N VAL D 199 17.89 -11.86 -32.09
CA VAL D 199 17.41 -10.78 -32.92
C VAL D 199 16.39 -11.27 -33.92
N LEU D 200 15.27 -10.56 -33.97
CA LEU D 200 14.26 -10.72 -34.99
C LEU D 200 14.26 -9.49 -35.92
N MET D 201 14.31 -9.74 -37.21
CA MET D 201 14.14 -8.70 -38.20
C MET D 201 12.68 -8.29 -38.32
N SER D 202 12.41 -7.00 -38.20
CA SER D 202 11.11 -6.46 -38.53
C SER D 202 10.92 -6.47 -40.07
N GLY D 203 9.78 -6.98 -40.54
CA GLY D 203 9.58 -7.24 -41.97
C GLY D 203 9.60 -6.00 -42.86
N GLY D 204 8.95 -4.92 -42.42
CA GLY D 204 8.86 -3.67 -43.18
C GLY D 204 7.74 -3.61 -44.21
N PRO D 205 7.66 -2.49 -44.93
CA PRO D 205 6.67 -2.33 -46.02
C PRO D 205 6.68 -3.51 -46.99
N LYS D 206 5.52 -3.80 -47.57
CA LYS D 206 5.41 -4.84 -48.59
C LYS D 206 6.39 -4.53 -49.72
N THR D 207 7.29 -5.47 -49.99
CA THR D 207 8.26 -5.35 -51.09
C THR D 207 7.61 -5.45 -52.46
N LYS D 208 8.35 -5.05 -53.47
CA LYS D 208 7.78 -5.00 -54.81
C LYS D 208 7.45 -6.41 -55.32
N THR D 209 8.33 -7.37 -55.03
CA THR D 209 8.14 -8.76 -55.41
C THR D 209 8.31 -9.66 -54.20
N GLU D 210 7.74 -10.86 -54.25
CA GLU D 210 7.90 -11.83 -53.17
C GLU D 210 9.38 -12.21 -53.07
N GLU D 211 10.05 -12.31 -54.22
CA GLU D 211 11.49 -12.62 -54.28
C GLU D 211 12.37 -11.63 -53.51
N ASP D 212 12.04 -10.35 -53.59
CA ASP D 212 12.78 -9.30 -52.86
C ASP D 212 12.78 -9.58 -51.36
N PHE D 213 11.62 -9.87 -50.80
CA PHE D 213 11.51 -10.14 -49.36
C PHE D 213 12.27 -11.41 -48.99
N LEU D 214 12.15 -12.46 -49.80
CA LEU D 214 12.85 -13.72 -49.53
C LEU D 214 14.36 -13.52 -49.47
N LYS D 215 14.88 -12.67 -50.34
CA LYS D 215 16.31 -12.37 -50.38
C LYS D 215 16.70 -11.64 -49.10
N GLN D 216 15.85 -10.72 -48.64
CA GLN D 216 16.08 -10.04 -47.35
C GLN D 216 16.15 -11.00 -46.17
N VAL D 217 15.16 -11.88 -46.08
CA VAL D 217 15.10 -12.87 -45.00
C VAL D 217 16.32 -13.77 -45.03
N GLU D 218 16.77 -14.14 -46.23
CA GLU D 218 17.98 -14.94 -46.36
C GLU D 218 19.11 -14.15 -45.66
N GLY D 219 19.19 -12.87 -45.98
CA GLY D 219 20.33 -12.05 -45.55
C GLY D 219 20.32 -11.97 -44.06
N VAL D 220 19.10 -11.90 -43.54
CA VAL D 220 18.86 -11.86 -42.11
C VAL D 220 19.40 -13.12 -41.45
N LEU D 221 19.12 -14.26 -42.06
CA LEU D 221 19.51 -15.55 -41.51
C LEU D 221 21.03 -15.75 -41.64
N GLU D 222 21.59 -15.33 -42.79
CA GLU D 222 23.05 -15.29 -43.07
C GLU D 222 23.77 -14.49 -42.00
N ALA D 223 23.15 -13.39 -41.55
CA ALA D 223 23.77 -12.51 -40.55
C ALA D 223 23.72 -13.09 -39.12
N GLY D 224 22.96 -14.17 -38.96
CA GLY D 224 22.91 -14.90 -37.70
C GLY D 224 21.70 -14.54 -36.85
N ALA D 225 20.72 -13.84 -37.40
CA ALA D 225 19.52 -13.51 -36.65
C ALA D 225 18.68 -14.76 -36.40
N LEU D 226 17.86 -14.71 -35.37
CA LEU D 226 16.97 -15.81 -35.01
C LEU D 226 15.86 -15.99 -36.02
N GLY D 227 15.43 -14.91 -36.65
CA GLY D 227 14.30 -15.01 -37.56
C GLY D 227 13.67 -13.67 -37.86
N ILE D 228 12.37 -13.70 -38.11
CA ILE D 228 11.62 -12.52 -38.51
C ILE D 228 10.34 -12.35 -37.70
N ALA D 229 9.96 -11.08 -37.56
CA ALA D 229 8.68 -10.67 -37.03
C ALA D 229 8.10 -9.93 -38.22
N VAL D 230 7.19 -10.58 -38.93
CA VAL D 230 6.69 -10.06 -40.21
C VAL D 230 5.18 -9.86 -40.14
N GLY D 231 4.70 -8.77 -40.71
CA GLY D 231 3.29 -8.46 -40.79
C GLY D 231 2.91 -8.25 -42.25
N ARG D 232 3.17 -7.05 -42.76
CA ARG D 232 2.68 -6.68 -44.07
C ARG D 232 3.09 -7.62 -45.21
N ASN D 233 4.34 -8.05 -45.17
CA ASN D 233 4.86 -8.92 -46.24
C ASN D 233 4.27 -10.32 -46.27
N VAL D 234 3.51 -10.68 -45.25
CA VAL D 234 2.61 -11.80 -45.32
C VAL D 234 1.18 -11.32 -45.57
N TRP D 235 0.55 -10.68 -44.58
CA TRP D 235 -0.90 -10.51 -44.66
C TRP D 235 -1.43 -9.41 -45.57
N GLN D 236 -0.55 -8.55 -46.08
CA GLN D 236 -0.97 -7.58 -47.09
C GLN D 236 -1.04 -8.19 -48.49
N ARG D 237 -0.66 -9.46 -48.60
CA ARG D 237 -0.65 -10.20 -49.86
C ARG D 237 -1.89 -11.04 -49.97
N ARG D 238 -2.55 -11.00 -51.14
CA ARG D 238 -3.77 -11.79 -51.35
C ARG D 238 -3.49 -13.30 -51.35
N ASP D 239 -2.24 -13.68 -51.64
CA ASP D 239 -1.78 -15.08 -51.49
C ASP D 239 -1.00 -15.25 -50.17
N ALA D 240 -1.56 -14.74 -49.11
CA ALA D 240 -0.89 -14.70 -47.81
C ALA D 240 -0.36 -16.07 -47.38
N LEU D 241 -1.23 -17.07 -47.42
CA LEU D 241 -0.91 -18.37 -46.86
C LEU D 241 0.17 -19.04 -47.69
N LYS D 242 0.06 -18.96 -49.03
CA LYS D 242 1.03 -19.59 -49.93
C LYS D 242 2.45 -19.01 -49.79
N PHE D 243 2.51 -17.68 -49.62
CA PHE D 243 3.79 -17.01 -49.42
C PHE D 243 4.31 -17.26 -48.01
N ALA D 244 3.40 -17.29 -47.02
CA ALA D 244 3.79 -17.61 -45.65
C ALA D 244 4.44 -19.00 -45.59
N ARG D 245 3.92 -19.94 -46.38
CA ARG D 245 4.48 -21.30 -46.36
C ARG D 245 5.86 -21.31 -47.00
N ALA D 246 6.06 -20.50 -48.04
CA ALA D 246 7.40 -20.31 -48.60
C ALA D 246 8.34 -19.71 -47.53
N LEU D 247 7.88 -18.75 -46.75
CA LEU D 247 8.72 -18.16 -45.67
C LEU D 247 9.13 -19.11 -44.54
N ALA D 248 8.17 -19.95 -44.15
CA ALA D 248 8.41 -21.12 -43.28
C ALA D 248 9.43 -22.13 -43.87
N GLU D 249 9.30 -22.52 -45.14
CA GLU D 249 10.28 -23.44 -45.74
C GLU D 249 11.70 -22.83 -45.69
N LEU D 250 11.80 -21.51 -45.89
CA LEU D 250 13.11 -20.85 -45.96
C LEU D 250 13.75 -20.77 -44.60
N VAL D 251 12.97 -20.26 -43.66
CA VAL D 251 13.45 -20.00 -42.34
C VAL D 251 13.75 -21.28 -41.55
N TYR D 252 12.81 -22.22 -41.56
CA TYR D 252 12.96 -23.49 -40.86
C TYR D 252 13.74 -24.47 -41.74
N ASN E 3 -17.33 -11.51 -20.77
CA ASN E 3 -17.47 -10.78 -22.04
C ASN E 3 -18.30 -9.53 -21.80
N LEU E 4 -17.61 -8.41 -21.69
CA LEU E 4 -18.29 -7.17 -21.38
C LEU E 4 -19.02 -6.53 -22.55
N THR E 5 -18.65 -6.88 -23.78
CA THR E 5 -19.42 -6.51 -24.94
C THR E 5 -20.81 -7.14 -24.84
N GLU E 6 -20.86 -8.42 -24.50
CA GLU E 6 -22.16 -9.09 -24.34
C GLU E 6 -22.99 -8.44 -23.24
N LYS E 7 -22.37 -8.00 -22.15
CA LYS E 7 -23.08 -7.30 -21.09
C LYS E 7 -23.61 -5.95 -21.56
N PHE E 8 -22.76 -5.22 -22.30
CA PHE E 8 -23.15 -3.97 -22.93
C PHE E 8 -24.39 -4.14 -23.82
N LEU E 9 -24.37 -5.12 -24.70
CA LEU E 9 -25.50 -5.37 -25.61
C LEU E 9 -26.76 -5.75 -24.87
N ARG E 10 -26.62 -6.51 -23.78
CA ARG E 10 -27.79 -6.92 -23.01
C ARG E 10 -28.48 -5.72 -22.38
N ILE E 11 -27.67 -4.79 -21.88
CA ILE E 11 -28.21 -3.66 -21.12
C ILE E 11 -28.66 -2.55 -22.06
N PHE E 12 -27.81 -2.24 -23.04
CA PHE E 12 -27.98 -1.08 -23.91
C PHE E 12 -28.52 -1.41 -25.31
N ALA E 13 -28.64 -2.68 -25.65
CA ALA E 13 -29.17 -3.04 -26.96
C ALA E 13 -30.03 -4.29 -26.92
N ARG E 14 -30.96 -4.30 -25.99
CA ARG E 14 -31.89 -5.42 -25.85
C ARG E 14 -32.72 -5.69 -27.10
N ARG E 15 -33.02 -4.64 -27.87
CA ARG E 15 -33.82 -4.79 -29.07
C ARG E 15 -32.97 -5.05 -30.31
N GLY E 16 -31.65 -5.14 -30.12
CA GLY E 16 -30.73 -5.52 -31.18
C GLY E 16 -29.94 -4.35 -31.76
N LYS E 17 -30.44 -3.13 -31.49
CA LYS E 17 -29.84 -1.87 -31.89
C LYS E 17 -29.97 -0.95 -30.67
N SER E 18 -29.23 0.16 -30.65
CA SER E 18 -29.16 0.99 -29.47
C SER E 18 -29.29 2.48 -29.81
N ILE E 19 -30.03 3.21 -28.97
CA ILE E 19 -30.01 4.66 -28.97
C ILE E 19 -29.64 5.11 -27.57
N ILE E 20 -28.58 5.89 -27.48
CA ILE E 20 -28.10 6.42 -26.21
C ILE E 20 -28.25 7.91 -26.27
N LEU E 21 -28.87 8.50 -25.26
CA LEU E 21 -29.03 9.95 -25.20
C LEU E 21 -27.83 10.58 -24.49
N ALA E 22 -27.03 11.30 -25.26
CA ALA E 22 -25.77 11.84 -24.81
C ALA E 22 -26.01 13.19 -24.17
N TYR E 23 -25.45 13.42 -23.01
CA TYR E 23 -25.66 14.64 -22.28
C TYR E 23 -24.43 15.05 -21.45
N ASP E 24 -23.25 14.88 -22.04
CA ASP E 24 -22.01 15.45 -21.46
C ASP E 24 -21.72 16.84 -21.96
N HIS E 25 -22.64 17.43 -22.72
CA HIS E 25 -22.36 18.65 -23.45
C HIS E 25 -22.10 19.83 -22.52
N GLY E 26 -22.67 19.81 -21.33
CA GLY E 26 -22.49 20.92 -20.40
C GLY E 26 -21.03 21.25 -20.11
N ILE E 27 -20.17 20.24 -20.11
CA ILE E 27 -18.74 20.45 -19.95
C ILE E 27 -18.04 20.56 -21.30
N GLU E 28 -18.32 19.67 -22.24
CA GLU E 28 -17.62 19.65 -23.55
C GLU E 28 -17.84 20.92 -24.35
N HIS E 29 -19.08 21.42 -24.36
CA HIS E 29 -19.43 22.61 -25.15
C HIS E 29 -19.96 23.78 -24.31
N GLY E 30 -20.44 23.49 -23.13
CA GLY E 30 -20.99 24.54 -22.31
C GLY E 30 -22.45 24.74 -22.65
N PRO E 31 -23.13 25.56 -21.87
CA PRO E 31 -24.57 25.68 -21.95
C PRO E 31 -25.12 26.49 -23.11
N ALA E 32 -24.30 27.02 -24.00
CA ALA E 32 -24.81 27.64 -25.21
C ALA E 32 -25.62 26.63 -26.07
N ASP E 33 -25.27 25.35 -25.99
CA ASP E 33 -25.99 24.21 -26.60
C ASP E 33 -27.46 24.18 -26.15
N PHE E 34 -27.76 24.75 -24.97
CA PHE E 34 -29.07 24.62 -24.34
C PHE E 34 -30.05 25.77 -24.59
N MET E 35 -29.61 26.85 -25.22
CA MET E 35 -30.49 28.02 -25.47
C MET E 35 -31.65 27.72 -26.44
N ASP E 36 -31.40 26.91 -27.47
CA ASP E 36 -32.43 26.59 -28.47
C ASP E 36 -33.72 26.03 -27.84
N ASN E 37 -33.53 25.17 -26.82
CA ASN E 37 -34.61 24.47 -26.13
C ASN E 37 -34.22 24.47 -24.64
N PRO E 38 -34.43 25.60 -23.96
CA PRO E 38 -33.94 25.79 -22.58
C PRO E 38 -34.20 24.64 -21.62
N ASP E 39 -35.29 23.89 -21.80
CA ASP E 39 -35.55 22.75 -20.95
C ASP E 39 -34.41 21.75 -21.00
N SER E 40 -33.64 21.74 -22.10
CA SER E 40 -32.47 20.84 -22.23
C SER E 40 -31.34 21.06 -21.20
N ALA E 41 -31.30 22.22 -20.57
CA ALA E 41 -30.40 22.49 -19.42
C ALA E 41 -30.79 21.76 -18.14
N ASP E 42 -32.01 21.27 -18.06
CA ASP E 42 -32.51 20.56 -16.89
C ASP E 42 -32.30 19.04 -17.08
N PRO E 43 -31.37 18.43 -16.32
CA PRO E 43 -31.13 17.00 -16.46
C PRO E 43 -32.38 16.14 -16.18
N GLU E 44 -33.32 16.61 -15.35
CA GLU E 44 -34.56 15.90 -15.14
C GLU E 44 -35.36 15.76 -16.44
N TYR E 45 -35.38 16.80 -17.24
CA TYR E 45 -36.03 16.78 -18.55
C TYR E 45 -35.36 15.76 -19.46
N ILE E 46 -34.04 15.72 -19.46
CA ILE E 46 -33.28 14.74 -20.24
C ILE E 46 -33.61 13.27 -19.87
N LEU E 47 -33.74 13.00 -18.59
CA LEU E 47 -34.14 11.65 -18.14
C LEU E 47 -35.55 11.28 -18.58
N ARG E 48 -36.48 12.23 -18.47
CA ARG E 48 -37.87 11.98 -18.84
C ARG E 48 -37.96 11.72 -20.33
N LEU E 49 -37.19 12.50 -21.09
CA LEU E 49 -37.09 12.34 -22.54
C LEU E 49 -36.57 10.96 -22.95
N ALA E 50 -35.46 10.51 -22.34
CA ALA E 50 -34.92 9.18 -22.64
C ALA E 50 -35.90 8.06 -22.31
N ARG E 51 -36.57 8.18 -21.17
CA ARG E 51 -37.63 7.26 -20.77
C ARG E 51 -38.81 7.27 -21.77
N ASP E 52 -39.43 8.43 -21.92
CA ASP E 52 -40.61 8.60 -22.76
C ASP E 52 -40.38 8.18 -24.20
N ALA E 53 -39.15 8.35 -24.70
CA ALA E 53 -38.84 7.99 -26.08
C ALA E 53 -38.44 6.51 -26.21
N GLY E 54 -38.18 5.87 -25.08
CA GLY E 54 -37.86 4.45 -25.04
C GLY E 54 -36.42 4.15 -25.36
N PHE E 55 -35.53 5.10 -25.10
CA PHE E 55 -34.10 4.93 -25.37
C PHE E 55 -33.41 3.99 -24.38
N ASP E 56 -32.20 3.55 -24.73
CA ASP E 56 -31.50 2.51 -23.97
C ASP E 56 -30.66 3.00 -22.82
N GLY E 57 -30.29 4.28 -22.87
CA GLY E 57 -29.37 4.83 -21.89
C GLY E 57 -29.18 6.32 -22.04
N VAL E 58 -28.49 6.88 -21.04
CA VAL E 58 -28.04 8.25 -21.04
C VAL E 58 -26.54 8.28 -20.72
N VAL E 59 -25.82 9.29 -21.21
CA VAL E 59 -24.42 9.50 -20.87
C VAL E 59 -24.35 10.78 -20.02
N PHE E 60 -23.90 10.67 -18.78
CA PHE E 60 -23.76 11.82 -17.86
C PHE E 60 -22.30 11.89 -17.36
N GLN E 61 -21.83 13.10 -17.08
CA GLN E 61 -20.63 13.32 -16.23
C GLN E 61 -21.02 13.06 -14.79
N ARG E 62 -20.02 12.87 -13.95
CA ARG E 62 -20.22 12.49 -12.56
C ARG E 62 -21.10 13.41 -11.75
N GLY E 63 -21.06 14.71 -12.02
CA GLY E 63 -21.80 15.66 -11.20
C GLY E 63 -23.30 15.58 -11.47
N ILE E 64 -23.65 15.46 -12.75
CA ILE E 64 -25.02 15.25 -13.16
C ILE E 64 -25.54 13.89 -12.69
N ALA E 65 -24.74 12.84 -12.84
CA ALA E 65 -25.14 11.55 -12.27
C ALA E 65 -25.40 11.64 -10.75
N GLU E 66 -24.50 12.29 -10.01
CA GLU E 66 -24.63 12.31 -8.54
C GLU E 66 -25.89 13.05 -8.14
N LYS E 67 -26.11 14.20 -8.77
CA LYS E 67 -27.19 15.12 -8.35
C LYS E 67 -28.57 14.74 -8.90
N TYR E 68 -28.59 14.06 -10.04
CA TYR E 68 -29.84 13.81 -10.78
C TYR E 68 -30.21 12.38 -11.12
N TYR E 69 -29.22 11.48 -11.25
CA TYR E 69 -29.51 10.14 -11.72
C TYR E 69 -30.41 9.43 -10.74
N ASP E 70 -31.46 8.83 -11.26
CA ASP E 70 -32.58 8.28 -10.49
C ASP E 70 -32.85 6.80 -10.82
N GLY E 71 -31.93 6.18 -11.55
CA GLY E 71 -32.04 4.75 -11.85
C GLY E 71 -33.02 4.35 -12.95
N SER E 72 -33.64 5.31 -13.62
CA SER E 72 -34.78 5.05 -14.50
C SER E 72 -34.45 4.59 -15.93
N VAL E 73 -33.23 4.87 -16.36
CA VAL E 73 -32.70 4.47 -17.66
C VAL E 73 -31.23 4.11 -17.39
N PRO E 74 -30.70 3.06 -17.98
CA PRO E 74 -29.27 2.74 -17.77
C PRO E 74 -28.31 3.92 -18.02
N LEU E 75 -27.27 4.00 -17.21
CA LEU E 75 -26.36 5.12 -17.21
C LEU E 75 -24.98 4.69 -17.69
N ILE E 76 -24.42 5.47 -18.62
CA ILE E 76 -23.03 5.43 -19.01
C ILE E 76 -22.41 6.66 -18.39
N LEU E 77 -21.49 6.44 -17.45
CA LEU E 77 -20.76 7.52 -16.77
C LEU E 77 -19.53 7.89 -17.61
N LYS E 78 -19.59 9.09 -18.19
CA LYS E 78 -18.52 9.68 -18.97
C LYS E 78 -17.45 10.16 -18.01
N LEU E 79 -16.30 9.49 -18.00
CA LEU E 79 -15.30 9.68 -16.93
C LEU E 79 -14.42 10.90 -17.11
N ASN E 80 -14.11 11.25 -18.35
CA ASN E 80 -13.22 12.38 -18.59
C ASN E 80 -14.01 13.56 -19.09
N GLY E 81 -13.35 14.64 -19.44
CA GLY E 81 -14.06 15.78 -19.98
C GLY E 81 -13.15 16.97 -20.09
N LYS E 82 -13.34 17.73 -21.16
CA LYS E 82 -12.60 18.96 -21.42
C LYS E 82 -13.59 20.01 -21.95
N THR E 83 -13.13 21.24 -22.08
CA THR E 83 -13.95 22.35 -22.56
C THR E 83 -13.48 22.80 -23.91
N THR E 84 -14.35 23.49 -24.62
CA THR E 84 -13.96 24.15 -25.87
C THR E 84 -13.20 25.43 -25.64
N LEU E 85 -13.18 25.95 -24.39
CA LEU E 85 -12.37 27.12 -24.08
C LEU E 85 -10.87 26.83 -24.19
N TYR E 86 -10.52 25.57 -24.00
CA TYR E 86 -9.14 25.11 -24.04
C TYR E 86 -8.57 25.24 -25.46
N ASN E 87 -7.35 25.75 -25.55
CA ASN E 87 -6.64 25.93 -26.80
C ASN E 87 -5.46 25.00 -27.03
N GLY E 88 -5.07 24.17 -26.08
CA GLY E 88 -3.91 23.31 -26.32
C GLY E 88 -4.10 22.11 -27.25
N GLU E 89 -3.09 21.25 -27.26
CA GLU E 89 -3.21 19.96 -27.96
C GLU E 89 -4.32 19.23 -27.20
N PRO E 90 -5.29 18.65 -27.92
CA PRO E 90 -6.50 18.11 -27.30
C PRO E 90 -6.21 17.08 -26.24
N VAL E 91 -6.80 17.26 -25.07
CA VAL E 91 -6.58 16.33 -23.99
C VAL E 91 -7.79 16.37 -23.08
N SER E 92 -8.20 15.21 -22.60
CA SER E 92 -9.36 15.08 -21.72
C SER E 92 -8.99 14.05 -20.64
N VAL E 93 -8.89 14.49 -19.38
CA VAL E 93 -8.48 13.59 -18.29
C VAL E 93 -9.66 13.19 -17.41
N ALA E 94 -9.53 12.06 -16.74
CA ALA E 94 -10.58 11.56 -15.89
C ALA E 94 -10.83 12.47 -14.73
N ASN E 95 -12.09 12.77 -14.47
CA ASN E 95 -12.49 13.49 -13.27
C ASN E 95 -13.24 12.58 -12.29
N CYS E 96 -13.28 11.29 -12.63
CA CYS E 96 -14.02 10.27 -11.89
C CYS E 96 -13.33 8.94 -12.11
N SER E 97 -13.38 8.07 -11.10
CA SER E 97 -12.87 6.69 -11.20
C SER E 97 -13.99 5.76 -11.56
N VAL E 98 -13.63 4.58 -12.04
CA VAL E 98 -14.59 3.54 -12.30
C VAL E 98 -15.27 3.13 -11.02
N GLU E 99 -14.53 3.05 -9.92
CA GLU E 99 -15.16 2.63 -8.65
C GLU E 99 -16.28 3.62 -8.25
N GLU E 100 -16.03 4.92 -8.43
CA GLU E 100 -17.02 5.93 -8.08
C GLU E 100 -18.22 5.83 -9.02
N ALA E 101 -17.96 5.52 -10.29
CA ALA E 101 -19.03 5.32 -11.28
C ALA E 101 -19.99 4.20 -10.87
N VAL E 102 -19.43 3.10 -10.38
CA VAL E 102 -20.19 2.03 -9.84
C VAL E 102 -21.09 2.53 -8.72
N SER E 103 -20.50 3.29 -7.77
CA SER E 103 -21.29 3.88 -6.68
C SER E 103 -22.42 4.84 -7.15
N LEU E 104 -22.22 5.46 -8.30
CA LEU E 104 -23.15 6.42 -8.90
C LEU E 104 -24.27 5.75 -9.73
N GLY E 105 -24.21 4.41 -9.86
CA GLY E 105 -25.23 3.62 -10.50
C GLY E 105 -25.00 3.36 -11.97
N ALA E 106 -23.79 3.59 -12.42
CA ALA E 106 -23.41 3.35 -13.82
C ALA E 106 -23.51 1.89 -14.18
N SER E 107 -23.99 1.60 -15.39
CA SER E 107 -23.94 0.26 -16.01
C SER E 107 -22.82 0.13 -17.02
N ALA E 108 -22.23 1.24 -17.40
CA ALA E 108 -21.01 1.28 -18.20
C ALA E 108 -20.27 2.59 -17.94
N VAL E 109 -19.04 2.64 -18.43
CA VAL E 109 -18.24 3.86 -18.38
C VAL E 109 -17.79 4.24 -19.76
N GLY E 110 -17.63 5.53 -19.95
CA GLY E 110 -17.16 6.11 -21.19
C GLY E 110 -15.90 6.91 -21.00
N TYR E 111 -15.06 6.90 -22.01
CA TYR E 111 -13.79 7.62 -21.99
C TYR E 111 -13.42 8.11 -23.40
N THR E 112 -13.21 9.40 -23.52
CA THR E 112 -12.79 10.00 -24.81
C THR E 112 -11.30 9.93 -25.04
N ILE E 113 -10.92 9.52 -26.25
CA ILE E 113 -9.53 9.62 -26.66
C ILE E 113 -9.45 10.47 -27.92
N TYR E 114 -8.33 11.18 -28.08
CA TYR E 114 -8.05 12.00 -29.27
C TYR E 114 -6.74 11.52 -29.92
N PRO E 115 -6.81 10.41 -30.65
CA PRO E 115 -5.66 9.94 -31.42
C PRO E 115 -5.10 11.03 -32.29
N GLY E 116 -3.79 11.09 -32.37
CA GLY E 116 -3.08 12.14 -33.10
C GLY E 116 -2.66 13.32 -32.23
N SER E 117 -3.37 13.57 -31.14
CA SER E 117 -3.06 14.71 -30.29
C SER E 117 -1.62 14.62 -29.80
N GLY E 118 -0.97 15.76 -29.62
CA GLY E 118 0.30 15.86 -28.90
C GLY E 118 0.22 15.18 -27.53
N PHE E 119 -0.98 15.10 -26.97
CA PHE E 119 -1.21 14.42 -25.69
C PHE E 119 -1.82 13.04 -25.84
N GLU E 120 -1.71 12.44 -27.04
CA GLU E 120 -2.23 11.11 -27.30
C GLU E 120 -1.84 10.16 -26.15
N TRP E 121 -0.56 10.19 -25.82
CA TRP E 121 0.09 9.37 -24.79
C TRP E 121 -0.56 9.51 -23.41
N LYS E 122 -0.98 10.73 -23.07
CA LYS E 122 -1.58 10.95 -21.76
C LYS E 122 -2.93 10.23 -21.60
N MET E 123 -3.75 10.26 -22.66
CA MET E 123 -5.03 9.57 -22.66
C MET E 123 -4.87 8.06 -22.78
N PHE E 124 -3.93 7.56 -23.60
CA PHE E 124 -3.68 6.12 -23.67
C PHE E 124 -3.20 5.60 -22.30
N GLU E 125 -2.30 6.33 -21.65
CA GLU E 125 -1.84 5.96 -20.32
C GLU E 125 -2.98 5.84 -19.27
N GLU E 126 -3.84 6.85 -19.21
CA GLU E 126 -4.97 6.84 -18.30
C GLU E 126 -6.00 5.78 -18.67
N LEU E 127 -6.30 5.67 -19.96
CA LEU E 127 -7.22 4.66 -20.41
C LEU E 127 -6.79 3.26 -19.96
N ALA E 128 -5.50 3.01 -19.91
CA ALA E 128 -5.00 1.71 -19.47
C ALA E 128 -5.46 1.41 -18.06
N ARG E 129 -5.45 2.43 -17.21
CA ARG E 129 -5.88 2.24 -15.83
C ARG E 129 -7.39 2.10 -15.76
N ILE E 130 -8.10 2.86 -16.57
CA ILE E 130 -9.55 2.82 -16.59
C ILE E 130 -10.04 1.45 -17.14
N LYS E 131 -9.42 0.97 -18.21
CA LYS E 131 -9.70 -0.37 -18.75
C LYS E 131 -9.50 -1.50 -17.70
N ARG E 132 -8.39 -1.47 -16.99
CA ARG E 132 -8.12 -2.47 -15.94
C ARG E 132 -9.22 -2.40 -14.84
N ASP E 133 -9.63 -1.20 -14.50
CA ASP E 133 -10.67 -1.01 -13.49
C ASP E 133 -12.05 -1.44 -14.01
N ALA E 134 -12.32 -1.20 -15.28
CA ALA E 134 -13.59 -1.67 -15.92
C ALA E 134 -13.75 -3.18 -15.83
N VAL E 135 -12.65 -3.90 -16.10
CA VAL E 135 -12.63 -5.35 -16.02
C VAL E 135 -12.83 -5.79 -14.57
N LYS E 136 -12.16 -5.12 -13.65
CA LYS E 136 -12.23 -5.47 -12.23
C LYS E 136 -13.68 -5.34 -11.69
N PHE E 137 -14.33 -4.24 -12.06
CA PHE E 137 -15.69 -3.92 -11.59
C PHE E 137 -16.77 -4.47 -12.53
N ASP E 138 -16.37 -5.16 -13.60
CA ASP E 138 -17.29 -5.75 -14.61
C ASP E 138 -18.26 -4.69 -15.15
N LEU E 139 -17.74 -3.53 -15.49
CA LEU E 139 -18.48 -2.45 -16.15
C LEU E 139 -17.94 -2.32 -17.57
N PRO E 140 -18.77 -2.48 -18.62
CA PRO E 140 -18.29 -2.27 -19.99
C PRO E 140 -17.70 -0.89 -20.21
N LEU E 141 -16.61 -0.83 -21.00
CA LEU E 141 -15.94 0.39 -21.38
C LEU E 141 -16.34 0.79 -22.78
N VAL E 142 -16.88 2.00 -22.90
CA VAL E 142 -17.19 2.62 -24.20
C VAL E 142 -16.10 3.64 -24.47
N VAL E 143 -15.32 3.41 -25.52
CA VAL E 143 -14.28 4.34 -25.90
C VAL E 143 -14.88 5.21 -26.99
N GLU E 144 -14.82 6.50 -26.75
CA GLU E 144 -15.26 7.56 -27.67
C GLU E 144 -13.99 8.01 -28.38
N SER E 145 -13.84 7.57 -29.63
CA SER E 145 -12.58 7.71 -30.35
C SER E 145 -12.72 8.77 -31.42
N PHE E 146 -12.10 9.91 -31.17
CA PHE E 146 -12.22 11.13 -31.99
C PHE E 146 -10.86 11.68 -32.29
N PRO E 147 -10.21 11.16 -33.33
CA PRO E 147 -8.92 11.70 -33.75
C PRO E 147 -8.98 13.18 -33.97
N ARG E 148 -7.99 13.88 -33.44
CA ARG E 148 -7.98 15.32 -33.41
C ARG E 148 -6.61 15.74 -32.98
N GLY E 149 -6.08 16.78 -33.64
CA GLY E 149 -4.72 17.25 -33.42
C GLY E 149 -3.79 16.48 -34.32
N GLY E 150 -2.49 16.75 -34.20
CA GLY E 150 -1.51 16.13 -35.07
C GLY E 150 -1.79 16.34 -36.54
N LYS E 151 -1.75 15.26 -37.30
CA LYS E 151 -1.95 15.33 -38.74
C LYS E 151 -3.44 15.36 -39.12
N VAL E 152 -4.35 15.32 -38.15
CA VAL E 152 -5.78 15.18 -38.47
C VAL E 152 -6.28 16.52 -39.04
N VAL E 153 -6.72 16.53 -40.29
CA VAL E 153 -7.33 17.72 -40.91
C VAL E 153 -8.82 17.60 -41.23
N ASN E 154 -9.36 16.38 -41.20
CA ASN E 154 -10.77 16.17 -41.52
C ASN E 154 -11.25 14.98 -40.68
N GLU E 155 -11.90 15.30 -39.57
CA GLU E 155 -12.33 14.28 -38.63
C GLU E 155 -13.34 13.25 -39.17
N THR E 156 -14.04 13.58 -40.26
CA THR E 156 -14.99 12.65 -40.85
C THR E 156 -14.49 12.02 -42.14
N ALA E 157 -13.21 12.20 -42.47
CA ALA E 157 -12.62 11.49 -43.59
C ALA E 157 -12.72 9.98 -43.40
N PRO E 158 -12.97 9.23 -44.47
CA PRO E 158 -13.14 7.76 -44.35
C PRO E 158 -12.03 7.07 -43.56
N GLU E 159 -10.80 7.41 -43.88
CA GLU E 159 -9.62 6.78 -43.29
C GLU E 159 -9.39 7.21 -41.84
N ILE E 160 -9.84 8.41 -41.47
CA ILE E 160 -9.73 8.88 -40.09
C ILE E 160 -10.75 8.16 -39.24
N VAL E 161 -11.98 8.01 -39.74
CA VAL E 161 -12.99 7.32 -38.94
C VAL E 161 -12.68 5.83 -38.79
N ALA E 162 -12.28 5.17 -39.88
CA ALA E 162 -11.81 3.78 -39.76
C ALA E 162 -10.63 3.65 -38.76
N TYR E 163 -9.70 4.61 -38.77
CA TYR E 163 -8.56 4.59 -37.80
C TYR E 163 -9.13 4.71 -36.40
N ALA E 164 -10.09 5.60 -36.22
CA ALA E 164 -10.67 5.83 -34.91
C ALA E 164 -11.24 4.53 -34.37
N ALA E 165 -11.97 3.83 -35.23
CA ALA E 165 -12.64 2.61 -34.86
C ALA E 165 -11.63 1.52 -34.51
N ARG E 166 -10.59 1.40 -35.32
CA ARG E 166 -9.65 0.30 -35.13
C ARG E 166 -8.91 0.57 -33.79
N ILE E 167 -8.53 1.81 -33.53
CA ILE E 167 -7.80 2.14 -32.28
C ILE E 167 -8.63 1.74 -31.06
N ALA E 168 -9.93 1.97 -31.10
CA ALA E 168 -10.79 1.65 -29.98
C ALA E 168 -10.81 0.15 -29.72
N LEU E 169 -10.89 -0.64 -30.79
CA LEU E 169 -10.79 -2.08 -30.65
C LEU E 169 -9.46 -2.50 -30.05
N GLU E 170 -8.38 -1.96 -30.59
CA GLU E 170 -7.03 -2.33 -30.19
C GLU E 170 -6.74 -2.03 -28.70
N LEU E 171 -7.30 -0.94 -28.19
CA LEU E 171 -7.05 -0.51 -26.81
C LEU E 171 -7.96 -1.16 -25.74
N GLY E 172 -8.96 -1.91 -26.18
CA GLY E 172 -9.77 -2.76 -25.32
C GLY E 172 -11.21 -2.29 -25.12
N ALA E 173 -11.70 -1.42 -25.98
CA ALA E 173 -13.11 -0.98 -25.91
C ALA E 173 -14.01 -2.18 -25.98
N ASP E 174 -15.08 -2.12 -25.19
CA ASP E 174 -16.14 -3.12 -25.23
C ASP E 174 -17.27 -2.65 -26.18
N ALA E 175 -17.41 -1.34 -26.33
CA ALA E 175 -18.21 -0.69 -27.36
C ALA E 175 -17.50 0.59 -27.71
N MET E 176 -17.89 1.22 -28.80
CA MET E 176 -17.24 2.47 -29.18
C MET E 176 -18.21 3.48 -29.80
N LYS E 177 -17.82 4.73 -29.75
CA LYS E 177 -18.52 5.84 -30.36
C LYS E 177 -17.58 6.53 -31.30
N ILE E 178 -17.97 6.69 -32.55
CA ILE E 178 -17.15 7.35 -33.56
C ILE E 178 -18.03 8.24 -34.44
N LYS E 179 -17.40 9.14 -35.19
CA LYS E 179 -18.10 10.06 -36.09
C LYS E 179 -18.49 9.36 -37.39
N TYR E 180 -19.60 9.79 -37.97
CA TYR E 180 -20.07 9.30 -39.24
C TYR E 180 -19.25 9.92 -40.38
N THR E 181 -18.95 9.10 -41.40
CA THR E 181 -18.26 9.57 -42.60
C THR E 181 -19.17 10.31 -43.59
N GLY E 182 -20.49 10.19 -43.43
CA GLY E 182 -21.43 10.79 -44.36
C GLY E 182 -21.94 9.86 -45.46
N ASP E 183 -21.50 8.60 -45.44
CA ASP E 183 -21.99 7.62 -46.39
C ASP E 183 -21.77 6.19 -45.89
N PRO E 184 -22.73 5.32 -46.18
CA PRO E 184 -22.70 3.96 -45.66
C PRO E 184 -21.56 3.10 -46.16
N LYS E 185 -21.06 3.31 -47.37
CA LYS E 185 -19.97 2.45 -47.86
C LYS E 185 -18.69 2.65 -47.01
N THR E 186 -18.28 3.92 -46.82
CA THR E 186 -17.06 4.22 -46.10
C THR E 186 -17.24 3.93 -44.64
N PHE E 187 -18.45 4.15 -44.12
CA PHE E 187 -18.71 3.85 -42.73
C PHE E 187 -18.75 2.34 -42.45
N SER E 188 -19.19 1.53 -43.42
CA SER E 188 -19.16 0.06 -43.25
C SER E 188 -17.73 -0.48 -43.12
N TRP E 189 -16.74 0.18 -43.74
CA TRP E 189 -15.33 -0.20 -43.56
C TRP E 189 -14.89 0.05 -42.08
N ALA E 190 -15.30 1.18 -41.52
CA ALA E 190 -15.06 1.45 -40.11
C ALA E 190 -15.66 0.40 -39.18
N VAL E 191 -16.92 0.06 -39.44
CA VAL E 191 -17.62 -0.98 -38.71
C VAL E 191 -16.91 -2.31 -38.88
N LYS E 192 -16.44 -2.61 -40.10
CA LYS E 192 -15.77 -3.87 -40.33
C LYS E 192 -14.49 -3.99 -39.51
N VAL E 193 -13.68 -2.93 -39.48
CA VAL E 193 -12.39 -3.02 -38.82
C VAL E 193 -12.53 -3.01 -37.29
N ALA E 194 -13.68 -2.55 -36.79
CA ALA E 194 -14.01 -2.60 -35.38
C ALA E 194 -14.32 -4.05 -34.94
N GLY E 195 -14.54 -4.95 -35.90
CA GLY E 195 -14.71 -6.37 -35.61
C GLY E 195 -15.88 -6.65 -34.69
N LYS E 196 -15.62 -7.43 -33.63
CA LYS E 196 -16.65 -7.80 -32.65
C LYS E 196 -17.11 -6.66 -31.73
N VAL E 197 -16.43 -5.50 -31.77
CA VAL E 197 -16.82 -4.38 -30.88
C VAL E 197 -17.89 -3.53 -31.60
N PRO E 198 -19.07 -3.39 -30.99
CA PRO E 198 -20.14 -2.60 -31.62
C PRO E 198 -19.85 -1.13 -31.71
N VAL E 199 -20.40 -0.51 -32.77
CA VAL E 199 -20.16 0.88 -33.12
C VAL E 199 -21.44 1.68 -32.98
N LEU E 200 -21.30 2.80 -32.29
CA LEU E 200 -22.32 3.82 -32.11
C LEU E 200 -21.89 5.07 -32.85
N MET E 201 -22.79 5.62 -33.63
CA MET E 201 -22.53 6.86 -34.35
C MET E 201 -22.77 8.02 -33.40
N SER E 202 -21.82 8.92 -33.31
CA SER E 202 -21.99 10.18 -32.60
C SER E 202 -22.87 11.09 -33.43
N GLY E 203 -23.93 11.63 -32.84
CA GLY E 203 -24.92 12.41 -33.59
C GLY E 203 -24.40 13.60 -34.36
N GLY E 204 -23.56 14.41 -33.73
CA GLY E 204 -23.01 15.64 -34.31
C GLY E 204 -23.93 16.85 -34.15
N PRO E 205 -23.50 18.01 -34.69
CA PRO E 205 -24.31 19.23 -34.68
C PRO E 205 -25.69 19.01 -35.27
N LYS E 206 -26.67 19.74 -34.75
CA LYS E 206 -28.03 19.70 -35.21
C LYS E 206 -28.03 19.92 -36.72
N THR E 207 -28.68 19.01 -37.46
CA THR E 207 -28.71 19.10 -38.92
C THR E 207 -29.73 20.17 -39.29
N LYS E 208 -29.68 20.59 -40.54
CA LYS E 208 -30.58 21.62 -41.04
C LYS E 208 -32.04 21.18 -41.02
N THR E 209 -32.29 19.93 -41.41
CA THR E 209 -33.63 19.37 -41.30
C THR E 209 -33.57 18.05 -40.55
N GLU E 210 -34.72 17.67 -40.01
CA GLU E 210 -34.84 16.38 -39.35
C GLU E 210 -34.56 15.27 -40.34
N GLU E 211 -34.97 15.48 -41.60
CA GLU E 211 -34.77 14.46 -42.61
C GLU E 211 -33.29 14.20 -42.90
N ASP E 212 -32.45 15.23 -42.82
CA ASP E 212 -31.02 15.07 -43.05
C ASP E 212 -30.48 14.11 -42.00
N PHE E 213 -30.88 14.32 -40.74
CA PHE E 213 -30.43 13.42 -39.67
C PHE E 213 -30.92 11.98 -39.80
N LEU E 214 -32.18 11.80 -40.13
CA LEU E 214 -32.73 10.46 -40.29
C LEU E 214 -32.00 9.70 -41.41
N LYS E 215 -31.62 10.43 -42.47
CA LYS E 215 -30.91 9.85 -43.60
C LYS E 215 -29.49 9.42 -43.22
N GLN E 216 -28.83 10.19 -42.35
CA GLN E 216 -27.54 9.79 -41.83
C GLN E 216 -27.68 8.53 -40.97
N VAL E 217 -28.67 8.52 -40.06
CA VAL E 217 -28.93 7.37 -39.22
C VAL E 217 -29.23 6.13 -40.07
N GLU E 218 -29.98 6.31 -41.15
CA GLU E 218 -30.29 5.21 -42.06
C GLU E 218 -29.00 4.62 -42.62
N GLY E 219 -28.10 5.51 -43.05
CA GLY E 219 -26.78 5.14 -43.53
C GLY E 219 -25.99 4.37 -42.49
N VAL E 220 -26.02 4.85 -41.26
CA VAL E 220 -25.30 4.22 -40.16
C VAL E 220 -25.77 2.77 -39.95
N LEU E 221 -27.07 2.57 -39.98
CA LEU E 221 -27.64 1.24 -39.81
C LEU E 221 -27.33 0.32 -41.00
N GLU E 222 -27.34 0.85 -42.22
CA GLU E 222 -27.00 0.07 -43.42
C GLU E 222 -25.57 -0.40 -43.40
N ALA E 223 -24.72 0.41 -42.77
CA ALA E 223 -23.29 0.14 -42.65
C ALA E 223 -23.07 -0.92 -41.58
N GLY E 224 -24.10 -1.21 -40.80
CA GLY E 224 -24.03 -2.33 -39.86
C GLY E 224 -23.67 -1.87 -38.46
N ALA E 225 -23.73 -0.58 -38.21
CA ALA E 225 -23.50 -0.11 -36.83
C ALA E 225 -24.60 -0.57 -35.86
N LEU E 226 -24.26 -0.54 -34.57
CA LEU E 226 -25.19 -0.90 -33.53
C LEU E 226 -26.28 0.15 -33.35
N GLY E 227 -25.97 1.39 -33.65
CA GLY E 227 -26.91 2.47 -33.42
C GLY E 227 -26.25 3.82 -33.22
N ILE E 228 -26.85 4.67 -32.38
CA ILE E 228 -26.44 6.04 -32.30
C ILE E 228 -26.31 6.50 -30.86
N ALA E 229 -25.39 7.43 -30.62
CA ALA E 229 -25.28 8.14 -29.37
C ALA E 229 -25.53 9.59 -29.75
N VAL E 230 -26.71 10.10 -29.41
CA VAL E 230 -27.21 11.35 -29.97
C VAL E 230 -27.57 12.30 -28.83
N GLY E 231 -27.19 13.57 -28.98
CA GLY E 231 -27.51 14.61 -28.03
C GLY E 231 -28.24 15.73 -28.74
N ARG E 232 -27.51 16.59 -29.43
CA ARG E 232 -28.09 17.82 -29.99
C ARG E 232 -29.24 17.57 -30.95
N ASN E 233 -29.10 16.56 -31.81
CA ASN E 233 -30.16 16.30 -32.80
C ASN E 233 -31.47 15.78 -32.19
N VAL E 234 -31.45 15.44 -30.90
CA VAL E 234 -32.67 15.24 -30.14
C VAL E 234 -32.98 16.48 -29.27
N TRP E 235 -32.15 16.79 -28.27
CA TRP E 235 -32.58 17.79 -27.27
C TRP E 235 -32.39 19.26 -27.63
N GLN E 236 -31.70 19.56 -28.74
CA GLN E 236 -31.73 20.94 -29.25
C GLN E 236 -32.99 21.24 -30.07
N ARG E 237 -33.85 20.24 -30.29
CA ARG E 237 -35.13 20.43 -30.99
C ARG E 237 -36.26 20.70 -30.01
N ARG E 238 -37.11 21.68 -30.34
CA ARG E 238 -38.28 21.97 -29.53
C ARG E 238 -39.31 20.84 -29.62
N ASP E 239 -39.28 20.08 -30.73
CA ASP E 239 -40.06 18.85 -30.88
C ASP E 239 -39.22 17.60 -30.51
N ALA E 240 -38.45 17.72 -29.43
CA ALA E 240 -37.47 16.68 -29.05
C ALA E 240 -38.11 15.29 -28.96
N LEU E 241 -39.23 15.19 -28.23
CA LEU E 241 -39.84 13.89 -28.00
C LEU E 241 -40.41 13.27 -29.27
N LYS E 242 -41.13 14.05 -30.08
CA LYS E 242 -41.66 13.57 -31.37
C LYS E 242 -40.54 13.00 -32.24
N PHE E 243 -39.46 13.76 -32.38
CA PHE E 243 -38.35 13.33 -33.20
C PHE E 243 -37.61 12.14 -32.59
N ALA E 244 -37.48 12.13 -31.28
CA ALA E 244 -36.83 11.01 -30.59
C ALA E 244 -37.59 9.71 -30.85
N ARG E 245 -38.90 9.75 -30.77
CA ARG E 245 -39.74 8.59 -31.07
C ARG E 245 -39.60 8.15 -32.54
N ALA E 246 -39.47 9.11 -33.45
CA ALA E 246 -39.20 8.77 -34.86
C ALA E 246 -37.87 8.02 -35.01
N LEU E 247 -36.86 8.44 -34.26
CA LEU E 247 -35.56 7.77 -34.27
C LEU E 247 -35.65 6.37 -33.71
N ALA E 248 -36.44 6.20 -32.66
CA ALA E 248 -36.66 4.89 -32.06
C ALA E 248 -37.27 3.91 -33.11
N GLU E 249 -38.27 4.36 -33.87
CA GLU E 249 -38.87 3.48 -34.86
C GLU E 249 -37.89 3.15 -36.00
N LEU E 250 -37.08 4.12 -36.42
CA LEU E 250 -36.09 3.85 -37.45
C LEU E 250 -35.04 2.85 -36.97
N VAL E 251 -34.57 3.03 -35.74
CA VAL E 251 -33.43 2.25 -35.24
C VAL E 251 -33.90 0.88 -34.76
N TYR E 252 -34.95 0.85 -33.96
CA TYR E 252 -35.44 -0.43 -33.40
C TYR E 252 -36.35 -1.17 -34.38
N GLY E 253 -37.01 -0.42 -35.26
CA GLY E 253 -37.94 -1.01 -36.21
C GLY E 253 -37.29 -1.61 -37.42
N GLY E 254 -36.15 -1.06 -37.83
CA GLY E 254 -35.44 -1.57 -38.99
C GLY E 254 -36.05 -1.09 -40.29
N ASN F 3 -11.50 19.28 19.41
CA ASN F 3 -11.93 18.66 20.67
C ASN F 3 -13.22 17.89 20.41
N LEU F 4 -13.12 16.56 20.42
CA LEU F 4 -14.26 15.73 20.01
C LEU F 4 -15.31 15.59 21.13
N THR F 5 -14.90 15.79 22.39
CA THR F 5 -15.86 15.85 23.50
C THR F 5 -16.76 17.07 23.33
N GLU F 6 -16.18 18.23 23.06
CA GLU F 6 -16.96 19.43 22.76
C GLU F 6 -17.92 19.21 21.57
N LYS F 7 -17.46 18.53 20.53
CA LYS F 7 -18.32 18.22 19.39
C LYS F 7 -19.48 17.31 19.79
N PHE F 8 -19.19 16.29 20.57
CA PHE F 8 -20.20 15.39 21.09
C PHE F 8 -21.25 16.17 21.89
N LEU F 9 -20.80 17.05 22.76
CA LEU F 9 -21.72 17.81 23.63
C LEU F 9 -22.63 18.75 22.81
N ARG F 10 -22.07 19.32 21.75
CA ARG F 10 -22.76 20.25 20.89
C ARG F 10 -23.88 19.53 20.15
N ILE F 11 -23.61 18.32 19.67
CA ILE F 11 -24.59 17.53 18.90
C ILE F 11 -25.61 16.81 19.78
N PHE F 12 -25.11 16.15 20.82
CA PHE F 12 -25.93 15.25 21.64
C PHE F 12 -26.33 15.78 23.02
N ALA F 13 -25.85 16.96 23.40
CA ALA F 13 -26.18 17.59 24.69
C ALA F 13 -26.37 19.09 24.57
N ARG F 14 -27.08 19.50 23.53
CA ARG F 14 -27.29 20.93 23.29
C ARG F 14 -27.98 21.66 24.45
N ARG F 15 -28.77 20.93 25.24
CA ARG F 15 -29.52 21.49 26.36
C ARG F 15 -28.73 21.40 27.69
N GLY F 16 -27.57 20.75 27.67
CA GLY F 16 -26.70 20.63 28.84
C GLY F 16 -26.70 19.23 29.44
N LYS F 17 -27.68 18.43 29.04
CA LYS F 17 -27.79 17.03 29.42
C LYS F 17 -28.31 16.26 28.21
N SER F 18 -28.21 14.95 28.26
CA SER F 18 -28.44 14.12 27.08
C SER F 18 -29.37 12.92 27.34
N ILE F 19 -30.28 12.65 26.42
CA ILE F 19 -30.93 11.36 26.37
C ILE F 19 -30.67 10.76 25.00
N ILE F 20 -30.03 9.60 24.99
CA ILE F 20 -29.85 8.84 23.76
C ILE F 20 -30.74 7.60 23.79
N LEU F 21 -31.53 7.41 22.73
CA LEU F 21 -32.30 6.18 22.56
C LEU F 21 -31.48 5.03 21.96
N ALA F 22 -31.21 4.03 22.79
CA ALA F 22 -30.36 2.89 22.41
C ALA F 22 -31.18 1.83 21.70
N TYR F 23 -30.67 1.32 20.59
CA TYR F 23 -31.41 0.36 19.77
C TYR F 23 -30.50 -0.63 19.02
N ASP F 24 -29.39 -1.01 19.66
CA ASP F 24 -28.52 -2.10 19.19
C ASP F 24 -28.94 -3.47 19.72
N HIS F 25 -30.08 -3.52 20.41
CA HIS F 25 -30.55 -4.71 21.09
C HIS F 25 -30.85 -5.88 20.13
N GLY F 26 -31.24 -5.56 18.91
CA GLY F 26 -31.52 -6.59 17.93
C GLY F 26 -30.42 -7.63 17.78
N ILE F 27 -29.17 -7.22 17.87
CA ILE F 27 -28.05 -8.18 17.85
C ILE F 27 -27.62 -8.59 19.28
N GLU F 28 -27.51 -7.63 20.19
CA GLU F 28 -27.00 -7.91 21.54
C GLU F 28 -27.86 -8.87 22.31
N HIS F 29 -29.18 -8.69 22.23
CA HIS F 29 -30.10 -9.56 22.96
C HIS F 29 -31.07 -10.31 22.06
N GLY F 30 -31.25 -9.87 20.84
CA GLY F 30 -32.23 -10.48 19.97
C GLY F 30 -33.63 -9.95 20.18
N PRO F 31 -34.54 -10.38 19.32
CA PRO F 31 -35.89 -9.80 19.27
C PRO F 31 -36.83 -10.25 20.36
N ALA F 32 -36.44 -11.16 21.24
CA ALA F 32 -37.24 -11.43 22.43
C ALA F 32 -37.50 -10.10 23.16
N ASP F 33 -36.52 -9.22 23.18
CA ASP F 33 -36.70 -7.86 23.75
C ASP F 33 -37.93 -7.09 23.21
N PHE F 34 -38.34 -7.40 21.97
CA PHE F 34 -39.38 -6.68 21.25
C PHE F 34 -40.80 -7.22 21.40
N MET F 35 -40.98 -8.34 22.09
CA MET F 35 -42.33 -8.91 22.27
C MET F 35 -43.25 -8.07 23.18
N ASP F 36 -42.67 -7.31 24.12
CA ASP F 36 -43.52 -6.56 25.06
C ASP F 36 -44.35 -5.49 24.35
N ASN F 37 -43.71 -4.81 23.41
CA ASN F 37 -44.29 -3.74 22.63
C ASN F 37 -43.83 -4.01 21.18
N PRO F 38 -44.52 -4.90 20.47
CA PRO F 38 -44.13 -5.35 19.12
C PRO F 38 -43.67 -4.27 18.13
N ASP F 39 -44.22 -3.07 18.22
CA ASP F 39 -43.78 -1.93 17.39
C ASP F 39 -42.29 -1.63 17.57
N SER F 40 -41.72 -1.96 18.72
CA SER F 40 -40.30 -1.78 18.98
C SER F 40 -39.37 -2.57 18.05
N ALA F 41 -39.88 -3.59 17.36
CA ALA F 41 -39.12 -4.32 16.34
C ALA F 41 -38.92 -3.52 15.05
N ASP F 42 -39.69 -2.45 14.90
CA ASP F 42 -39.68 -1.61 13.70
C ASP F 42 -38.80 -0.36 13.94
N PRO F 43 -37.65 -0.25 13.27
CA PRO F 43 -36.78 0.91 13.49
C PRO F 43 -37.46 2.26 13.13
N GLU F 44 -38.47 2.25 12.26
CA GLU F 44 -39.17 3.49 11.93
C GLU F 44 -39.91 4.02 13.15
N TYR F 45 -40.47 3.10 13.93
CA TYR F 45 -41.15 3.46 15.18
C TYR F 45 -40.15 4.08 16.17
N ILE F 46 -38.96 3.49 16.25
CA ILE F 46 -37.93 3.98 17.14
C ILE F 46 -37.46 5.40 16.78
N LEU F 47 -37.26 5.65 15.47
CA LEU F 47 -36.95 7.00 15.01
C LEU F 47 -38.06 7.98 15.34
N ARG F 48 -39.31 7.59 15.12
CA ARG F 48 -40.42 8.48 15.45
C ARG F 48 -40.41 8.83 16.95
N LEU F 49 -40.28 7.82 17.79
CA LEU F 49 -40.21 7.97 19.23
C LEU F 49 -39.12 8.95 19.71
N ALA F 50 -37.93 8.84 19.16
CA ALA F 50 -36.83 9.74 19.51
C ALA F 50 -37.16 11.17 19.14
N ARG F 51 -37.74 11.36 17.96
CA ARG F 51 -38.15 12.71 17.52
C ARG F 51 -39.23 13.26 18.43
N ASP F 52 -40.30 12.49 18.62
CA ASP F 52 -41.49 12.97 19.31
C ASP F 52 -41.21 13.23 20.78
N ALA F 53 -40.31 12.45 21.37
CA ALA F 53 -39.92 12.63 22.77
C ALA F 53 -38.90 13.76 22.93
N GLY F 54 -38.30 14.18 21.82
CA GLY F 54 -37.31 15.24 21.82
C GLY F 54 -35.92 14.82 22.29
N PHE F 55 -35.57 13.54 22.06
CA PHE F 55 -34.30 13.01 22.53
C PHE F 55 -33.16 13.52 21.62
N ASP F 56 -31.93 13.30 22.05
CA ASP F 56 -30.74 13.82 21.36
C ASP F 56 -30.14 12.94 20.30
N GLY F 57 -30.43 11.65 20.33
CA GLY F 57 -29.75 10.72 19.47
C GLY F 57 -30.34 9.34 19.51
N VAL F 58 -29.91 8.51 18.57
CA VAL F 58 -30.26 7.10 18.54
C VAL F 58 -28.95 6.32 18.35
N VAL F 59 -28.89 5.12 18.88
CA VAL F 59 -27.78 4.19 18.67
C VAL F 59 -28.25 3.02 17.79
N PHE F 60 -27.63 2.86 16.61
CA PHE F 60 -27.99 1.81 15.67
C PHE F 60 -26.71 1.03 15.27
N GLN F 61 -26.85 -0.27 15.03
CA GLN F 61 -25.87 -1.07 14.31
C GLN F 61 -25.93 -0.66 12.84
N ARG F 62 -24.92 -1.02 12.06
CA ARG F 62 -24.82 -0.61 10.67
C ARG F 62 -25.98 -1.01 9.76
N GLY F 63 -26.57 -2.17 9.98
CA GLY F 63 -27.60 -2.65 9.06
C GLY F 63 -28.86 -1.84 9.24
N ILE F 64 -29.16 -1.50 10.49
CA ILE F 64 -30.31 -0.66 10.78
C ILE F 64 -30.11 0.74 10.25
N ALA F 65 -28.93 1.32 10.48
CA ALA F 65 -28.60 2.64 9.91
C ALA F 65 -28.70 2.66 8.38
N GLU F 66 -28.15 1.65 7.71
CA GLU F 66 -28.17 1.62 6.26
C GLU F 66 -29.60 1.54 5.71
N LYS F 67 -30.44 0.72 6.33
CA LYS F 67 -31.76 0.43 5.78
C LYS F 67 -32.80 1.44 6.23
N TYR F 68 -32.56 2.07 7.38
CA TYR F 68 -33.62 2.89 8.00
C TYR F 68 -33.27 4.32 8.33
N TYR F 69 -32.00 4.65 8.53
CA TYR F 69 -31.68 5.95 9.10
C TYR F 69 -32.01 7.05 8.09
N ASP F 70 -32.76 8.04 8.56
CA ASP F 70 -33.26 9.10 7.70
C ASP F 70 -32.76 10.52 8.03
N GLY F 71 -31.75 10.66 8.89
CA GLY F 71 -31.22 11.98 9.22
C GLY F 71 -32.04 12.79 10.22
N SER F 72 -33.08 12.22 10.77
CA SER F 72 -34.07 13.00 11.52
C SER F 72 -33.66 13.24 12.97
N VAL F 73 -32.78 12.40 13.49
CA VAL F 73 -32.16 12.56 14.82
C VAL F 73 -30.69 12.15 14.68
N PRO F 74 -29.75 12.80 15.39
CA PRO F 74 -28.33 12.42 15.32
C PRO F 74 -28.06 10.96 15.64
N LEU F 75 -27.13 10.36 14.91
CA LEU F 75 -26.88 8.94 14.96
C LEU F 75 -25.53 8.64 15.57
N ILE F 76 -25.55 7.68 16.48
CA ILE F 76 -24.34 7.03 16.98
C ILE F 76 -24.34 5.64 16.39
N LEU F 77 -23.30 5.34 15.62
CA LEU F 77 -23.20 4.05 14.97
C LEU F 77 -22.39 3.17 15.87
N LYS F 78 -23.05 2.14 16.42
CA LYS F 78 -22.45 1.13 17.28
C LYS F 78 -21.69 0.17 16.36
N LEU F 79 -20.38 0.19 16.49
CA LEU F 79 -19.50 -0.45 15.51
C LEU F 79 -19.34 -1.93 15.71
N ASN F 80 -19.32 -2.40 16.97
CA ASN F 80 -19.13 -3.83 17.24
C ASN F 80 -20.45 -4.45 17.64
N GLY F 81 -20.48 -5.72 17.98
CA GLY F 81 -21.68 -6.30 18.53
C GLY F 81 -21.47 -7.78 18.65
N LYS F 82 -22.07 -8.36 19.69
CA LYS F 82 -22.08 -9.78 19.91
C LYS F 82 -23.49 -10.22 20.28
N THR F 83 -23.72 -11.52 20.39
CA THR F 83 -25.01 -12.02 20.79
C THR F 83 -24.98 -12.60 22.19
N THR F 84 -26.16 -12.80 22.79
CA THR F 84 -26.23 -13.51 24.08
C THR F 84 -26.16 -15.02 23.91
N LEU F 85 -26.30 -15.50 22.69
CA LEU F 85 -26.12 -16.92 22.43
C LEU F 85 -24.70 -17.39 22.68
N TYR F 86 -23.78 -16.46 22.56
CA TYR F 86 -22.35 -16.71 22.73
C TYR F 86 -22.05 -17.05 24.19
N ASN F 87 -21.18 -18.04 24.40
CA ASN F 87 -20.82 -18.53 25.72
C ASN F 87 -19.35 -18.41 26.13
N GLY F 88 -18.48 -17.95 25.24
CA GLY F 88 -17.07 -17.80 25.58
C GLY F 88 -16.73 -16.62 26.49
N GLU F 89 -15.43 -16.35 26.61
CA GLU F 89 -14.95 -15.11 27.20
C GLU F 89 -15.56 -13.97 26.41
N PRO F 90 -16.19 -13.00 27.08
CA PRO F 90 -16.86 -11.87 26.41
C PRO F 90 -15.99 -11.16 25.37
N VAL F 91 -16.52 -11.09 24.14
CA VAL F 91 -15.83 -10.38 23.09
C VAL F 91 -16.83 -9.88 22.05
N SER F 92 -16.54 -8.70 21.51
CA SER F 92 -17.40 -8.05 20.53
C SER F 92 -16.49 -7.32 19.57
N VAL F 93 -16.47 -7.74 18.31
CA VAL F 93 -15.58 -7.18 17.30
C VAL F 93 -16.35 -6.27 16.35
N ALA F 94 -15.63 -5.33 15.74
CA ALA F 94 -16.28 -4.38 14.82
C ALA F 94 -16.86 -5.10 13.61
N ASN F 95 -18.08 -4.76 13.22
CA ASN F 95 -18.66 -5.24 11.96
C ASN F 95 -18.76 -4.10 10.93
N CYS F 96 -18.22 -2.95 11.32
CA CYS F 96 -18.29 -1.71 10.56
C CYS F 96 -17.09 -0.84 10.88
N SER F 97 -16.64 -0.04 9.90
CA SER F 97 -15.48 0.82 10.07
C SER F 97 -16.00 2.23 10.34
N VAL F 98 -15.15 3.08 10.93
CA VAL F 98 -15.50 4.47 11.11
C VAL F 98 -15.78 5.15 9.78
N GLU F 99 -14.99 4.84 8.74
CA GLU F 99 -15.24 5.43 7.42
C GLU F 99 -16.65 5.12 6.91
N GLU F 100 -17.06 3.86 7.06
CA GLU F 100 -18.42 3.47 6.68
C GLU F 100 -19.49 4.16 7.55
N ALA F 101 -19.25 4.26 8.85
CA ALA F 101 -20.13 5.05 9.75
C ALA F 101 -20.39 6.48 9.25
N VAL F 102 -19.32 7.14 8.78
CA VAL F 102 -19.44 8.49 8.24
C VAL F 102 -20.39 8.46 7.03
N SER F 103 -20.13 7.51 6.15
CA SER F 103 -20.94 7.31 4.96
C SER F 103 -22.43 7.06 5.27
N LEU F 104 -22.70 6.39 6.40
CA LEU F 104 -24.07 6.03 6.82
C LEU F 104 -24.76 7.19 7.56
N GLY F 105 -24.04 8.28 7.80
CA GLY F 105 -24.62 9.49 8.37
C GLY F 105 -24.41 9.68 9.87
N ALA F 106 -23.48 8.93 10.45
CA ALA F 106 -23.19 8.98 11.87
C ALA F 106 -22.58 10.31 12.28
N SER F 107 -22.99 10.79 13.44
CA SER F 107 -22.38 11.95 14.10
C SER F 107 -21.41 11.53 15.23
N ALA F 108 -21.45 10.26 15.62
CA ALA F 108 -20.50 9.68 16.55
C ALA F 108 -20.46 8.19 16.31
N VAL F 109 -19.45 7.53 16.85
CA VAL F 109 -19.38 6.08 16.80
C VAL F 109 -19.27 5.51 18.20
N GLY F 110 -19.80 4.33 18.40
CA GLY F 110 -19.75 3.64 19.67
C GLY F 110 -19.00 2.34 19.57
N TYR F 111 -18.30 1.96 20.64
CA TYR F 111 -17.60 0.68 20.70
C TYR F 111 -17.61 0.14 22.12
N THR F 112 -18.02 -1.11 22.25
CA THR F 112 -18.11 -1.79 23.54
C THR F 112 -16.80 -2.48 23.86
N ILE F 113 -16.32 -2.28 25.09
CA ILE F 113 -15.24 -3.07 25.62
C ILE F 113 -15.72 -3.83 26.85
N TYR F 114 -15.13 -5.01 27.09
CA TYR F 114 -15.36 -5.80 28.30
C TYR F 114 -14.06 -5.99 29.05
N PRO F 115 -13.66 -4.98 29.82
CA PRO F 115 -12.51 -5.14 30.69
C PRO F 115 -12.63 -6.36 31.62
N GLY F 116 -11.55 -7.11 31.76
CA GLY F 116 -11.52 -8.31 32.58
C GLY F 116 -11.64 -9.58 31.75
N SER F 117 -12.26 -9.47 30.59
CA SER F 117 -12.46 -10.65 29.74
C SER F 117 -11.12 -11.29 29.37
N GLY F 118 -11.09 -12.60 29.25
CA GLY F 118 -9.99 -13.27 28.57
C GLY F 118 -9.59 -12.67 27.23
N PHE F 119 -10.55 -12.04 26.53
CA PHE F 119 -10.34 -11.38 25.23
C PHE F 119 -10.27 -9.86 25.36
N GLU F 120 -9.94 -9.38 26.56
CA GLU F 120 -9.84 -7.95 26.75
C GLU F 120 -8.81 -7.37 25.73
N TRP F 121 -7.69 -8.04 25.58
CA TRP F 121 -6.66 -7.61 24.64
C TRP F 121 -7.23 -7.42 23.19
N LYS F 122 -8.16 -8.27 22.78
CA LYS F 122 -8.67 -8.22 21.40
C LYS F 122 -9.43 -6.94 21.15
N MET F 123 -10.28 -6.59 22.10
CA MET F 123 -11.01 -5.34 22.04
C MET F 123 -10.14 -4.10 22.21
N PHE F 124 -9.11 -4.16 23.05
CA PHE F 124 -8.18 -3.01 23.20
C PHE F 124 -7.36 -2.77 21.93
N GLU F 125 -6.89 -3.84 21.32
CA GLU F 125 -6.21 -3.76 20.02
C GLU F 125 -7.07 -3.11 18.94
N GLU F 126 -8.29 -3.60 18.80
CA GLU F 126 -9.22 -3.06 17.83
C GLU F 126 -9.66 -1.65 18.17
N LEU F 127 -9.94 -1.35 19.44
CA LEU F 127 -10.31 -0.01 19.80
C LEU F 127 -9.23 1.03 19.39
N ALA F 128 -7.96 0.64 19.43
CA ALA F 128 -6.84 1.51 19.03
C ALA F 128 -7.02 1.99 17.59
N ARG F 129 -7.39 1.05 16.73
CA ARG F 129 -7.61 1.36 15.32
C ARG F 129 -8.82 2.27 15.15
N ILE F 130 -9.88 1.97 15.88
CA ILE F 130 -11.11 2.72 15.81
C ILE F 130 -10.93 4.15 16.32
N LYS F 131 -10.18 4.29 17.40
CA LYS F 131 -9.88 5.59 17.98
C LYS F 131 -9.09 6.47 17.01
N ARG F 132 -8.06 5.89 16.41
CA ARG F 132 -7.30 6.58 15.39
C ARG F 132 -8.15 7.06 14.21
N ASP F 133 -9.05 6.20 13.73
CA ASP F 133 -10.00 6.57 12.70
C ASP F 133 -10.99 7.61 13.15
N ALA F 134 -11.47 7.51 14.38
CA ALA F 134 -12.42 8.53 14.90
C ALA F 134 -11.78 9.90 14.85
N VAL F 135 -10.54 10.02 15.29
CA VAL F 135 -9.81 11.27 15.21
C VAL F 135 -9.63 11.74 13.76
N LYS F 136 -9.17 10.84 12.90
CA LYS F 136 -9.02 11.15 11.48
C LYS F 136 -10.30 11.69 10.81
N PHE F 137 -11.43 11.06 11.09
CA PHE F 137 -12.71 11.47 10.48
C PHE F 137 -13.48 12.48 11.35
N ASP F 138 -12.89 12.88 12.46
CA ASP F 138 -13.47 13.88 13.33
C ASP F 138 -14.93 13.51 13.78
N LEU F 139 -15.09 12.25 14.19
CA LEU F 139 -16.32 11.69 14.76
C LEU F 139 -16.00 11.31 16.20
N PRO F 140 -16.74 11.86 17.16
CA PRO F 140 -16.55 11.46 18.55
C PRO F 140 -16.72 9.95 18.78
N LEU F 141 -15.90 9.42 19.68
CA LEU F 141 -15.90 8.01 20.06
C LEU F 141 -16.55 7.86 21.41
N VAL F 142 -17.64 7.10 21.47
CA VAL F 142 -18.33 6.76 22.71
C VAL F 142 -17.89 5.35 23.08
N VAL F 143 -17.15 5.22 24.16
CA VAL F 143 -16.78 3.89 24.66
C VAL F 143 -17.81 3.39 25.66
N GLU F 144 -18.33 2.20 25.38
CA GLU F 144 -19.34 1.57 26.19
C GLU F 144 -18.50 0.55 27.03
N SER F 145 -18.25 0.89 28.29
CA SER F 145 -17.30 0.19 29.16
C SER F 145 -18.02 -0.68 30.17
N PHE F 146 -18.02 -1.98 29.91
CA PHE F 146 -18.80 -2.95 30.66
C PHE F 146 -17.88 -4.08 31.04
N PRO F 147 -17.14 -3.94 32.13
CA PRO F 147 -16.33 -5.03 32.67
C PRO F 147 -17.13 -6.30 32.82
N ARG F 148 -16.55 -7.41 32.36
CA ARG F 148 -17.26 -8.67 32.30
C ARG F 148 -16.24 -9.75 32.03
N GLY F 149 -16.40 -10.90 32.66
CA GLY F 149 -15.42 -11.97 32.65
C GLY F 149 -14.30 -11.71 33.63
N GLY F 150 -13.27 -12.54 33.56
CA GLY F 150 -12.18 -12.45 34.48
C GLY F 150 -12.61 -12.48 35.93
N LYS F 151 -12.17 -11.48 36.68
CA LYS F 151 -12.47 -11.37 38.09
C LYS F 151 -13.86 -10.73 38.38
N VAL F 152 -14.60 -10.32 37.36
CA VAL F 152 -15.83 -9.55 37.55
C VAL F 152 -16.97 -10.46 37.94
N VAL F 153 -17.56 -10.18 39.11
CA VAL F 153 -18.73 -10.92 39.61
C VAL F 153 -19.95 -10.00 39.55
N ASN F 154 -19.90 -8.89 40.26
CA ASN F 154 -21.00 -7.92 40.28
C ASN F 154 -20.67 -6.73 39.40
N GLU F 155 -21.31 -6.63 38.23
CA GLU F 155 -21.01 -5.56 37.27
C GLU F 155 -21.39 -4.16 37.75
N THR F 156 -22.34 -4.05 38.69
CA THR F 156 -22.76 -2.74 39.20
C THR F 156 -22.09 -2.40 40.53
N ALA F 157 -21.11 -3.19 40.96
CA ALA F 157 -20.39 -2.88 42.18
C ALA F 157 -19.65 -1.57 42.04
N PRO F 158 -19.60 -0.78 43.11
CA PRO F 158 -19.01 0.56 43.06
C PRO F 158 -17.64 0.59 42.38
N GLU F 159 -16.78 -0.33 42.78
CA GLU F 159 -15.42 -0.34 42.28
C GLU F 159 -15.30 -0.78 40.81
N ILE F 160 -16.24 -1.61 40.36
CA ILE F 160 -16.23 -2.11 38.99
C ILE F 160 -16.70 -1.01 38.05
N VAL F 161 -17.75 -0.27 38.45
CA VAL F 161 -18.24 0.84 37.63
C VAL F 161 -17.19 1.94 37.55
N ALA F 162 -16.48 2.23 38.64
CA ALA F 162 -15.44 3.28 38.63
C ALA F 162 -14.24 2.87 37.75
N TYR F 163 -13.89 1.60 37.82
CA TYR F 163 -12.83 1.05 36.95
C TYR F 163 -13.25 1.21 35.51
N ALA F 164 -14.51 0.90 35.22
CA ALA F 164 -15.06 1.02 33.88
C ALA F 164 -14.92 2.43 33.34
N ALA F 165 -15.38 3.38 34.13
CA ALA F 165 -15.29 4.78 33.81
C ALA F 165 -13.85 5.22 33.53
N ARG F 166 -12.93 4.83 34.40
CA ARG F 166 -11.53 5.23 34.27
C ARG F 166 -10.87 4.59 33.04
N ILE F 167 -11.19 3.32 32.75
CA ILE F 167 -10.60 2.63 31.59
C ILE F 167 -11.01 3.37 30.33
N ALA F 168 -12.25 3.84 30.28
CA ALA F 168 -12.74 4.51 29.09
C ALA F 168 -12.00 5.82 28.86
N LEU F 169 -11.79 6.56 29.95
CA LEU F 169 -11.00 7.78 29.87
C LEU F 169 -9.60 7.49 29.36
N GLU F 170 -8.94 6.48 29.93
CA GLU F 170 -7.54 6.23 29.66
C GLU F 170 -7.31 5.76 28.20
N LEU F 171 -8.30 5.08 27.63
CA LEU F 171 -8.18 4.54 26.27
C LEU F 171 -8.56 5.54 25.17
N GLY F 172 -9.04 6.73 25.52
CA GLY F 172 -9.34 7.79 24.54
C GLY F 172 -10.81 8.10 24.27
N ALA F 173 -11.71 7.64 25.13
CA ALA F 173 -13.15 7.97 24.95
C ALA F 173 -13.36 9.45 24.91
N ASP F 174 -14.23 9.88 24.00
CA ASP F 174 -14.70 11.26 24.01
C ASP F 174 -15.95 11.47 24.84
N ALA F 175 -16.69 10.37 24.99
CA ALA F 175 -17.80 10.21 25.94
C ALA F 175 -17.83 8.74 26.27
N MET F 176 -18.50 8.38 27.36
CA MET F 176 -18.60 6.96 27.72
C MET F 176 -19.99 6.60 28.16
N LYS F 177 -20.27 5.31 28.11
CA LYS F 177 -21.51 4.75 28.66
C LYS F 177 -21.13 3.63 29.63
N ILE F 178 -21.66 3.72 30.86
CA ILE F 178 -21.40 2.76 31.91
C ILE F 178 -22.67 2.39 32.66
N LYS F 179 -22.61 1.31 33.43
CA LYS F 179 -23.73 0.88 34.26
C LYS F 179 -23.87 1.74 35.52
N TYR F 180 -25.10 1.86 36.00
CA TYR F 180 -25.36 2.57 37.26
C TYR F 180 -25.05 1.67 38.46
N THR F 181 -24.52 2.26 39.54
CA THR F 181 -24.21 1.51 40.74
C THR F 181 -25.42 1.34 41.66
N GLY F 182 -26.50 2.06 41.37
CA GLY F 182 -27.70 2.01 42.20
C GLY F 182 -27.78 3.12 43.24
N ASP F 183 -26.75 3.95 43.36
CA ASP F 183 -26.82 5.11 44.28
C ASP F 183 -25.90 6.26 43.85
N PRO F 184 -26.32 7.49 44.13
CA PRO F 184 -25.59 8.67 43.65
C PRO F 184 -24.22 8.90 44.26
N LYS F 185 -24.00 8.50 45.52
CA LYS F 185 -22.68 8.67 46.11
C LYS F 185 -21.58 7.86 45.39
N THR F 186 -21.83 6.57 45.17
CA THR F 186 -20.84 5.70 44.50
C THR F 186 -20.73 6.05 43.04
N PHE F 187 -21.86 6.39 42.41
CA PHE F 187 -21.84 6.74 41.01
C PHE F 187 -21.08 8.04 40.74
N SER F 188 -21.01 8.94 41.72
CA SER F 188 -20.30 10.22 41.56
C SER F 188 -18.79 10.02 41.60
N TRP F 189 -18.34 8.96 42.24
CA TRP F 189 -16.92 8.60 42.19
C TRP F 189 -16.57 8.17 40.75
N ALA F 190 -17.40 7.32 40.14
CA ALA F 190 -17.19 6.95 38.73
C ALA F 190 -17.19 8.20 37.82
N VAL F 191 -18.11 9.13 38.07
CA VAL F 191 -18.15 10.38 37.32
C VAL F 191 -16.86 11.20 37.51
N LYS F 192 -16.39 11.29 38.76
CA LYS F 192 -15.15 11.97 39.11
C LYS F 192 -13.91 11.40 38.39
N VAL F 193 -13.75 10.09 38.43
CA VAL F 193 -12.56 9.51 37.83
C VAL F 193 -12.59 9.54 36.29
N ALA F 194 -13.78 9.72 35.68
CA ALA F 194 -13.93 9.94 34.23
C ALA F 194 -13.41 11.31 33.81
N GLY F 195 -13.17 12.19 34.79
CA GLY F 195 -12.67 13.52 34.52
C GLY F 195 -13.47 14.32 33.49
N LYS F 196 -12.78 14.82 32.47
CA LYS F 196 -13.36 15.67 31.44
C LYS F 196 -14.26 14.92 30.45
N VAL F 197 -14.31 13.59 30.53
CA VAL F 197 -15.14 12.79 29.64
C VAL F 197 -16.52 12.60 30.24
N PRO F 198 -17.54 13.03 29.52
CA PRO F 198 -18.92 12.92 30.04
C PRO F 198 -19.37 11.48 30.11
N VAL F 199 -20.25 11.22 31.07
CA VAL F 199 -20.74 9.88 31.40
C VAL F 199 -22.22 9.77 31.12
N LEU F 200 -22.60 8.76 30.36
CA LEU F 200 -23.99 8.40 30.16
C LEU F 200 -24.30 7.11 30.91
N MET F 201 -25.42 7.08 31.63
CA MET F 201 -25.90 5.85 32.26
C MET F 201 -26.60 4.96 31.24
N SER F 202 -26.19 3.71 31.22
CA SER F 202 -26.89 2.66 30.51
C SER F 202 -28.17 2.31 31.28
N GLY F 203 -29.29 2.23 30.57
CA GLY F 203 -30.58 2.15 31.23
C GLY F 203 -30.85 0.87 31.98
N GLY F 204 -30.38 -0.25 31.44
CA GLY F 204 -30.62 -1.56 32.03
C GLY F 204 -31.96 -2.21 31.72
N PRO F 205 -32.17 -3.41 32.27
CA PRO F 205 -33.43 -4.11 32.10
C PRO F 205 -34.58 -3.21 32.55
N LYS F 206 -35.75 -3.38 31.92
CA LYS F 206 -36.92 -2.66 32.31
C LYS F 206 -37.16 -2.86 33.81
N THR F 207 -37.43 -1.75 34.50
CA THR F 207 -37.59 -1.76 35.94
C THR F 207 -39.01 -2.18 36.27
N LYS F 208 -39.21 -2.55 37.53
CA LYS F 208 -40.50 -3.02 37.98
C LYS F 208 -41.58 -1.97 37.83
N THR F 209 -41.26 -0.73 38.17
CA THR F 209 -42.14 0.41 37.96
C THR F 209 -41.41 1.54 37.24
N GLU F 210 -42.18 2.46 36.67
CA GLU F 210 -41.56 3.61 36.01
C GLU F 210 -40.85 4.45 37.05
N GLU F 211 -41.45 4.54 38.24
CA GLU F 211 -40.89 5.31 39.35
C GLU F 211 -39.51 4.82 39.80
N ASP F 212 -39.30 3.50 39.84
CA ASP F 212 -37.95 2.97 40.10
C ASP F 212 -36.92 3.57 39.12
N PHE F 213 -37.26 3.61 37.83
CA PHE F 213 -36.30 4.12 36.82
C PHE F 213 -36.06 5.62 36.97
N LEU F 214 -37.13 6.40 37.14
CA LEU F 214 -37.01 7.84 37.35
C LEU F 214 -36.08 8.14 38.53
N LYS F 215 -36.20 7.37 39.61
CA LYS F 215 -35.32 7.51 40.77
C LYS F 215 -33.85 7.23 40.44
N GLN F 216 -33.59 6.22 39.60
CA GLN F 216 -32.22 5.94 39.16
C GLN F 216 -31.73 7.14 38.35
N VAL F 217 -32.57 7.66 37.46
CA VAL F 217 -32.16 8.78 36.59
C VAL F 217 -31.86 10.04 37.43
N GLU F 218 -32.68 10.29 38.44
CA GLU F 218 -32.43 11.36 39.42
C GLU F 218 -31.10 11.17 40.15
N GLY F 219 -30.80 9.93 40.53
CA GLY F 219 -29.49 9.59 41.08
C GLY F 219 -28.34 9.86 40.11
N VAL F 220 -28.50 9.44 38.85
CA VAL F 220 -27.49 9.65 37.81
C VAL F 220 -27.14 11.14 37.68
N LEU F 221 -28.17 11.99 37.68
CA LEU F 221 -27.98 13.42 37.47
C LEU F 221 -27.36 14.10 38.67
N GLU F 222 -27.74 13.66 39.88
CA GLU F 222 -27.17 14.19 41.11
C GLU F 222 -25.70 13.83 41.24
N ALA F 223 -25.31 12.70 40.64
CA ALA F 223 -23.93 12.25 40.67
C ALA F 223 -23.06 13.04 39.70
N GLY F 224 -23.69 13.76 38.78
CA GLY F 224 -22.98 14.67 37.88
C GLY F 224 -22.86 14.15 36.47
N ALA F 225 -23.54 13.05 36.14
CA ALA F 225 -23.47 12.46 34.80
C ALA F 225 -24.21 13.33 33.79
N LEU F 226 -23.81 13.18 32.54
CA LEU F 226 -24.39 13.96 31.45
C LEU F 226 -25.83 13.54 31.15
N GLY F 227 -26.17 12.29 31.45
CA GLY F 227 -27.48 11.77 31.12
C GLY F 227 -27.52 10.28 30.93
N ILE F 228 -28.39 9.84 30.04
CA ILE F 228 -28.71 8.44 29.91
C ILE F 228 -28.72 7.95 28.45
N ALA F 229 -28.28 6.72 28.26
CA ALA F 229 -28.48 5.98 27.03
C ALA F 229 -29.43 4.87 27.39
N VAL F 230 -30.68 5.01 26.98
CA VAL F 230 -31.77 4.16 27.44
C VAL F 230 -32.45 3.47 26.26
N GLY F 231 -32.74 2.18 26.39
CA GLY F 231 -33.46 1.43 25.38
C GLY F 231 -34.71 0.78 25.94
N ARG F 232 -34.54 -0.29 26.70
CA ARG F 232 -35.68 -1.07 27.15
C ARG F 232 -36.65 -0.28 28.01
N ASN F 233 -36.13 0.54 28.91
CA ASN F 233 -36.99 1.26 29.86
C ASN F 233 -37.83 2.35 29.17
N VAL F 234 -37.55 2.61 27.88
CA VAL F 234 -38.48 3.32 27.00
C VAL F 234 -39.28 2.41 26.08
N TRP F 235 -38.66 1.72 25.12
CA TRP F 235 -39.46 1.09 24.05
C TRP F 235 -40.00 -0.28 24.37
N GLN F 236 -39.66 -0.83 25.52
CA GLN F 236 -40.26 -2.08 25.99
C GLN F 236 -41.62 -1.80 26.68
N ARG F 237 -41.98 -0.52 26.82
CA ARG F 237 -43.21 -0.09 27.48
C ARG F 237 -44.28 0.26 26.47
N ARG F 238 -45.52 -0.10 26.80
CA ARG F 238 -46.67 0.16 25.95
C ARG F 238 -46.95 1.68 25.87
N ASP F 239 -46.72 2.37 26.98
CA ASP F 239 -46.78 3.84 27.07
C ASP F 239 -45.42 4.49 26.77
N ALA F 240 -44.70 3.99 25.77
CA ALA F 240 -43.31 4.41 25.57
C ALA F 240 -43.18 5.91 25.41
N LEU F 241 -44.02 6.51 24.57
CA LEU F 241 -43.91 7.95 24.31
C LEU F 241 -44.18 8.79 25.55
N LYS F 242 -45.26 8.49 26.26
CA LYS F 242 -45.59 9.22 27.47
C LYS F 242 -44.42 9.15 28.46
N PHE F 243 -43.87 7.95 28.65
CA PHE F 243 -42.80 7.84 29.64
C PHE F 243 -41.54 8.53 29.13
N ALA F 244 -41.29 8.45 27.83
CA ALA F 244 -40.14 9.12 27.21
C ALA F 244 -40.21 10.62 27.49
N ARG F 245 -41.41 11.20 27.38
CA ARG F 245 -41.58 12.63 27.65
C ARG F 245 -41.38 12.99 29.11
N ALA F 246 -41.75 12.08 30.02
CA ALA F 246 -41.47 12.30 31.43
C ALA F 246 -39.97 12.26 31.68
N LEU F 247 -39.23 11.39 31.00
CA LEU F 247 -37.76 11.39 31.11
C LEU F 247 -37.14 12.67 30.59
N ALA F 248 -37.60 13.10 29.41
CA ALA F 248 -37.22 14.40 28.86
C ALA F 248 -37.48 15.54 29.87
N GLU F 249 -38.67 15.56 30.45
CA GLU F 249 -39.02 16.61 31.43
C GLU F 249 -38.05 16.61 32.62
N LEU F 250 -37.74 15.41 33.13
CA LEU F 250 -36.76 15.24 34.22
C LEU F 250 -35.34 15.66 33.86
N VAL F 251 -34.76 15.05 32.82
CA VAL F 251 -33.36 15.30 32.46
C VAL F 251 -33.10 16.73 32.02
N TYR F 252 -33.92 17.21 31.09
CA TYR F 252 -33.74 18.54 30.55
C TYR F 252 -34.45 19.52 31.48
N ASN G 3 21.52 8.35 18.46
CA ASN G 3 21.54 7.44 19.62
C ASN G 3 20.37 7.81 20.53
N LEU G 4 19.36 6.94 20.62
CA LEU G 4 18.14 7.29 21.36
C LEU G 4 18.31 7.19 22.87
N THR G 5 19.25 6.39 23.36
CA THR G 5 19.57 6.42 24.79
C THR G 5 20.08 7.80 25.16
N GLU G 6 20.98 8.34 24.34
CA GLU G 6 21.53 9.67 24.61
C GLU G 6 20.42 10.70 24.62
N LYS G 7 19.49 10.61 23.67
CA LYS G 7 18.33 11.50 23.62
C LYS G 7 17.48 11.39 24.87
N PHE G 8 17.17 10.15 25.28
CA PHE G 8 16.48 9.92 26.55
C PHE G 8 17.17 10.61 27.72
N LEU G 9 18.47 10.50 27.81
CA LEU G 9 19.21 11.05 28.93
C LEU G 9 19.21 12.60 28.93
N ARG G 10 19.32 13.21 27.73
CA ARG G 10 19.21 14.66 27.55
C ARG G 10 17.86 15.18 28.06
N ILE G 11 16.77 14.50 27.72
CA ILE G 11 15.44 14.97 28.04
C ILE G 11 15.04 14.63 29.48
N PHE G 12 15.32 13.40 29.90
CA PHE G 12 14.80 12.82 31.15
C PHE G 12 15.78 12.69 32.34
N ALA G 13 17.03 13.03 32.10
CA ALA G 13 18.09 12.93 33.10
C ALA G 13 19.13 14.02 32.92
N ARG G 14 18.69 15.23 32.71
CA ARG G 14 19.60 16.34 32.47
C ARG G 14 20.55 16.56 33.67
N ARG G 15 20.10 16.21 34.87
CA ARG G 15 20.93 16.36 36.07
C ARG G 15 21.80 15.15 36.36
N GLY G 16 21.70 14.11 35.52
CA GLY G 16 22.52 12.93 35.65
C GLY G 16 21.75 11.76 36.24
N LYS G 17 20.69 12.05 36.99
CA LYS G 17 19.75 11.04 37.46
C LYS G 17 18.34 11.49 37.09
N SER G 18 17.38 10.59 37.22
CA SER G 18 16.02 10.81 36.72
C SER G 18 14.92 10.46 37.72
N ILE G 19 13.90 11.30 37.82
CA ILE G 19 12.64 10.91 38.45
C ILE G 19 11.50 11.14 37.49
N ILE G 20 10.76 10.06 37.23
CA ILE G 20 9.59 10.07 36.38
C ILE G 20 8.36 9.77 37.24
N LEU G 21 7.35 10.63 37.15
CA LEU G 21 6.09 10.38 37.87
C LEU G 21 5.17 9.49 37.04
N ALA G 22 4.97 8.26 37.49
CA ALA G 22 4.16 7.29 36.77
C ALA G 22 2.68 7.46 37.09
N TYR G 23 1.84 7.41 36.06
CA TYR G 23 0.41 7.62 36.22
C TYR G 23 -0.42 6.88 35.16
N ASP G 24 0.02 5.66 34.81
CA ASP G 24 -0.77 4.72 34.02
C ASP G 24 -1.68 3.86 34.89
N HIS G 25 -1.65 4.10 36.20
CA HIS G 25 -2.36 3.28 37.18
C HIS G 25 -3.86 3.18 36.94
N GLY G 26 -4.46 4.19 36.34
CA GLY G 26 -5.90 4.23 36.17
C GLY G 26 -6.40 3.04 35.35
N ILE G 27 -5.61 2.61 34.37
CA ILE G 27 -5.94 1.37 33.69
C ILE G 27 -5.36 0.14 34.37
N GLU G 28 -4.07 0.17 34.70
CA GLU G 28 -3.41 -1.04 35.23
C GLU G 28 -4.01 -1.54 36.55
N HIS G 29 -4.40 -0.63 37.44
CA HIS G 29 -4.97 -1.00 38.72
C HIS G 29 -6.38 -0.50 38.95
N GLY G 30 -6.75 0.53 38.23
CA GLY G 30 -8.03 1.16 38.42
C GLY G 30 -7.98 2.18 39.54
N PRO G 31 -9.07 2.89 39.69
CA PRO G 31 -9.15 4.02 40.62
C PRO G 31 -9.14 3.69 42.13
N ALA G 32 -9.21 2.45 42.55
CA ALA G 32 -9.03 2.19 43.97
C ALA G 32 -7.65 2.70 44.45
N ASP G 33 -6.67 2.79 43.55
CA ASP G 33 -5.38 3.40 43.85
C ASP G 33 -5.51 4.87 44.32
N PHE G 34 -6.56 5.57 43.88
CA PHE G 34 -6.75 7.00 44.13
C PHE G 34 -7.51 7.40 45.40
N MET G 35 -8.13 6.46 46.11
CA MET G 35 -8.95 6.81 47.30
C MET G 35 -8.13 7.40 48.48
N ASP G 36 -6.86 7.00 48.60
CA ASP G 36 -6.01 7.45 49.73
C ASP G 36 -5.86 8.97 49.77
N ASN G 37 -5.69 9.54 48.57
CA ASN G 37 -5.46 10.96 48.36
C ASN G 37 -6.23 11.27 47.08
N PRO G 38 -7.54 11.54 47.17
CA PRO G 38 -8.42 11.53 45.99
C PRO G 38 -8.11 12.60 44.93
N ASP G 39 -7.37 13.63 45.32
CA ASP G 39 -6.80 14.54 44.35
C ASP G 39 -6.00 13.78 43.29
N SER G 40 -5.44 12.61 43.66
CA SER G 40 -4.65 11.79 42.73
C SER G 40 -5.45 11.28 41.50
N ALA G 41 -6.79 11.32 41.55
CA ALA G 41 -7.59 10.97 40.37
C ALA G 41 -7.60 12.05 39.29
N ASP G 42 -7.12 13.24 39.64
CA ASP G 42 -7.10 14.40 38.74
C ASP G 42 -5.75 14.56 38.05
N PRO G 43 -5.67 14.27 36.74
CA PRO G 43 -4.38 14.37 36.05
C PRO G 43 -3.73 15.76 36.16
N GLU G 44 -4.51 16.82 36.36
CA GLU G 44 -3.99 18.18 36.55
C GLU G 44 -3.20 18.29 37.87
N TYR G 45 -3.68 17.65 38.92
CA TYR G 45 -2.93 17.56 40.16
C TYR G 45 -1.60 16.84 39.94
N ILE G 46 -1.63 15.79 39.13
CA ILE G 46 -0.39 15.04 38.84
C ILE G 46 0.64 15.87 38.07
N LEU G 47 0.20 16.57 37.02
CA LEU G 47 1.12 17.44 36.28
C LEU G 47 1.75 18.51 37.20
N ARG G 48 0.92 19.11 38.04
CA ARG G 48 1.35 20.16 38.96
C ARG G 48 2.39 19.60 39.95
N LEU G 49 2.17 18.38 40.42
CA LEU G 49 3.10 17.69 41.30
C LEU G 49 4.46 17.52 40.64
N ALA G 50 4.47 16.92 39.44
CA ALA G 50 5.68 16.73 38.67
C ALA G 50 6.46 18.01 38.45
N ARG G 51 5.75 19.07 38.12
CA ARG G 51 6.36 20.35 37.85
C ARG G 51 6.89 20.99 39.15
N ASP G 52 6.05 21.00 40.18
CA ASP G 52 6.37 21.66 41.44
C ASP G 52 7.55 20.95 42.15
N ALA G 53 7.68 19.64 41.96
CA ALA G 53 8.76 18.86 42.59
C ALA G 53 10.02 18.81 41.73
N GLY G 54 9.91 19.31 40.51
CA GLY G 54 11.05 19.41 39.61
C GLY G 54 11.42 18.06 39.01
N PHE G 55 10.46 17.15 38.88
CA PHE G 55 10.70 15.86 38.22
C PHE G 55 10.94 15.98 36.69
N ASP G 56 11.48 14.91 36.11
CA ASP G 56 11.93 14.92 34.70
C ASP G 56 10.83 14.58 33.71
N GLY G 57 9.77 13.92 34.16
CA GLY G 57 8.75 13.47 33.26
C GLY G 57 7.54 12.85 33.95
N VAL G 58 6.52 12.60 33.14
CA VAL G 58 5.33 11.91 33.55
C VAL G 58 5.06 10.77 32.57
N VAL G 59 4.38 9.74 33.05
CA VAL G 59 3.98 8.61 32.20
C VAL G 59 2.45 8.59 32.14
N PHE G 60 1.88 8.79 30.95
CA PHE G 60 0.42 8.75 30.78
C PHE G 60 0.05 7.77 29.67
N GLN G 61 -1.12 7.16 29.79
CA GLN G 61 -1.83 6.51 28.70
C GLN G 61 -2.35 7.57 27.73
N ARG G 62 -2.73 7.13 26.54
CA ARG G 62 -3.10 8.05 25.47
C ARG G 62 -4.28 8.94 25.80
N GLY G 63 -5.25 8.45 26.55
CA GLY G 63 -6.46 9.19 26.79
C GLY G 63 -6.21 10.33 27.77
N ILE G 64 -5.37 10.08 28.77
CA ILE G 64 -4.95 11.14 29.70
C ILE G 64 -4.03 12.18 28.98
N ALA G 65 -3.10 11.70 28.16
CA ALA G 65 -2.29 12.58 27.32
C ALA G 65 -3.16 13.52 26.43
N GLU G 66 -4.16 12.96 25.75
CA GLU G 66 -5.00 13.73 24.83
C GLU G 66 -5.80 14.79 25.57
N LYS G 67 -6.40 14.39 26.68
CA LYS G 67 -7.33 15.25 27.38
C LYS G 67 -6.67 16.27 28.31
N TYR G 68 -5.46 15.99 28.78
CA TYR G 68 -4.85 16.77 29.86
C TYR G 68 -3.43 17.25 29.62
N TYR G 69 -2.69 16.60 28.73
CA TYR G 69 -1.27 16.91 28.63
C TYR G 69 -1.10 18.28 28.04
N ASP G 70 -0.23 19.08 28.65
CA ASP G 70 -0.12 20.49 28.25
C ASP G 70 1.33 20.93 28.00
N GLY G 71 2.24 19.97 27.83
CA GLY G 71 3.63 20.28 27.48
C GLY G 71 4.49 20.76 28.63
N SER G 72 3.97 20.80 29.85
CA SER G 72 4.67 21.40 30.99
C SER G 72 5.80 20.55 31.57
N VAL G 73 5.72 19.24 31.33
CA VAL G 73 6.76 18.30 31.76
C VAL G 73 6.91 17.23 30.64
N PRO G 74 8.13 16.78 30.34
CA PRO G 74 8.31 15.79 29.28
C PRO G 74 7.39 14.55 29.49
N LEU G 75 6.80 14.06 28.40
CA LEU G 75 5.83 12.98 28.43
C LEU G 75 6.43 11.71 27.88
N ILE G 76 6.26 10.64 28.64
CA ILE G 76 6.42 9.27 28.17
C ILE G 76 5.03 8.71 27.96
N LEU G 77 4.69 8.38 26.73
CA LEU G 77 3.36 7.84 26.38
C LEU G 77 3.45 6.34 26.53
N LYS G 78 2.76 5.83 27.52
CA LYS G 78 2.66 4.38 27.74
C LYS G 78 1.69 3.78 26.72
N LEU G 79 2.22 2.99 25.81
CA LEU G 79 1.46 2.56 24.63
C LEU G 79 0.48 1.45 24.88
N ASN G 80 0.80 0.53 25.77
CA ASN G 80 -0.09 -0.59 25.99
C ASN G 80 -0.73 -0.46 27.36
N GLY G 81 -1.54 -1.42 27.76
CA GLY G 81 -2.21 -1.35 29.05
C GLY G 81 -3.13 -2.53 29.20
N LYS G 82 -3.24 -3.03 30.43
CA LYS G 82 -4.17 -4.08 30.75
C LYS G 82 -4.77 -3.78 32.12
N THR G 83 -5.78 -4.55 32.52
CA THR G 83 -6.42 -4.37 33.83
C THR G 83 -6.09 -5.50 34.80
N THR G 84 -6.26 -5.27 36.10
CA THR G 84 -6.17 -6.34 37.09
C THR G 84 -7.44 -7.20 37.14
N LEU G 85 -8.49 -6.77 36.42
CA LEU G 85 -9.70 -7.57 36.27
C LEU G 85 -9.46 -8.86 35.47
N TYR G 86 -8.50 -8.77 34.58
CA TYR G 86 -8.15 -9.85 33.69
C TYR G 86 -7.50 -11.04 34.48
N ASN G 87 -7.91 -12.27 34.15
CA ASN G 87 -7.36 -13.50 34.74
C ASN G 87 -6.49 -14.41 33.84
N GLY G 88 -6.33 -14.14 32.55
CA GLY G 88 -5.49 -15.04 31.72
C GLY G 88 -3.96 -14.92 31.93
N GLU G 89 -3.18 -15.54 31.03
CA GLU G 89 -1.74 -15.36 31.10
C GLU G 89 -1.59 -13.87 30.77
N PRO G 90 -0.67 -13.21 31.44
CA PRO G 90 -0.50 -11.77 31.34
C PRO G 90 -0.23 -11.31 29.92
N VAL G 91 -0.99 -10.31 29.50
CA VAL G 91 -0.82 -9.76 28.18
C VAL G 91 -1.32 -8.32 28.20
N SER G 92 -0.59 -7.47 27.48
CA SER G 92 -0.88 -6.04 27.38
C SER G 92 -0.55 -5.61 25.95
N VAL G 93 -1.59 -5.22 25.21
CA VAL G 93 -1.46 -4.83 23.83
C VAL G 93 -1.51 -3.32 23.67
N ALA G 94 -0.87 -2.84 22.60
CA ALA G 94 -0.87 -1.40 22.29
C ALA G 94 -2.30 -0.90 22.05
N ASN G 95 -2.66 0.21 22.69
CA ASN G 95 -3.89 0.93 22.38
C ASN G 95 -3.61 2.23 21.61
N CYS G 96 -2.35 2.46 21.29
CA CYS G 96 -1.84 3.69 20.69
C CYS G 96 -0.60 3.38 19.85
N SER G 97 -0.39 4.14 18.79
CA SER G 97 0.79 3.93 17.91
C SER G 97 1.85 4.95 18.29
N VAL G 98 3.09 4.69 17.88
CA VAL G 98 4.13 5.66 18.07
C VAL G 98 3.81 6.98 17.34
N GLU G 99 3.30 6.89 16.12
CA GLU G 99 2.92 8.09 15.35
C GLU G 99 1.91 8.98 16.13
N GLU G 100 0.90 8.35 16.71
CA GLU G 100 -0.07 9.09 17.51
C GLU G 100 0.59 9.64 18.76
N ALA G 101 1.48 8.89 19.39
CA ALA G 101 2.23 9.41 20.57
C ALA G 101 2.96 10.71 20.24
N VAL G 102 3.61 10.76 19.08
CA VAL G 102 4.25 11.97 18.60
C VAL G 102 3.25 13.13 18.54
N SER G 103 2.06 12.87 17.97
CA SER G 103 1.05 13.93 17.80
C SER G 103 0.56 14.39 19.16
N LEU G 104 0.58 13.52 20.17
CA LEU G 104 0.11 13.86 21.55
C LEU G 104 1.19 14.55 22.38
N GLY G 105 2.36 14.79 21.78
CA GLY G 105 3.44 15.54 22.40
C GLY G 105 4.43 14.75 23.24
N ALA G 106 4.44 13.44 23.08
CA ALA G 106 5.40 12.56 23.75
C ALA G 106 6.88 12.79 23.33
N SER G 107 7.78 12.66 24.30
CA SER G 107 9.23 12.71 24.07
C SER G 107 9.86 11.33 24.11
N ALA G 108 9.09 10.35 24.58
CA ALA G 108 9.44 8.92 24.56
C ALA G 108 8.18 8.08 24.64
N VAL G 109 8.29 6.80 24.34
CA VAL G 109 7.16 5.87 24.47
C VAL G 109 7.54 4.75 25.43
N GLY G 110 6.58 4.25 26.19
CA GLY G 110 6.78 3.08 27.06
C GLY G 110 5.95 1.91 26.57
N TYR G 111 6.48 0.70 26.75
CA TYR G 111 5.78 -0.51 26.40
C TYR G 111 6.13 -1.57 27.42
N THR G 112 5.10 -2.18 28.01
CA THR G 112 5.30 -3.24 29.00
C THR G 112 5.38 -4.60 28.32
N ILE G 113 6.36 -5.41 28.75
CA ILE G 113 6.43 -6.81 28.39
C ILE G 113 6.34 -7.67 29.65
N TYR G 114 5.75 -8.87 29.53
CA TYR G 114 5.71 -9.83 30.66
C TYR G 114 6.43 -11.12 30.20
N PRO G 115 7.76 -11.12 30.23
CA PRO G 115 8.48 -12.34 29.86
C PRO G 115 8.05 -13.51 30.76
N GLY G 116 7.92 -14.68 30.13
CA GLY G 116 7.46 -15.87 30.79
C GLY G 116 5.99 -16.11 30.56
N SER G 117 5.22 -15.05 30.32
CA SER G 117 3.80 -15.23 30.05
C SER G 117 3.60 -16.22 28.89
N GLY G 118 2.53 -17.00 28.93
CA GLY G 118 2.02 -17.76 27.77
C GLY G 118 1.86 -16.89 26.53
N PHE G 119 1.63 -15.59 26.73
CA PHE G 119 1.55 -14.60 25.64
C PHE G 119 2.83 -13.79 25.40
N GLU G 120 3.96 -14.28 25.91
CA GLU G 120 5.26 -13.61 25.73
C GLU G 120 5.48 -13.22 24.25
N TRP G 121 5.16 -14.17 23.39
CA TRP G 121 5.32 -14.00 21.95
C TRP G 121 4.47 -12.85 21.38
N LYS G 122 3.24 -12.69 21.87
CA LYS G 122 2.38 -11.62 21.38
C LYS G 122 2.98 -10.27 21.66
N MET G 123 3.47 -10.09 22.87
CA MET G 123 4.15 -8.87 23.24
C MET G 123 5.48 -8.63 22.49
N PHE G 124 6.29 -9.67 22.32
CA PHE G 124 7.52 -9.51 21.58
C PHE G 124 7.27 -9.15 20.10
N GLU G 125 6.27 -9.76 19.48
CA GLU G 125 5.86 -9.49 18.11
C GLU G 125 5.44 -8.04 17.95
N GLU G 126 4.64 -7.54 18.89
CA GLU G 126 4.20 -6.14 18.81
C GLU G 126 5.33 -5.17 19.16
N LEU G 127 6.09 -5.47 20.17
CA LEU G 127 7.26 -4.66 20.49
C LEU G 127 8.19 -4.46 19.30
N ALA G 128 8.35 -5.47 18.46
CA ALA G 128 9.17 -5.31 17.25
C ALA G 128 8.66 -4.16 16.39
N ARG G 129 7.35 -4.05 16.24
CA ARG G 129 6.79 -3.01 15.39
C ARG G 129 6.95 -1.64 16.07
N ILE G 130 6.72 -1.60 17.37
CA ILE G 130 6.89 -0.42 18.17
C ILE G 130 8.33 0.10 18.15
N LYS G 131 9.29 -0.81 18.29
CA LYS G 131 10.71 -0.45 18.23
C LYS G 131 11.05 0.13 16.87
N ARG G 132 10.59 -0.50 15.81
CA ARG G 132 10.87 0.02 14.49
C ARG G 132 10.30 1.42 14.32
N ASP G 133 9.06 1.63 14.79
CA ASP G 133 8.47 2.95 14.71
C ASP G 133 9.20 3.96 15.62
N ALA G 134 9.70 3.53 16.77
CA ALA G 134 10.41 4.40 17.69
C ALA G 134 11.65 4.96 17.02
N VAL G 135 12.39 4.08 16.36
CA VAL G 135 13.52 4.52 15.57
C VAL G 135 13.09 5.50 14.46
N LYS G 136 12.03 5.19 13.71
CA LYS G 136 11.60 6.00 12.57
C LYS G 136 11.24 7.46 12.99
N PHE G 137 10.56 7.56 14.11
CA PHE G 137 10.10 8.84 14.66
C PHE G 137 11.09 9.46 15.66
N ASP G 138 12.19 8.76 15.91
CA ASP G 138 13.27 9.22 16.80
C ASP G 138 12.77 9.51 18.22
N LEU G 139 11.92 8.63 18.75
CA LEU G 139 11.42 8.72 20.13
C LEU G 139 12.04 7.55 20.88
N PRO G 140 12.73 7.81 21.99
CA PRO G 140 13.25 6.71 22.81
C PRO G 140 12.19 5.77 23.26
N LEU G 141 12.55 4.49 23.30
CA LEU G 141 11.68 3.42 23.72
C LEU G 141 12.08 2.98 25.12
N VAL G 142 11.15 3.08 26.04
CA VAL G 142 11.35 2.61 27.39
C VAL G 142 10.61 1.29 27.51
N VAL G 143 11.33 0.21 27.72
CA VAL G 143 10.73 -1.09 27.90
C VAL G 143 10.57 -1.34 29.41
N GLU G 144 9.33 -1.60 29.81
CA GLU G 144 8.97 -1.87 31.20
C GLU G 144 8.93 -3.39 31.28
N SER G 145 9.93 -3.97 31.92
CA SER G 145 10.16 -5.40 31.83
C SER G 145 9.81 -6.07 33.14
N PHE G 146 8.63 -6.70 33.15
CA PHE G 146 8.07 -7.30 34.34
C PHE G 146 7.74 -8.77 34.05
N PRO G 147 8.70 -9.67 34.20
CA PRO G 147 8.42 -11.11 34.12
C PRO G 147 7.23 -11.51 35.02
N ARG G 148 6.31 -12.25 34.42
CA ARG G 148 5.02 -12.61 35.03
C ARG G 148 4.41 -13.73 34.20
N GLY G 149 3.85 -14.71 34.87
CA GLY G 149 3.30 -15.92 34.26
C GLY G 149 4.39 -16.92 34.09
N GLY G 150 4.07 -18.02 33.41
CA GLY G 150 5.04 -19.08 33.18
C GLY G 150 5.71 -19.50 34.48
N LYS G 151 7.03 -19.58 34.43
CA LYS G 151 7.82 -20.11 35.54
C LYS G 151 8.23 -19.03 36.54
N VAL G 152 7.63 -17.86 36.45
CA VAL G 152 7.95 -16.79 37.39
C VAL G 152 7.10 -17.00 38.64
N VAL G 153 7.77 -17.34 39.73
CA VAL G 153 7.11 -17.51 41.04
C VAL G 153 7.29 -16.27 41.96
N ASN G 154 8.42 -15.58 41.84
CA ASN G 154 8.73 -14.41 42.66
C ASN G 154 9.30 -13.30 41.76
N GLU G 155 8.49 -12.29 41.53
CA GLU G 155 8.83 -11.23 40.59
C GLU G 155 10.04 -10.41 41.03
N THR G 156 10.34 -10.34 42.32
CA THR G 156 11.51 -9.57 42.75
C THR G 156 12.71 -10.42 43.13
N ALA G 157 12.67 -11.72 42.83
CA ALA G 157 13.87 -12.53 42.99
C ALA G 157 15.03 -11.94 42.20
N PRO G 158 16.25 -12.04 42.73
CA PRO G 158 17.41 -11.44 42.05
C PRO G 158 17.58 -11.90 40.62
N GLU G 159 17.42 -13.19 40.39
CA GLU G 159 17.62 -13.75 39.06
C GLU G 159 16.51 -13.38 38.07
N ILE G 160 15.32 -13.10 38.58
CA ILE G 160 14.20 -12.68 37.75
C ILE G 160 14.35 -11.21 37.29
N VAL G 161 14.72 -10.34 38.23
CA VAL G 161 15.00 -8.95 37.90
C VAL G 161 16.20 -8.82 36.96
N ALA G 162 17.26 -9.58 37.18
CA ALA G 162 18.40 -9.54 36.24
C ALA G 162 17.97 -10.00 34.84
N TYR G 163 17.16 -11.04 34.78
CA TYR G 163 16.61 -11.54 33.52
C TYR G 163 15.73 -10.45 32.89
N ALA G 164 14.84 -9.81 33.66
CA ALA G 164 14.07 -8.69 33.13
C ALA G 164 14.94 -7.62 32.47
N ALA G 165 16.00 -7.19 33.17
CA ALA G 165 16.89 -6.16 32.67
C ALA G 165 17.58 -6.58 31.38
N ARG G 166 18.05 -7.82 31.35
CA ARG G 166 18.79 -8.26 30.20
C ARG G 166 17.86 -8.35 29.00
N ILE G 167 16.64 -8.85 29.21
CA ILE G 167 15.70 -8.99 28.07
C ILE G 167 15.42 -7.64 27.40
N ALA G 168 15.21 -6.63 28.22
CA ALA G 168 15.01 -5.28 27.71
C ALA G 168 16.16 -4.80 26.85
N LEU G 169 17.39 -4.99 27.31
CA LEU G 169 18.55 -4.62 26.49
C LEU G 169 18.52 -5.37 25.16
N GLU G 170 18.27 -6.69 25.22
CA GLU G 170 18.35 -7.57 24.05
C GLU G 170 17.34 -7.19 22.98
N LEU G 171 16.16 -6.69 23.40
CA LEU G 171 15.05 -6.43 22.50
C LEU G 171 15.04 -5.01 21.95
N GLY G 172 15.98 -4.18 22.40
CA GLY G 172 16.17 -2.86 21.82
C GLY G 172 15.74 -1.68 22.67
N ALA G 173 15.51 -1.89 23.94
CA ALA G 173 15.20 -0.77 24.83
C ALA G 173 16.27 0.31 24.79
N ASP G 174 15.83 1.56 24.83
CA ASP G 174 16.72 2.71 24.99
C ASP G 174 16.86 3.12 26.46
N ALA G 175 15.82 2.83 27.25
CA ALA G 175 15.84 2.86 28.70
C ALA G 175 14.88 1.78 29.16
N MET G 176 14.95 1.44 30.44
CA MET G 176 14.13 0.37 30.95
C MET G 176 13.62 0.66 32.33
N LYS G 177 12.48 0.06 32.65
CA LYS G 177 11.90 0.09 33.97
C LYS G 177 11.78 -1.35 34.50
N ILE G 178 12.33 -1.58 35.68
CA ILE G 178 12.29 -2.89 36.35
C ILE G 178 12.03 -2.76 37.83
N LYS G 179 11.65 -3.88 38.44
CA LYS G 179 11.35 -3.91 39.88
C LYS G 179 12.65 -4.00 40.67
N TYR G 180 12.64 -3.48 41.90
CA TYR G 180 13.76 -3.58 42.79
C TYR G 180 13.84 -4.95 43.43
N THR G 181 15.05 -5.47 43.62
CA THR G 181 15.24 -6.72 44.35
C THR G 181 15.20 -6.59 45.88
N GLY G 182 15.27 -5.38 46.40
CA GLY G 182 15.30 -5.19 47.86
C GLY G 182 16.67 -4.90 48.43
N ASP G 183 17.72 -5.13 47.64
CA ASP G 183 19.07 -4.80 48.07
C ASP G 183 19.98 -4.37 46.95
N PRO G 184 20.92 -3.47 47.26
CA PRO G 184 21.81 -2.93 46.22
C PRO G 184 22.72 -3.95 45.56
N LYS G 185 23.18 -4.98 46.26
CA LYS G 185 24.11 -5.93 45.65
C LYS G 185 23.48 -6.72 44.49
N THR G 186 22.31 -7.30 44.72
CA THR G 186 21.63 -8.07 43.67
C THR G 186 21.07 -7.13 42.61
N PHE G 187 20.64 -5.94 43.01
CA PHE G 187 20.19 -4.94 42.00
C PHE G 187 21.32 -4.44 41.09
N SER G 188 22.52 -4.37 41.63
CA SER G 188 23.66 -3.93 40.85
C SER G 188 24.00 -4.94 39.75
N TRP G 189 23.68 -6.20 39.95
CA TRP G 189 23.88 -7.20 38.90
C TRP G 189 22.87 -6.97 37.78
N ALA G 190 21.63 -6.64 38.13
CA ALA G 190 20.64 -6.32 37.12
C ALA G 190 21.10 -5.09 36.32
N VAL G 191 21.62 -4.08 37.00
CA VAL G 191 22.10 -2.87 36.34
C VAL G 191 23.29 -3.22 35.41
N LYS G 192 24.15 -4.14 35.82
CA LYS G 192 25.34 -4.49 35.04
C LYS G 192 24.94 -5.16 33.74
N VAL G 193 24.03 -6.13 33.83
CA VAL G 193 23.62 -6.92 32.65
C VAL G 193 22.82 -6.04 31.68
N ALA G 194 22.26 -4.94 32.19
CA ALA G 194 21.60 -3.95 31.33
C ALA G 194 22.58 -3.17 30.47
N GLY G 195 23.87 -3.18 30.83
CA GLY G 195 24.89 -2.60 29.96
C GLY G 195 24.73 -1.09 29.83
N LYS G 196 24.76 -0.62 28.57
CA LYS G 196 24.62 0.81 28.22
C LYS G 196 23.20 1.32 28.38
N VAL G 197 22.25 0.47 28.69
CA VAL G 197 20.87 0.94 28.76
C VAL G 197 20.57 1.33 30.20
N PRO G 198 20.18 2.58 30.43
CA PRO G 198 19.88 3.05 31.79
C PRO G 198 18.64 2.36 32.40
N VAL G 199 18.69 2.14 33.71
CA VAL G 199 17.68 1.43 34.47
C VAL G 199 16.95 2.39 35.39
N LEU G 200 15.63 2.35 35.32
CA LEU G 200 14.75 3.03 36.26
C LEU G 200 14.08 2.00 37.14
N MET G 201 14.07 2.26 38.43
CA MET G 201 13.36 1.42 39.38
C MET G 201 11.88 1.77 39.43
N SER G 202 11.03 0.75 39.35
CA SER G 202 9.58 0.90 39.53
C SER G 202 9.30 1.04 41.05
N GLY G 203 8.54 2.05 41.43
CA GLY G 203 8.39 2.40 42.85
C GLY G 203 7.78 1.32 43.71
N GLY G 204 6.71 0.71 43.23
CA GLY G 204 6.02 -0.33 43.98
C GLY G 204 4.94 0.19 44.92
N PRO G 205 4.29 -0.70 45.66
CA PRO G 205 3.24 -0.29 46.59
C PRO G 205 3.77 0.72 47.60
N LYS G 206 2.87 1.58 48.07
CA LYS G 206 3.22 2.61 49.03
C LYS G 206 3.77 1.95 50.28
N THR G 207 4.92 2.42 50.75
CA THR G 207 5.57 1.84 51.93
C THR G 207 4.96 2.37 53.19
N LYS G 208 5.20 1.65 54.29
CA LYS G 208 4.64 2.00 55.57
C LYS G 208 5.24 3.32 56.07
N THR G 209 6.56 3.45 55.96
CA THR G 209 7.20 4.71 56.31
C THR G 209 7.82 5.31 55.05
N GLU G 210 7.93 6.62 55.02
CA GLU G 210 8.66 7.31 53.96
C GLU G 210 10.11 6.85 53.92
N GLU G 211 10.72 6.64 55.10
CA GLU G 211 12.10 6.17 55.18
C GLU G 211 12.29 4.83 54.39
N ASP G 212 11.30 3.95 54.44
CA ASP G 212 11.41 2.65 53.80
C ASP G 212 11.63 2.88 52.31
N PHE G 213 10.81 3.75 51.72
CA PHE G 213 10.96 4.04 50.29
C PHE G 213 12.29 4.73 49.99
N LEU G 214 12.67 5.75 50.75
CA LEU G 214 13.91 6.45 50.49
C LEU G 214 15.11 5.50 50.58
N LYS G 215 15.05 4.53 51.50
CA LYS G 215 16.10 3.51 51.57
C LYS G 215 16.17 2.65 50.29
N GLN G 216 15.03 2.30 49.72
CA GLN G 216 15.01 1.59 48.44
C GLN G 216 15.67 2.44 47.36
N VAL G 217 15.30 3.72 47.28
CA VAL G 217 15.87 4.64 46.29
C VAL G 217 17.40 4.77 46.47
N GLU G 218 17.85 4.96 47.71
CA GLU G 218 19.29 4.94 48.04
C GLU G 218 20.02 3.72 47.49
N GLY G 219 19.44 2.53 47.70
CA GLY G 219 19.98 1.27 47.18
C GLY G 219 20.04 1.21 45.66
N VAL G 220 18.99 1.69 45.02
CA VAL G 220 18.89 1.71 43.58
C VAL G 220 20.02 2.61 43.03
N LEU G 221 20.20 3.77 43.63
CA LEU G 221 21.25 4.69 43.23
C LEU G 221 22.65 4.10 43.50
N GLU G 222 22.86 3.50 44.68
CA GLU G 222 24.12 2.81 44.99
C GLU G 222 24.46 1.73 43.95
N ALA G 223 23.42 1.05 43.46
CA ALA G 223 23.53 -0.02 42.47
C ALA G 223 23.89 0.48 41.07
N GLY G 224 23.81 1.80 40.86
CA GLY G 224 24.15 2.44 39.61
C GLY G 224 23.00 2.66 38.65
N ALA G 225 21.76 2.54 39.14
CA ALA G 225 20.61 2.82 38.29
C ALA G 225 20.55 4.33 38.02
N LEU G 226 19.80 4.70 36.99
CA LEU G 226 19.61 6.09 36.63
C LEU G 226 18.64 6.79 37.55
N GLY G 227 17.70 6.04 38.10
CA GLY G 227 16.74 6.64 38.97
C GLY G 227 15.51 5.83 39.12
N ILE G 228 14.38 6.53 39.24
CA ILE G 228 13.13 5.90 39.59
C ILE G 228 11.97 6.31 38.73
N ALA G 229 11.02 5.41 38.55
CA ALA G 229 9.73 5.70 37.98
C ALA G 229 8.70 5.41 39.06
N VAL G 230 8.20 6.46 39.69
CA VAL G 230 7.40 6.31 40.90
C VAL G 230 5.98 6.87 40.74
N GLY G 231 5.03 6.13 41.25
CA GLY G 231 3.64 6.56 41.22
C GLY G 231 3.08 6.68 42.64
N ARG G 232 2.65 5.54 43.17
CA ARG G 232 1.96 5.46 44.45
C ARG G 232 2.72 6.06 45.60
N ASN G 233 4.02 5.81 45.67
CA ASN G 233 4.81 6.31 46.79
C ASN G 233 4.95 7.83 46.82
N VAL G 234 4.58 8.50 45.74
CA VAL G 234 4.34 9.95 45.77
C VAL G 234 2.86 10.28 45.90
N TRP G 235 2.03 9.95 44.90
CA TRP G 235 0.68 10.52 44.88
C TRP G 235 -0.40 9.84 45.74
N GLN G 236 -0.10 8.70 46.37
CA GLN G 236 -1.01 8.13 47.39
C GLN G 236 -0.79 8.73 48.76
N ARG G 237 0.16 9.65 48.88
CA ARG G 237 0.46 10.28 50.14
C ARG G 237 -0.28 11.60 50.26
N ARG G 238 -0.76 11.89 51.47
CA ARG G 238 -1.36 13.18 51.79
C ARG G 238 -0.35 14.32 51.66
N ASP G 239 0.93 14.00 51.91
CA ASP G 239 2.03 14.98 51.82
C ASP G 239 2.82 14.78 50.52
N ALA G 240 2.11 14.49 49.44
CA ALA G 240 2.76 14.13 48.19
C ALA G 240 3.83 15.12 47.72
N LEU G 241 3.54 16.43 47.74
CA LEU G 241 4.51 17.41 47.23
C LEU G 241 5.77 17.46 48.10
N LYS G 242 5.59 17.49 49.43
CA LYS G 242 6.72 17.53 50.34
C LYS G 242 7.64 16.29 50.14
N PHE G 243 7.03 15.12 50.08
CA PHE G 243 7.80 13.91 49.88
C PHE G 243 8.42 13.87 48.49
N ALA G 244 7.68 14.36 47.50
CA ALA G 244 8.23 14.47 46.15
C ALA G 244 9.52 15.32 46.21
N ARG G 245 9.49 16.42 46.95
CA ARG G 245 10.67 17.27 47.02
C ARG G 245 11.82 16.62 47.78
N ALA G 246 11.53 15.80 48.79
CA ALA G 246 12.58 15.02 49.47
C ALA G 246 13.22 14.03 48.52
N LEU G 247 12.42 13.42 47.67
CA LEU G 247 12.95 12.45 46.71
C LEU G 247 13.84 13.15 45.70
N ALA G 248 13.41 14.31 45.22
CA ALA G 248 14.24 15.16 44.37
C ALA G 248 15.57 15.51 45.05
N GLU G 249 15.54 15.86 46.34
CA GLU G 249 16.78 16.14 47.05
C GLU G 249 17.73 14.93 47.08
N LEU G 250 17.18 13.75 47.27
CA LEU G 250 17.99 12.55 47.37
C LEU G 250 18.61 12.18 46.04
N VAL G 251 17.76 12.12 45.04
CA VAL G 251 18.14 11.63 43.72
C VAL G 251 19.06 12.59 43.00
N TYR G 252 18.77 13.88 43.03
CA TYR G 252 19.55 14.86 42.28
C TYR G 252 20.69 15.37 43.13
N ASN H 3 23.27 -16.75 -4.99
CA ASN H 3 23.63 -17.99 -4.19
C ASN H 3 24.24 -17.59 -2.85
N LEU H 4 23.35 -17.59 -1.87
CA LEU H 4 23.64 -17.06 -0.54
C LEU H 4 24.40 -18.04 0.31
N THR H 5 24.35 -19.32 -0.04
CA THR H 5 25.24 -20.24 0.60
C THR H 5 26.72 -19.91 0.28
N GLU H 6 27.01 -19.60 -0.98
CA GLU H 6 28.36 -19.18 -1.37
C GLU H 6 28.79 -17.90 -0.67
N LYS H 7 27.84 -16.96 -0.54
CA LYS H 7 28.11 -15.70 0.14
C LYS H 7 28.40 -15.96 1.60
N PHE H 8 27.61 -16.83 2.23
CA PHE H 8 27.80 -17.21 3.61
C PHE H 8 29.21 -17.78 3.85
N LEU H 9 29.61 -18.69 3.00
CA LEU H 9 30.93 -19.29 3.10
C LEU H 9 32.10 -18.31 2.91
N ARG H 10 31.92 -17.35 2.01
CA ARG H 10 32.90 -16.30 1.72
C ARG H 10 33.13 -15.48 2.98
N ILE H 11 32.03 -15.12 3.64
CA ILE H 11 32.11 -14.25 4.78
C ILE H 11 32.50 -15.00 6.05
N PHE H 12 31.86 -16.14 6.30
CA PHE H 12 31.95 -16.79 7.59
C PHE H 12 32.83 -18.04 7.57
N ALA H 13 33.34 -18.41 6.40
CA ALA H 13 34.16 -19.62 6.31
C ALA H 13 35.30 -19.45 5.31
N ARG H 14 35.99 -18.33 5.40
CA ARG H 14 37.04 -18.05 4.43
C ARG H 14 38.20 -19.08 4.49
N ARG H 15 38.46 -19.68 5.66
CA ARG H 15 39.52 -20.68 5.81
C ARG H 15 39.05 -22.09 5.49
N GLY H 16 37.79 -22.26 5.14
CA GLY H 16 37.25 -23.57 4.80
C GLY H 16 36.37 -24.15 5.88
N LYS H 17 36.57 -23.70 7.11
CA LYS H 17 35.69 -24.08 8.24
C LYS H 17 35.34 -22.81 9.00
N SER H 18 34.38 -22.93 9.91
CA SER H 18 33.84 -21.78 10.62
C SER H 18 33.81 -21.94 12.13
N ILE H 19 34.15 -20.88 12.86
CA ILE H 19 33.77 -20.73 14.27
C ILE H 19 33.00 -19.43 14.42
N ILE H 20 31.77 -19.58 14.87
CA ILE H 20 30.94 -18.43 15.22
C ILE H 20 30.74 -18.34 16.74
N LEU H 21 30.93 -17.15 17.30
CA LEU H 21 30.74 -16.96 18.71
C LEU H 21 29.29 -16.55 18.97
N ALA H 22 28.53 -17.45 19.60
CA ALA H 22 27.10 -17.25 19.85
C ALA H 22 26.89 -16.48 21.16
N TYR H 23 26.02 -15.47 21.09
CA TYR H 23 25.76 -14.58 22.22
C TYR H 23 24.33 -14.05 22.25
N ASP H 24 23.38 -14.90 21.89
CA ASP H 24 21.94 -14.62 22.08
C ASP H 24 21.43 -15.09 23.45
N HIS H 25 22.35 -15.57 24.30
CA HIS H 25 21.99 -16.24 25.55
C HIS H 25 21.30 -15.32 26.55
N GLY H 26 21.60 -14.03 26.48
CA GLY H 26 21.00 -13.06 27.38
C GLY H 26 19.47 -13.09 27.38
N ILE H 27 18.86 -13.29 26.22
CA ILE H 27 17.41 -13.49 26.16
C ILE H 27 17.02 -14.96 26.29
N GLU H 28 17.74 -15.87 25.62
CA GLU H 28 17.37 -17.27 25.60
C GLU H 28 17.41 -17.91 26.99
N HIS H 29 18.45 -17.61 27.76
CA HIS H 29 18.68 -18.23 29.07
C HIS H 29 18.74 -17.24 30.21
N GLY H 30 18.97 -15.97 29.88
CA GLY H 30 19.15 -14.96 30.88
C GLY H 30 20.59 -14.95 31.37
N PRO H 31 20.85 -13.96 32.23
CA PRO H 31 22.22 -13.69 32.67
C PRO H 31 22.79 -14.64 33.70
N ALA H 32 22.03 -15.65 34.14
CA ALA H 32 22.59 -16.56 35.14
C ALA H 32 23.87 -17.17 34.57
N ASP H 33 23.88 -17.53 33.29
CA ASP H 33 25.12 -18.11 32.74
C ASP H 33 26.30 -17.16 32.51
N PHE H 34 26.11 -15.87 32.81
CA PHE H 34 27.21 -14.92 32.85
C PHE H 34 27.90 -14.86 34.24
N MET H 35 27.35 -15.48 35.27
CA MET H 35 27.99 -15.36 36.62
C MET H 35 29.32 -16.10 36.76
N ASP H 36 29.41 -17.29 36.17
CA ASP H 36 30.66 -18.08 36.05
C ASP H 36 31.88 -17.20 35.69
N ASN H 37 31.71 -16.34 34.69
CA ASN H 37 32.78 -15.46 34.18
C ASN H 37 32.10 -14.11 33.88
N PRO H 38 31.94 -13.27 34.89
CA PRO H 38 31.09 -12.06 34.80
C PRO H 38 31.40 -11.09 33.66
N ASP H 39 32.65 -11.04 33.19
CA ASP H 39 32.96 -10.25 31.99
C ASP H 39 32.11 -10.67 30.78
N SER H 40 31.65 -11.92 30.75
CA SER H 40 30.79 -12.39 29.65
C SER H 40 29.48 -11.60 29.56
N ALA H 41 29.10 -10.91 30.63
CA ALA H 41 27.86 -10.10 30.59
C ALA H 41 28.06 -8.84 29.76
N ASP H 42 29.32 -8.50 29.49
CA ASP H 42 29.71 -7.32 28.71
C ASP H 42 29.89 -7.70 27.20
N PRO H 43 29.00 -7.22 26.34
CA PRO H 43 29.12 -7.50 24.90
C PRO H 43 30.43 -6.97 24.29
N GLU H 44 31.03 -5.92 24.84
CA GLU H 44 32.33 -5.46 24.34
C GLU H 44 33.40 -6.52 24.54
N TYR H 45 33.32 -7.21 25.68
CA TYR H 45 34.21 -8.31 25.97
C TYR H 45 34.06 -9.45 24.94
N ILE H 46 32.83 -9.76 24.57
CA ILE H 46 32.54 -10.82 23.62
C ILE H 46 33.12 -10.43 22.25
N LEU H 47 32.90 -9.20 21.81
CA LEU H 47 33.48 -8.76 20.53
C LEU H 47 35.00 -8.89 20.54
N ARG H 48 35.65 -8.47 21.61
CA ARG H 48 37.12 -8.57 21.70
C ARG H 48 37.57 -10.03 21.62
N LEU H 49 36.86 -10.89 22.33
CA LEU H 49 37.16 -12.31 22.36
C LEU H 49 37.08 -12.91 20.94
N ALA H 50 36.03 -12.56 20.21
CA ALA H 50 35.86 -13.08 18.83
C ALA H 50 37.00 -12.61 17.97
N ARG H 51 37.33 -11.32 18.02
CA ARG H 51 38.46 -10.77 17.26
C ARG H 51 39.79 -11.41 17.64
N ASP H 52 40.06 -11.43 18.95
CA ASP H 52 41.38 -11.84 19.46
C ASP H 52 41.63 -13.32 19.18
N ALA H 53 40.56 -14.11 19.06
CA ALA H 53 40.72 -15.54 18.80
C ALA H 53 40.67 -15.87 17.31
N GLY H 54 40.35 -14.87 16.50
CA GLY H 54 40.30 -15.04 15.06
C GLY H 54 39.05 -15.77 14.57
N PHE H 55 37.94 -15.65 15.29
CA PHE H 55 36.71 -16.32 14.86
C PHE H 55 36.07 -15.61 13.65
N ASP H 56 35.12 -16.28 13.02
CA ASP H 56 34.47 -15.80 11.79
C ASP H 56 33.28 -14.88 11.97
N GLY H 57 32.65 -14.91 13.14
CA GLY H 57 31.44 -14.12 13.33
C GLY H 57 30.96 -14.14 14.77
N VAL H 58 30.02 -13.24 15.08
CA VAL H 58 29.27 -13.29 16.34
C VAL H 58 27.77 -13.35 16.03
N VAL H 59 26.98 -13.89 16.94
CA VAL H 59 25.54 -13.91 16.82
C VAL H 59 24.99 -13.03 17.93
N PHE H 60 24.32 -11.94 17.55
CA PHE H 60 23.69 -11.02 18.49
C PHE H 60 22.20 -10.85 18.19
N GLN H 61 21.42 -10.62 19.23
CA GLN H 61 20.08 -10.06 19.12
C GLN H 61 20.15 -8.58 18.75
N ARG H 62 19.03 -8.01 18.36
CA ARG H 62 19.04 -6.66 17.79
C ARG H 62 19.52 -5.59 18.77
N GLY H 63 19.18 -5.72 20.06
CA GLY H 63 19.53 -4.69 21.03
C GLY H 63 21.03 -4.63 21.23
N ILE H 64 21.64 -5.80 21.32
CA ILE H 64 23.08 -5.90 21.49
C ILE H 64 23.76 -5.38 20.26
N ALA H 65 23.27 -5.75 19.08
CA ALA H 65 23.89 -5.24 17.87
C ALA H 65 23.75 -3.72 17.79
N GLU H 66 22.59 -3.17 18.09
CA GLU H 66 22.40 -1.74 17.98
C GLU H 66 23.32 -0.97 18.92
N LYS H 67 23.39 -1.41 20.18
CA LYS H 67 24.13 -0.68 21.20
C LYS H 67 25.67 -0.96 21.18
N TYR H 68 26.08 -2.10 20.62
CA TYR H 68 27.48 -2.54 20.76
C TYR H 68 28.20 -2.89 19.48
N TYR H 69 27.50 -3.34 18.44
CA TYR H 69 28.20 -3.79 17.26
C TYR H 69 29.01 -2.67 16.61
N ASP H 70 30.26 -2.99 16.24
CA ASP H 70 31.19 -1.98 15.77
C ASP H 70 31.86 -2.35 14.45
N GLY H 71 31.33 -3.31 13.71
CA GLY H 71 31.85 -3.62 12.39
C GLY H 71 33.07 -4.51 12.39
N SER H 72 33.52 -4.94 13.57
CA SER H 72 34.87 -5.52 13.72
C SER H 72 34.98 -7.01 13.40
N VAL H 73 33.86 -7.71 13.54
CA VAL H 73 33.72 -9.13 13.22
C VAL H 73 32.37 -9.27 12.52
N PRO H 74 32.24 -10.09 11.47
CA PRO H 74 30.93 -10.26 10.82
C PRO H 74 29.82 -10.69 11.77
N LEU H 75 28.66 -10.07 11.60
CA LEU H 75 27.50 -10.20 12.47
C LEU H 75 26.39 -11.06 11.84
N ILE H 76 25.93 -12.04 12.59
CA ILE H 76 24.67 -12.72 12.32
C ILE H 76 23.67 -12.15 13.32
N LEU H 77 22.62 -11.54 12.80
CA LEU H 77 21.58 -10.96 13.64
C LEU H 77 20.54 -12.05 13.84
N LYS H 78 20.40 -12.51 15.07
CA LYS H 78 19.41 -13.45 15.46
C LYS H 78 18.08 -12.72 15.64
N LEU H 79 17.15 -13.03 14.75
CA LEU H 79 15.96 -12.23 14.56
C LEU H 79 14.90 -12.50 15.59
N ASN H 80 14.78 -13.74 16.04
CA ASN H 80 13.73 -14.07 17.02
C ASN H 80 14.36 -14.34 18.39
N GLY H 81 13.55 -14.69 19.37
CA GLY H 81 14.03 -14.95 20.70
C GLY H 81 12.88 -15.23 21.63
N LYS H 82 13.12 -16.15 22.58
CA LYS H 82 12.17 -16.47 23.61
C LYS H 82 12.95 -16.65 24.90
N THR H 83 12.24 -16.74 26.02
CA THR H 83 12.93 -16.96 27.29
C THR H 83 12.68 -18.36 27.84
N THR H 84 13.50 -18.75 28.81
CA THR H 84 13.25 -20.00 29.54
C THR H 84 12.21 -19.83 30.61
N LEU H 85 11.80 -18.60 30.91
CA LEU H 85 10.68 -18.38 31.82
C LEU H 85 9.37 -18.85 31.22
N TYR H 86 9.28 -18.79 29.90
CA TYR H 86 8.09 -19.21 29.14
C TYR H 86 7.86 -20.70 29.30
N ASN H 87 6.61 -21.09 29.57
CA ASN H 87 6.25 -22.48 29.78
C ASN H 87 5.33 -23.08 28.70
N GLY H 88 4.83 -22.32 27.74
CA GLY H 88 3.96 -22.94 26.74
C GLY H 88 4.69 -23.81 25.69
N GLU H 89 3.91 -24.24 24.70
CA GLU H 89 4.49 -24.83 23.47
C GLU H 89 5.59 -23.94 22.94
N PRO H 90 6.77 -24.49 22.69
CA PRO H 90 7.93 -23.67 22.33
C PRO H 90 7.63 -22.79 21.13
N VAL H 91 7.91 -21.50 21.25
CA VAL H 91 7.68 -20.54 20.16
C VAL H 91 8.64 -19.39 20.37
N SER H 92 9.10 -18.84 19.27
CA SER H 92 10.07 -17.74 19.27
C SER H 92 9.74 -16.88 18.05
N VAL H 93 9.30 -15.65 18.29
CA VAL H 93 8.86 -14.80 17.18
C VAL H 93 9.92 -13.75 16.91
N ALA H 94 9.94 -13.28 15.66
CA ALA H 94 10.88 -12.21 15.27
C ALA H 94 10.63 -10.94 16.10
N ASN H 95 11.69 -10.37 16.65
CA ASN H 95 11.66 -9.04 17.22
C ASN H 95 12.36 -8.00 16.38
N CYS H 96 12.78 -8.40 15.19
CA CYS H 96 13.54 -7.58 14.30
C CYS H 96 13.25 -8.06 12.86
N SER H 97 13.29 -7.14 11.90
CA SER H 97 13.12 -7.49 10.48
C SER H 97 14.48 -7.66 9.82
N VAL H 98 14.51 -8.31 8.68
CA VAL H 98 15.73 -8.38 7.88
C VAL H 98 16.22 -7.00 7.48
N GLU H 99 15.29 -6.11 7.07
CA GLU H 99 15.66 -4.77 6.66
C GLU H 99 16.37 -4.04 7.82
N GLU H 100 15.81 -4.16 9.03
CA GLU H 100 16.51 -3.58 10.18
C GLU H 100 17.86 -4.27 10.45
N ALA H 101 17.95 -5.59 10.23
CA ALA H 101 19.22 -6.28 10.41
C ALA H 101 20.30 -5.72 9.48
N VAL H 102 19.91 -5.47 8.22
CA VAL H 102 20.79 -4.81 7.27
C VAL H 102 21.26 -3.48 7.85
N SER H 103 20.34 -2.65 8.35
CA SER H 103 20.68 -1.34 8.92
C SER H 103 21.62 -1.46 10.14
N LEU H 104 21.57 -2.57 10.86
CA LEU H 104 22.41 -2.78 12.06
C LEU H 104 23.80 -3.37 11.76
N GLY H 105 24.08 -3.64 10.49
CA GLY H 105 25.39 -4.11 10.05
C GLY H 105 25.48 -5.60 9.86
N ALA H 106 24.35 -6.31 9.79
CA ALA H 106 24.37 -7.77 9.69
C ALA H 106 24.90 -8.23 8.34
N SER H 107 25.64 -9.32 8.33
CA SER H 107 26.06 -10.02 7.09
C SER H 107 25.26 -11.28 6.83
N ALA H 108 24.50 -11.74 7.83
CA ALA H 108 23.52 -12.81 7.77
C ALA H 108 22.46 -12.62 8.84
N VAL H 109 21.37 -13.36 8.73
CA VAL H 109 20.33 -13.36 9.75
C VAL H 109 20.16 -14.80 10.20
N GLY H 110 19.77 -14.94 11.46
CA GLY H 110 19.46 -16.23 12.08
C GLY H 110 18.02 -16.27 12.53
N TYR H 111 17.40 -17.44 12.42
CA TYR H 111 16.03 -17.64 12.87
C TYR H 111 15.91 -19.06 13.41
N THR H 112 15.41 -19.16 14.64
CA THR H 112 15.20 -20.42 15.32
C THR H 112 13.83 -20.96 15.00
N ILE H 113 13.78 -22.25 14.66
CA ILE H 113 12.54 -22.99 14.56
C ILE H 113 12.54 -24.15 15.53
N TYR H 114 11.36 -24.51 16.02
CA TYR H 114 11.13 -25.63 16.94
C TYR H 114 10.13 -26.60 16.32
N PRO H 115 10.60 -27.39 15.38
CA PRO H 115 9.75 -28.39 14.74
C PRO H 115 9.16 -29.36 15.75
N GLY H 116 7.90 -29.70 15.59
CA GLY H 116 7.20 -30.54 16.56
C GLY H 116 6.38 -29.73 17.57
N SER H 117 6.78 -28.49 17.80
CA SER H 117 6.03 -27.66 18.76
C SER H 117 4.60 -27.53 18.31
N GLY H 118 3.68 -27.43 19.27
CA GLY H 118 2.30 -27.02 18.98
C GLY H 118 2.24 -25.74 18.15
N PHE H 119 3.27 -24.90 18.23
CA PHE H 119 3.33 -23.64 17.46
C PHE H 119 4.30 -23.74 16.29
N GLU H 120 4.62 -24.95 15.82
CA GLU H 120 5.57 -25.04 14.71
C GLU H 120 5.07 -24.21 13.51
N TRP H 121 3.78 -24.22 13.28
CA TRP H 121 3.17 -23.44 12.19
C TRP H 121 3.42 -21.93 12.31
N LYS H 122 3.45 -21.40 13.54
CA LYS H 122 3.67 -19.99 13.72
C LYS H 122 5.10 -19.58 13.27
N MET H 123 6.08 -20.41 13.58
CA MET H 123 7.43 -20.17 13.15
C MET H 123 7.62 -20.43 11.66
N PHE H 124 6.96 -21.44 11.11
CA PHE H 124 7.09 -21.70 9.66
C PHE H 124 6.48 -20.54 8.87
N GLU H 125 5.34 -20.02 9.32
CA GLU H 125 4.66 -18.87 8.71
C GLU H 125 5.59 -17.67 8.67
N GLU H 126 6.17 -17.35 9.81
CA GLU H 126 7.05 -16.22 9.92
C GLU H 126 8.36 -16.40 9.14
N LEU H 127 8.92 -17.58 9.18
CA LEU H 127 10.15 -17.88 8.48
C LEU H 127 9.99 -17.67 6.96
N ALA H 128 8.80 -17.94 6.45
CA ALA H 128 8.51 -17.72 5.03
C ALA H 128 8.76 -16.26 4.64
N ARG H 129 8.29 -15.36 5.50
CA ARG H 129 8.44 -13.92 5.26
C ARG H 129 9.94 -13.53 5.43
N ILE H 130 10.60 -14.10 6.42
CA ILE H 130 12.01 -13.82 6.66
C ILE H 130 12.92 -14.33 5.56
N LYS H 131 12.63 -15.51 5.03
CA LYS H 131 13.33 -16.07 3.88
C LYS H 131 13.17 -15.19 2.65
N ARG H 132 11.95 -14.77 2.38
CA ARG H 132 11.69 -13.91 1.25
C ARG H 132 12.48 -12.62 1.39
N ASP H 133 12.47 -12.01 2.58
CA ASP H 133 13.28 -10.82 2.81
C ASP H 133 14.77 -11.07 2.73
N ALA H 134 15.26 -12.19 3.23
CA ALA H 134 16.69 -12.50 3.15
C ALA H 134 17.14 -12.51 1.67
N VAL H 135 16.33 -13.11 0.81
CA VAL H 135 16.63 -13.14 -0.61
C VAL H 135 16.65 -11.73 -1.21
N LYS H 136 15.65 -10.92 -0.89
CA LYS H 136 15.53 -9.52 -1.33
C LYS H 136 16.74 -8.64 -0.93
N PHE H 137 17.19 -8.80 0.32
CA PHE H 137 18.29 -8.02 0.84
C PHE H 137 19.66 -8.69 0.63
N ASP H 138 19.66 -9.88 0.04
CA ASP H 138 20.88 -10.65 -0.27
C ASP H 138 21.71 -10.95 0.96
N LEU H 139 21.00 -11.29 2.03
CA LEU H 139 21.56 -11.69 3.31
C LEU H 139 21.32 -13.18 3.48
N PRO H 140 22.36 -14.00 3.68
CA PRO H 140 22.15 -15.41 4.00
C PRO H 140 21.32 -15.64 5.24
N LEU H 141 20.48 -16.67 5.19
CA LEU H 141 19.60 -17.09 6.26
C LEU H 141 20.20 -18.34 6.90
N VAL H 142 20.46 -18.24 8.19
CA VAL H 142 20.88 -19.35 9.01
C VAL H 142 19.68 -19.82 9.80
N VAL H 143 19.20 -21.02 9.50
CA VAL H 143 18.10 -21.60 10.25
C VAL H 143 18.71 -22.39 11.42
N GLU H 144 18.28 -22.05 12.62
CA GLU H 144 18.71 -22.71 13.83
C GLU H 144 17.60 -23.70 14.12
N SER H 145 17.85 -24.97 13.82
CA SER H 145 16.77 -25.98 13.76
C SER H 145 16.81 -26.87 15.01
N PHE H 146 15.91 -26.62 15.95
CA PHE H 146 15.90 -27.28 17.27
C PHE H 146 14.53 -27.88 17.56
N PRO H 147 14.27 -29.07 17.03
CA PRO H 147 12.99 -29.73 17.32
C PRO H 147 12.76 -29.74 18.81
N ARG H 148 11.55 -29.43 19.21
CA ARG H 148 11.22 -29.29 20.62
C ARG H 148 9.72 -29.21 20.74
N GLY H 149 9.19 -29.88 21.75
CA GLY H 149 7.75 -30.04 21.94
C GLY H 149 7.26 -31.19 21.10
N GLY H 150 5.95 -31.38 21.10
CA GLY H 150 5.35 -32.49 20.38
C GLY H 150 5.92 -33.83 20.83
N LYS H 151 6.38 -34.61 19.87
CA LYS H 151 6.89 -35.95 20.09
C LYS H 151 8.38 -35.96 20.48
N VAL H 152 9.04 -34.82 20.45
CA VAL H 152 10.46 -34.71 20.77
C VAL H 152 10.67 -34.93 22.24
N VAL H 153 11.56 -35.87 22.55
CA VAL H 153 11.97 -36.13 23.93
C VAL H 153 13.46 -35.73 24.03
N ASN H 154 14.36 -36.51 23.45
CA ASN H 154 15.80 -36.20 23.56
C ASN H 154 16.19 -35.45 22.29
N GLU H 155 16.54 -34.20 22.43
CA GLU H 155 16.89 -33.37 21.30
C GLU H 155 18.15 -33.83 20.55
N THR H 156 19.01 -34.60 21.22
CA THR H 156 20.28 -35.02 20.60
C THR H 156 20.17 -36.41 20.05
N ALA H 157 18.97 -36.99 20.06
CA ALA H 157 18.77 -38.29 19.42
C ALA H 157 19.07 -38.17 17.93
N PRO H 158 19.76 -39.17 17.39
CA PRO H 158 20.21 -39.16 16.00
C PRO H 158 19.12 -38.88 14.99
N GLU H 159 17.97 -39.51 15.13
CA GLU H 159 16.84 -39.29 14.21
C GLU H 159 16.25 -37.86 14.35
N ILE H 160 16.38 -37.25 15.53
CA ILE H 160 15.89 -35.89 15.73
C ILE H 160 16.81 -34.88 15.12
N VAL H 161 18.12 -35.04 15.32
CA VAL H 161 19.08 -34.14 14.72
C VAL H 161 19.04 -34.26 13.21
N ALA H 162 18.86 -35.46 12.67
CA ALA H 162 18.82 -35.62 11.21
C ALA H 162 17.55 -34.97 10.65
N TYR H 163 16.44 -35.11 11.36
CA TYR H 163 15.19 -34.40 10.99
C TYR H 163 15.38 -32.89 11.02
N ALA H 164 16.03 -32.39 12.05
CA ALA H 164 16.33 -30.97 12.19
C ALA H 164 17.07 -30.44 10.96
N ALA H 165 18.08 -31.16 10.54
CA ALA H 165 18.92 -30.70 9.46
C ALA H 165 18.11 -30.68 8.15
N ARG H 166 17.34 -31.73 7.94
CA ARG H 166 16.58 -31.83 6.71
C ARG H 166 15.51 -30.75 6.61
N ILE H 167 14.86 -30.46 7.74
CA ILE H 167 13.83 -29.44 7.74
C ILE H 167 14.44 -28.10 7.31
N ALA H 168 15.58 -27.76 7.89
CA ALA H 168 16.28 -26.50 7.55
C ALA H 168 16.58 -26.42 6.05
N LEU H 169 17.08 -27.50 5.46
CA LEU H 169 17.27 -27.54 4.02
C LEU H 169 15.96 -27.29 3.28
N GLU H 170 14.90 -27.99 3.67
CA GLU H 170 13.63 -27.98 2.92
C GLU H 170 12.97 -26.60 2.97
N LEU H 171 13.17 -25.89 4.07
CA LEU H 171 12.58 -24.57 4.26
C LEU H 171 13.37 -23.37 3.66
N GLY H 172 14.59 -23.60 3.19
CA GLY H 172 15.37 -22.62 2.47
C GLY H 172 16.58 -22.04 3.19
N ALA H 173 17.01 -22.70 4.26
CA ALA H 173 18.22 -22.28 4.98
C ALA H 173 19.36 -22.18 3.97
N ASP H 174 20.18 -21.14 4.10
CA ASP H 174 21.47 -21.07 3.38
C ASP H 174 22.63 -21.69 4.14
N ALA H 175 22.52 -21.67 5.46
CA ALA H 175 23.33 -22.42 6.41
C ALA H 175 22.39 -22.79 7.56
N MET H 176 22.82 -23.70 8.41
CA MET H 176 22.00 -24.15 9.52
C MET H 176 22.85 -24.45 10.73
N LYS H 177 22.19 -24.40 11.87
CA LYS H 177 22.76 -24.75 13.16
C LYS H 177 21.87 -25.81 13.78
N ILE H 178 22.48 -26.92 14.15
CA ILE H 178 21.78 -28.02 14.81
C ILE H 178 22.58 -28.53 16.01
N LYS H 179 21.95 -29.36 16.82
CA LYS H 179 22.63 -29.93 17.98
C LYS H 179 23.46 -31.12 17.57
N TYR H 180 24.51 -31.40 18.34
CA TYR H 180 25.36 -32.55 18.10
C TYR H 180 24.70 -33.80 18.68
N THR H 181 24.83 -34.93 17.98
CA THR H 181 24.30 -36.21 18.46
C THR H 181 25.19 -36.91 19.47
N GLY H 182 26.45 -36.47 19.55
CA GLY H 182 27.40 -37.07 20.48
C GLY H 182 28.36 -38.06 19.83
N ASP H 183 28.14 -38.38 18.55
CA ASP H 183 29.16 -39.16 17.83
C ASP H 183 29.19 -38.84 16.33
N PRO H 184 30.36 -38.94 15.73
CA PRO H 184 30.53 -38.58 14.31
C PRO H 184 29.73 -39.43 13.35
N LYS H 185 29.54 -40.70 13.68
CA LYS H 185 28.79 -41.59 12.79
C LYS H 185 27.35 -41.09 12.55
N THR H 186 26.59 -40.86 13.61
CA THR H 186 25.22 -40.40 13.49
C THR H 186 25.15 -38.97 13.01
N PHE H 187 26.08 -38.14 13.46
CA PHE H 187 26.10 -36.75 13.03
C PHE H 187 26.34 -36.65 11.54
N SER H 188 27.07 -37.61 10.97
CA SER H 188 27.36 -37.54 9.53
C SER H 188 26.10 -37.78 8.67
N TRP H 189 25.15 -38.53 9.19
CA TRP H 189 23.87 -38.69 8.49
C TRP H 189 23.13 -37.36 8.47
N ALA H 190 23.17 -36.61 9.58
CA ALA H 190 22.53 -35.31 9.63
C ALA H 190 23.19 -34.39 8.62
N VAL H 191 24.50 -34.42 8.55
CA VAL H 191 25.26 -33.63 7.57
C VAL H 191 24.88 -34.03 6.14
N LYS H 192 24.76 -35.32 5.89
CA LYS H 192 24.41 -35.80 4.55
C LYS H 192 23.02 -35.31 4.09
N VAL H 193 22.00 -35.44 4.93
CA VAL H 193 20.67 -35.07 4.53
C VAL H 193 20.51 -33.56 4.35
N ALA H 194 21.41 -32.78 4.95
CA ALA H 194 21.47 -31.34 4.72
C ALA H 194 21.98 -30.99 3.34
N GLY H 195 22.56 -31.96 2.63
CA GLY H 195 23.03 -31.80 1.27
C GLY H 195 23.96 -30.60 1.12
N LYS H 196 23.60 -29.68 0.23
CA LYS H 196 24.47 -28.54 -0.13
C LYS H 196 24.48 -27.44 0.91
N VAL H 197 23.63 -27.53 1.92
CA VAL H 197 23.61 -26.53 2.97
C VAL H 197 24.57 -26.88 4.11
N PRO H 198 25.47 -25.96 4.43
CA PRO H 198 26.48 -26.23 5.47
C PRO H 198 25.91 -26.28 6.87
N VAL H 199 26.50 -27.14 7.67
CA VAL H 199 26.03 -27.40 9.03
C VAL H 199 27.00 -26.85 10.07
N LEU H 200 26.47 -26.13 11.04
CA LEU H 200 27.21 -25.67 12.20
C LEU H 200 26.66 -26.39 13.44
N MET H 201 27.54 -26.99 14.22
CA MET H 201 27.20 -27.58 15.49
C MET H 201 26.99 -26.51 16.56
N SER H 202 25.82 -26.56 17.22
CA SER H 202 25.58 -25.78 18.42
C SER H 202 26.44 -26.29 19.58
N GLY H 203 27.16 -25.41 20.27
CA GLY H 203 28.13 -25.85 21.23
C GLY H 203 27.59 -26.62 22.43
N GLY H 204 26.44 -26.21 22.96
CA GLY H 204 25.86 -26.85 24.14
C GLY H 204 26.37 -26.38 25.49
N PRO H 205 25.78 -26.87 26.59
CA PRO H 205 26.22 -26.56 27.94
C PRO H 205 27.72 -26.78 28.07
N LYS H 206 28.35 -26.03 28.98
CA LYS H 206 29.75 -26.15 29.23
C LYS H 206 30.10 -27.59 29.65
N THR H 207 31.05 -28.20 28.96
CA THR H 207 31.47 -29.57 29.23
C THR H 207 32.26 -29.66 30.54
N LYS H 208 32.39 -30.87 31.05
CA LYS H 208 33.06 -31.09 32.32
C LYS H 208 34.54 -30.68 32.20
N THR H 209 35.15 -31.02 31.06
CA THR H 209 36.53 -30.61 30.74
C THR H 209 36.63 -30.04 29.33
N GLU H 210 37.71 -29.29 29.11
CA GLU H 210 38.03 -28.74 27.81
C GLU H 210 38.28 -29.83 26.77
N GLU H 211 38.97 -30.89 27.18
CA GLU H 211 39.21 -32.01 26.29
C GLU H 211 37.90 -32.61 25.75
N ASP H 212 36.86 -32.72 26.60
CA ASP H 212 35.57 -33.29 26.18
C ASP H 212 34.99 -32.45 25.06
N PHE H 213 35.10 -31.13 25.17
CA PHE H 213 34.57 -30.28 24.10
C PHE H 213 35.41 -30.39 22.84
N LEU H 214 36.73 -30.35 22.96
CA LEU H 214 37.60 -30.55 21.81
C LEU H 214 37.30 -31.87 21.09
N LYS H 215 36.97 -32.93 21.86
CA LYS H 215 36.64 -34.24 21.31
C LYS H 215 35.35 -34.15 20.51
N GLN H 216 34.36 -33.47 21.05
CA GLN H 216 33.10 -33.26 20.33
C GLN H 216 33.34 -32.49 19.05
N VAL H 217 34.15 -31.43 19.12
CA VAL H 217 34.45 -30.64 17.91
C VAL H 217 35.19 -31.47 16.88
N GLU H 218 36.09 -32.33 17.31
CA GLU H 218 36.81 -33.20 16.38
C GLU H 218 35.82 -34.10 15.63
N GLY H 219 34.82 -34.61 16.34
CA GLY H 219 33.78 -35.46 15.79
C GLY H 219 32.88 -34.76 14.79
N VAL H 220 32.50 -33.51 15.09
CA VAL H 220 31.73 -32.64 14.21
C VAL H 220 32.46 -32.46 12.87
N LEU H 221 33.77 -32.22 12.94
CA LEU H 221 34.59 -32.03 11.73
C LEU H 221 34.72 -33.32 10.95
N GLU H 222 34.94 -34.44 11.65
CA GLU H 222 34.99 -35.77 11.03
C GLU H 222 33.70 -36.09 10.25
N ALA H 223 32.56 -35.70 10.83
CA ALA H 223 31.25 -35.90 10.24
C ALA H 223 30.99 -35.02 9.01
N GLY H 224 31.86 -34.04 8.76
CA GLY H 224 31.81 -33.22 7.56
C GLY H 224 31.11 -31.89 7.77
N ALA H 225 30.82 -31.52 9.01
CA ALA H 225 30.15 -30.25 9.30
C ALA H 225 31.11 -29.09 9.00
N LEU H 226 30.55 -27.90 8.77
CA LEU H 226 31.37 -26.73 8.47
C LEU H 226 32.13 -26.18 9.68
N GLY H 227 31.58 -26.41 10.85
CA GLY H 227 32.20 -25.84 12.03
C GLY H 227 31.24 -25.77 13.19
N ILE H 228 31.44 -24.76 14.05
CA ILE H 228 30.66 -24.65 15.29
C ILE H 228 30.19 -23.25 15.52
N ALA H 229 29.01 -23.14 16.14
CA ALA H 229 28.46 -21.91 16.66
C ALA H 229 28.52 -22.12 18.17
N VAL H 230 29.48 -21.49 18.83
CA VAL H 230 29.78 -21.83 20.20
C VAL H 230 29.63 -20.62 21.09
N GLY H 231 28.96 -20.79 22.22
CA GLY H 231 28.84 -19.74 23.23
C GLY H 231 29.43 -20.14 24.56
N ARG H 232 28.68 -20.90 25.35
CA ARG H 232 29.08 -21.20 26.73
C ARG H 232 30.46 -21.88 26.85
N ASN H 233 30.76 -22.80 25.94
CA ASN H 233 32.06 -23.50 25.99
C ASN H 233 33.24 -22.61 25.67
N VAL H 234 32.98 -21.38 25.23
CA VAL H 234 34.03 -20.36 25.23
C VAL H 234 33.88 -19.37 26.40
N TRP H 235 32.80 -18.59 26.40
CA TRP H 235 32.76 -17.44 27.31
C TRP H 235 32.32 -17.68 28.76
N GLN H 236 31.90 -18.90 29.07
CA GLN H 236 31.68 -19.30 30.47
C GLN H 236 32.96 -19.75 31.18
N ARG H 237 34.05 -19.86 30.43
CA ARG H 237 35.36 -20.22 30.97
C ARG H 237 36.18 -18.98 31.34
N ARG H 238 36.83 -19.02 32.50
CA ARG H 238 37.71 -17.93 32.91
C ARG H 238 38.95 -17.84 32.03
N ASP H 239 39.29 -18.93 31.36
CA ASP H 239 40.38 -18.95 30.39
C ASP H 239 39.81 -18.90 28.95
N ALA H 240 38.77 -18.08 28.74
CA ALA H 240 38.03 -18.07 27.49
C ALA H 240 38.90 -17.84 26.27
N LEU H 241 39.78 -16.85 26.30
CA LEU H 241 40.62 -16.52 25.14
C LEU H 241 41.61 -17.64 24.84
N LYS H 242 42.26 -18.18 25.88
CA LYS H 242 43.16 -19.33 25.69
C LYS H 242 42.43 -20.50 25.01
N PHE H 243 41.27 -20.86 25.55
CA PHE H 243 40.54 -22.01 25.01
C PHE H 243 39.99 -21.68 23.62
N ALA H 244 39.61 -20.43 23.39
CA ALA H 244 39.16 -19.99 22.08
C ALA H 244 40.25 -20.16 21.06
N ARG H 245 41.48 -19.84 21.41
CA ARG H 245 42.60 -19.98 20.47
C ARG H 245 42.93 -21.47 20.19
N ALA H 246 42.76 -22.33 21.20
CA ALA H 246 42.85 -23.79 21.00
C ALA H 246 41.78 -24.34 20.05
N LEU H 247 40.56 -23.82 20.15
CA LEU H 247 39.50 -24.17 19.22
C LEU H 247 39.84 -23.74 17.80
N ALA H 248 40.35 -22.51 17.64
CA ALA H 248 40.77 -22.00 16.33
C ALA H 248 41.84 -22.91 15.71
N GLU H 249 42.83 -23.28 16.50
CA GLU H 249 43.88 -24.18 16.05
C GLU H 249 43.34 -25.49 15.50
N LEU H 250 42.39 -26.10 16.23
CA LEU H 250 41.76 -27.34 15.80
C LEU H 250 40.91 -27.16 14.55
N VAL H 251 39.98 -26.22 14.60
CA VAL H 251 39.00 -26.07 13.53
C VAL H 251 39.65 -25.62 12.21
N TYR H 252 40.59 -24.68 12.30
CA TYR H 252 41.22 -24.11 11.11
C TYR H 252 42.50 -24.86 10.82
N ASN I 3 -7.62 -21.28 -18.58
CA ASN I 3 -8.00 -22.66 -18.14
C ASN I 3 -6.76 -23.40 -17.62
N LEU I 4 -6.61 -23.40 -16.30
CA LEU I 4 -5.37 -23.87 -15.69
C LEU I 4 -5.34 -25.40 -15.58
N THR I 5 -6.49 -26.03 -15.62
CA THR I 5 -6.55 -27.48 -15.75
C THR I 5 -5.93 -27.94 -17.05
N GLU I 6 -6.30 -27.29 -18.15
CA GLU I 6 -5.76 -27.63 -19.47
C GLU I 6 -4.26 -27.41 -19.47
N LYS I 7 -3.79 -26.33 -18.83
CA LYS I 7 -2.36 -26.05 -18.70
C LYS I 7 -1.66 -27.15 -17.91
N PHE I 8 -2.27 -27.53 -16.80
CA PHE I 8 -1.77 -28.66 -16.02
C PHE I 8 -1.66 -29.93 -16.86
N LEU I 9 -2.70 -30.24 -17.65
CA LEU I 9 -2.71 -31.47 -18.46
C LEU I 9 -1.62 -31.40 -19.57
N ARG I 10 -1.44 -30.23 -20.16
CA ARG I 10 -0.44 -30.03 -21.22
C ARG I 10 0.97 -30.31 -20.72
N ILE I 11 1.27 -29.85 -19.51
CA ILE I 11 2.64 -29.94 -18.98
C ILE I 11 2.90 -31.29 -18.31
N PHE I 12 1.94 -31.75 -17.51
CA PHE I 12 2.12 -32.91 -16.62
C PHE I 12 1.40 -34.15 -17.08
N ALA I 13 0.67 -34.07 -18.18
CA ALA I 13 -0.02 -35.24 -18.73
C ALA I 13 -0.03 -35.27 -20.26
N ARG I 14 1.10 -34.96 -20.87
CA ARG I 14 1.16 -34.91 -22.34
C ARG I 14 0.76 -36.24 -23.01
N ARG I 15 1.01 -37.37 -22.34
CA ARG I 15 0.64 -38.68 -22.86
C ARG I 15 -0.78 -39.11 -22.53
N GLY I 16 -1.50 -38.30 -21.76
CA GLY I 16 -2.90 -38.54 -21.47
C GLY I 16 -3.10 -38.99 -20.05
N LYS I 17 -2.04 -39.54 -19.46
CA LYS I 17 -1.98 -39.86 -18.04
C LYS I 17 -0.70 -39.26 -17.45
N SER I 18 -0.57 -39.33 -16.13
CA SER I 18 0.48 -38.62 -15.42
C SER I 18 1.15 -39.46 -14.33
N ILE I 19 2.48 -39.36 -14.24
CA ILE I 19 3.22 -39.85 -13.11
C ILE I 19 4.08 -38.69 -12.58
N ILE I 20 3.82 -38.33 -11.34
CA ILE I 20 4.57 -37.31 -10.66
C ILE I 20 5.40 -37.95 -9.54
N LEU I 21 6.68 -37.64 -9.48
CA LEU I 21 7.56 -38.14 -8.44
C LEU I 21 7.54 -37.19 -7.25
N ALA I 22 6.93 -37.65 -6.18
CA ALA I 22 6.73 -36.87 -4.97
C ALA I 22 7.95 -36.89 -4.06
N TYR I 23 8.36 -35.72 -3.60
CA TYR I 23 9.60 -35.64 -2.83
C TYR I 23 9.58 -34.50 -1.81
N ASP I 24 8.43 -34.33 -1.18
CA ASP I 24 8.31 -33.42 -0.02
C ASP I 24 8.49 -34.16 1.30
N HIS I 25 8.91 -35.41 1.24
CA HIS I 25 9.00 -36.24 2.42
C HIS I 25 10.01 -35.77 3.47
N GLY I 26 11.06 -35.09 3.05
CA GLY I 26 12.09 -34.65 3.96
C GLY I 26 11.55 -33.76 5.07
N ILE I 27 10.49 -33.00 4.80
CA ILE I 27 9.84 -32.22 5.86
C ILE I 27 8.66 -32.99 6.48
N GLU I 28 7.86 -33.64 5.62
CA GLU I 28 6.61 -34.28 6.08
C GLU I 28 6.89 -35.47 6.97
N HIS I 29 7.88 -36.28 6.62
CA HIS I 29 8.23 -37.44 7.41
C HIS I 29 9.64 -37.42 7.95
N GLY I 30 10.50 -36.60 7.37
CA GLY I 30 11.91 -36.61 7.73
C GLY I 30 12.72 -37.73 7.09
N PRO I 31 14.02 -37.69 7.34
CA PRO I 31 14.95 -38.57 6.62
C PRO I 31 14.91 -40.07 7.01
N ALA I 32 14.12 -40.48 8.00
CA ALA I 32 13.87 -41.92 8.23
C ALA I 32 13.27 -42.56 6.93
N ASP I 33 12.54 -41.80 6.12
CA ASP I 33 12.06 -42.29 4.82
C ASP I 33 13.24 -42.65 3.87
N PHE I 34 14.42 -42.06 4.10
CA PHE I 34 15.57 -42.25 3.21
C PHE I 34 16.57 -43.34 3.63
N MET I 35 16.43 -43.86 4.84
CA MET I 35 17.42 -44.84 5.38
C MET I 35 17.45 -46.15 4.58
N ASP I 36 16.31 -46.56 4.07
CA ASP I 36 16.26 -47.86 3.35
C ASP I 36 16.96 -47.86 1.98
N ASN I 37 17.08 -46.68 1.37
CA ASN I 37 17.76 -46.49 0.09
C ASN I 37 18.40 -45.12 0.14
N PRO I 38 19.56 -45.01 0.79
CA PRO I 38 20.15 -43.70 1.14
C PRO I 38 20.38 -42.72 -0.04
N ASP I 39 20.55 -43.21 -1.27
CA ASP I 39 20.55 -42.30 -2.43
C ASP I 39 19.33 -41.37 -2.44
N SER I 40 18.23 -41.81 -1.84
CA SER I 40 16.98 -41.07 -1.87
C SER I 40 17.07 -39.74 -1.09
N ALA I 41 18.09 -39.60 -0.26
CA ALA I 41 18.32 -38.33 0.46
C ALA I 41 18.94 -37.23 -0.44
N ASP I 42 19.41 -37.63 -1.61
CA ASP I 42 20.08 -36.75 -2.53
C ASP I 42 19.08 -36.32 -3.63
N PRO I 43 18.70 -35.03 -3.66
CA PRO I 43 17.74 -34.57 -4.66
C PRO I 43 18.24 -34.71 -6.09
N GLU I 44 19.55 -34.73 -6.31
CA GLU I 44 20.10 -34.98 -7.66
C GLU I 44 19.72 -36.35 -8.18
N TYR I 45 19.77 -37.36 -7.30
CA TYR I 45 19.31 -38.71 -7.61
C TYR I 45 17.84 -38.75 -7.99
N ILE I 46 17.03 -37.97 -7.27
CA ILE I 46 15.60 -37.90 -7.49
C ILE I 46 15.28 -37.31 -8.87
N LEU I 47 15.95 -36.23 -9.22
CA LEU I 47 15.74 -35.62 -10.53
C LEU I 47 16.11 -36.53 -11.67
N ARG I 48 17.24 -37.22 -11.51
CA ARG I 48 17.71 -38.17 -12.52
C ARG I 48 16.75 -39.34 -12.66
N LEU I 49 16.21 -39.81 -11.54
CA LEU I 49 15.23 -40.86 -11.57
C LEU I 49 13.98 -40.42 -12.34
N ALA I 50 13.45 -39.24 -12.04
CA ALA I 50 12.27 -38.75 -12.77
C ALA I 50 12.51 -38.64 -14.29
N ARG I 51 13.67 -38.13 -14.65
CA ARG I 51 14.06 -37.98 -16.03
C ARG I 51 14.25 -39.33 -16.74
N ASP I 52 14.99 -40.24 -16.13
CA ASP I 52 15.36 -41.54 -16.74
C ASP I 52 14.17 -42.49 -16.79
N ALA I 53 13.21 -42.32 -15.89
CA ALA I 53 11.99 -43.11 -15.92
C ALA I 53 10.93 -42.55 -16.88
N GLY I 54 11.12 -41.30 -17.32
CA GLY I 54 10.20 -40.64 -18.22
C GLY I 54 8.95 -40.12 -17.54
N PHE I 55 9.05 -39.74 -16.26
CA PHE I 55 7.91 -39.23 -15.52
C PHE I 55 7.63 -37.80 -15.93
N ASP I 56 6.50 -37.27 -15.50
CA ASP I 56 6.05 -35.95 -15.95
C ASP I 56 6.46 -34.78 -15.08
N GLY I 57 6.89 -35.05 -13.86
CA GLY I 57 7.09 -34.01 -12.88
C GLY I 57 7.66 -34.51 -11.59
N VAL I 58 8.13 -33.55 -10.81
CA VAL I 58 8.59 -33.75 -9.43
C VAL I 58 7.89 -32.75 -8.52
N VAL I 59 7.70 -33.13 -7.25
CA VAL I 59 7.12 -32.30 -6.21
C VAL I 59 8.24 -32.00 -5.17
N PHE I 60 8.60 -30.72 -5.04
CA PHE I 60 9.67 -30.27 -4.12
C PHE I 60 9.13 -29.13 -3.24
N GLN I 61 9.63 -29.08 -2.02
CA GLN I 61 9.54 -27.88 -1.19
C GLN I 61 10.50 -26.82 -1.72
N ARG I 62 10.32 -25.58 -1.25
CA ARG I 62 11.10 -24.47 -1.76
C ARG I 62 12.61 -24.61 -1.61
N GLY I 63 13.10 -25.17 -0.51
CA GLY I 63 14.53 -25.27 -0.31
C GLY I 63 15.20 -26.22 -1.26
N ILE I 64 14.54 -27.33 -1.52
CA ILE I 64 15.07 -28.30 -2.48
C ILE I 64 15.00 -27.71 -3.89
N ALA I 65 13.90 -27.02 -4.22
CA ALA I 65 13.79 -26.36 -5.52
C ALA I 65 14.92 -25.35 -5.71
N GLU I 66 15.11 -24.47 -4.73
CA GLU I 66 16.10 -23.41 -4.84
C GLU I 66 17.53 -23.95 -4.99
N LYS I 67 17.86 -24.98 -4.21
CA LYS I 67 19.25 -25.50 -4.22
C LYS I 67 19.58 -26.52 -5.32
N TYR I 68 18.58 -27.19 -5.85
CA TYR I 68 18.77 -28.34 -6.75
C TYR I 68 17.99 -28.31 -8.06
N TYR I 69 16.85 -27.62 -8.13
CA TYR I 69 16.06 -27.73 -9.35
C TYR I 69 16.85 -27.17 -10.57
N ASP I 70 16.88 -27.96 -11.65
CA ASP I 70 17.67 -27.62 -12.82
C ASP I 70 16.84 -27.54 -14.12
N GLY I 71 15.51 -27.45 -13.99
CA GLY I 71 14.69 -27.30 -15.18
C GLY I 71 14.50 -28.55 -16.02
N SER I 72 14.94 -29.71 -15.54
CA SER I 72 15.01 -30.92 -16.39
C SER I 72 13.71 -31.69 -16.46
N VAL I 73 12.87 -31.54 -15.45
CA VAL I 73 11.58 -32.18 -15.36
C VAL I 73 10.64 -31.09 -14.79
N PRO I 74 9.40 -30.96 -15.28
CA PRO I 74 8.48 -29.96 -14.72
C PRO I 74 8.36 -30.04 -13.20
N LEU I 75 8.29 -28.87 -12.58
CA LEU I 75 8.25 -28.74 -11.13
C LEU I 75 6.90 -28.29 -10.58
N ILE I 76 6.43 -29.03 -9.57
CA ILE I 76 5.33 -28.61 -8.73
C ILE I 76 5.96 -28.21 -7.38
N LEU I 77 5.78 -26.95 -7.03
CA LEU I 77 6.34 -26.40 -5.78
C LEU I 77 5.29 -26.60 -4.73
N LYS I 78 5.60 -27.46 -3.77
CA LYS I 78 4.71 -27.72 -2.62
C LYS I 78 4.91 -26.57 -1.63
N LEU I 79 3.86 -25.76 -1.45
CA LEU I 79 3.97 -24.46 -0.77
C LEU I 79 3.98 -24.57 0.74
N ASN I 80 3.26 -25.54 1.28
CA ASN I 80 3.15 -25.68 2.73
C ASN I 80 3.90 -26.95 3.17
N GLY I 81 3.84 -27.27 4.44
CA GLY I 81 4.57 -28.40 5.00
C GLY I 81 4.54 -28.40 6.50
N LYS I 82 4.41 -29.60 7.07
CA LYS I 82 4.43 -29.78 8.51
C LYS I 82 5.26 -31.04 8.76
N THR I 83 5.54 -31.31 10.03
CA THR I 83 6.35 -32.45 10.42
C THR I 83 5.52 -33.52 11.09
N THR I 84 6.05 -34.75 11.15
CA THR I 84 5.40 -35.75 11.99
C THR I 84 5.68 -35.61 13.47
N LEU I 85 6.65 -34.78 13.83
CA LEU I 85 6.95 -34.50 15.22
C LEU I 85 5.80 -33.76 15.91
N TYR I 86 5.06 -33.02 15.14
CA TYR I 86 3.92 -32.25 15.60
C TYR I 86 2.74 -33.15 16.11
N ASN I 87 2.18 -32.79 17.27
CA ASN I 87 1.06 -33.44 17.92
C ASN I 87 -0.27 -32.68 17.94
N GLY I 88 -0.32 -31.43 17.55
CA GLY I 88 -1.66 -30.82 17.50
C GLY I 88 -2.73 -31.30 16.48
N GLU I 89 -3.80 -30.48 16.40
CA GLU I 89 -4.76 -30.60 15.30
C GLU I 89 -3.96 -30.39 14.04
N PRO I 90 -4.11 -31.25 13.04
CA PRO I 90 -3.25 -31.14 11.87
C PRO I 90 -3.35 -29.78 11.20
N VAL I 91 -2.20 -29.17 10.95
CA VAL I 91 -2.14 -27.92 10.24
C VAL I 91 -0.82 -27.83 9.51
N SER I 92 -0.87 -27.23 8.31
CA SER I 92 0.30 -27.07 7.47
C SER I 92 0.21 -25.71 6.80
N VAL I 93 1.12 -24.82 7.13
CA VAL I 93 1.08 -23.45 6.59
C VAL I 93 2.13 -23.21 5.50
N ALA I 94 1.86 -22.25 4.61
CA ALA I 94 2.76 -21.96 3.51
C ALA I 94 4.06 -21.45 4.06
N ASN I 95 5.17 -21.98 3.54
CA ASN I 95 6.49 -21.46 3.80
C ASN I 95 7.07 -20.79 2.54
N CYS I 96 6.25 -20.67 1.51
CA CYS I 96 6.64 -20.07 0.24
C CYS I 96 5.40 -19.43 -0.40
N SER I 97 5.58 -18.38 -1.19
CA SER I 97 4.47 -17.76 -1.90
C SER I 97 4.46 -18.29 -3.35
N VAL I 98 3.32 -18.14 -4.00
CA VAL I 98 3.20 -18.43 -5.42
C VAL I 98 4.23 -17.62 -6.25
N GLU I 99 4.37 -16.33 -5.96
CA GLU I 99 5.33 -15.49 -6.67
C GLU I 99 6.76 -16.04 -6.61
N GLU I 100 7.17 -16.49 -5.42
CA GLU I 100 8.48 -17.10 -5.24
C GLU I 100 8.56 -18.43 -5.99
N ALA I 101 7.48 -19.19 -5.97
CA ALA I 101 7.41 -20.44 -6.76
C ALA I 101 7.68 -20.20 -8.20
N VAL I 102 7.12 -19.13 -8.75
CA VAL I 102 7.37 -18.77 -10.15
C VAL I 102 8.87 -18.52 -10.37
N SER I 103 9.49 -17.79 -9.45
CA SER I 103 10.91 -17.44 -9.55
C SER I 103 11.79 -18.68 -9.42
N LEU I 104 11.31 -19.72 -8.74
CA LEU I 104 12.08 -20.96 -8.56
C LEU I 104 11.90 -21.93 -9.74
N GLY I 105 11.04 -21.61 -10.74
CA GLY I 105 10.88 -22.40 -11.95
C GLY I 105 9.68 -23.36 -11.99
N ALA I 106 8.75 -23.17 -11.05
CA ALA I 106 7.57 -24.02 -10.96
C ALA I 106 6.65 -23.85 -12.14
N SER I 107 6.04 -24.96 -12.55
CA SER I 107 4.98 -24.99 -13.55
C SER I 107 3.61 -25.14 -12.89
N ALA I 108 3.61 -25.50 -11.61
CA ALA I 108 2.39 -25.59 -10.79
C ALA I 108 2.79 -25.48 -9.31
N VAL I 109 1.80 -25.23 -8.47
CA VAL I 109 1.98 -25.18 -7.03
C VAL I 109 1.04 -26.17 -6.38
N GLY I 110 1.48 -26.71 -5.25
CA GLY I 110 0.74 -27.68 -4.49
C GLY I 110 0.49 -27.16 -3.10
N TYR I 111 -0.69 -27.44 -2.57
CA TYR I 111 -1.04 -27.04 -1.20
C TYR I 111 -1.86 -28.12 -0.54
N THR I 112 -1.42 -28.54 0.64
CA THR I 112 -2.11 -29.58 1.41
C THR I 112 -3.17 -28.98 2.32
N ILE I 113 -4.36 -29.57 2.30
CA ILE I 113 -5.40 -29.25 3.26
C ILE I 113 -5.75 -30.52 4.05
N TYR I 114 -6.12 -30.34 5.32
CA TYR I 114 -6.66 -31.42 6.16
C TYR I 114 -8.09 -31.08 6.57
N PRO I 115 -9.05 -31.34 5.69
CA PRO I 115 -10.46 -31.20 6.08
C PRO I 115 -10.78 -31.99 7.36
N GLY I 116 -11.50 -31.35 8.27
CA GLY I 116 -11.88 -31.93 9.53
C GLY I 116 -11.04 -31.48 10.68
N SER I 117 -9.79 -31.08 10.42
CA SER I 117 -8.93 -30.63 11.49
C SER I 117 -9.55 -29.47 12.23
N GLY I 118 -9.24 -29.37 13.52
CA GLY I 118 -9.52 -28.16 14.31
C GLY I 118 -9.06 -26.88 13.64
N PHE I 119 -8.01 -27.01 12.83
CA PHE I 119 -7.44 -25.90 12.06
C PHE I 119 -7.84 -25.89 10.60
N GLU I 120 -8.90 -26.58 10.21
CA GLU I 120 -9.30 -26.59 8.80
C GLU I 120 -9.50 -25.15 8.28
N TRP I 121 -10.01 -24.28 9.13
CA TRP I 121 -10.28 -22.88 8.77
C TRP I 121 -8.99 -22.12 8.38
N LYS I 122 -7.90 -22.40 9.09
CA LYS I 122 -6.62 -21.77 8.85
C LYS I 122 -6.07 -22.13 7.49
N MET I 123 -6.18 -23.40 7.11
CA MET I 123 -5.77 -23.80 5.79
C MET I 123 -6.73 -23.30 4.69
N PHE I 124 -8.03 -23.27 4.93
CA PHE I 124 -8.95 -22.78 3.88
C PHE I 124 -8.70 -21.28 3.65
N GLU I 125 -8.46 -20.53 4.72
CA GLU I 125 -8.20 -19.09 4.62
C GLU I 125 -6.91 -18.82 3.83
N GLU I 126 -5.87 -19.62 4.07
CA GLU I 126 -4.63 -19.46 3.35
C GLU I 126 -4.74 -19.91 1.90
N LEU I 127 -5.43 -21.03 1.67
CA LEU I 127 -5.64 -21.50 0.32
C LEU I 127 -6.35 -20.44 -0.52
N ALA I 128 -7.24 -19.66 0.10
CA ALA I 128 -7.96 -18.63 -0.63
C ALA I 128 -6.95 -17.66 -1.27
N ARG I 129 -5.93 -17.29 -0.49
CA ARG I 129 -4.93 -16.36 -0.97
C ARG I 129 -4.04 -17.02 -2.02
N ILE I 130 -3.67 -18.26 -1.76
CA ILE I 130 -2.83 -19.01 -2.72
C ILE I 130 -3.56 -19.23 -4.07
N LYS I 131 -4.85 -19.59 -4.03
CA LYS I 131 -5.68 -19.72 -5.22
C LYS I 131 -5.71 -18.43 -6.01
N ARG I 132 -5.89 -17.32 -5.31
CA ARG I 132 -5.99 -16.05 -6.03
C ARG I 132 -4.65 -15.76 -6.73
N ASP I 133 -3.54 -16.01 -6.04
CA ASP I 133 -2.21 -15.80 -6.62
C ASP I 133 -1.93 -16.79 -7.75
N ALA I 134 -2.39 -18.02 -7.62
CA ALA I 134 -2.20 -19.00 -8.70
C ALA I 134 -2.86 -18.51 -10.00
N VAL I 135 -4.07 -17.97 -9.88
CA VAL I 135 -4.76 -17.42 -11.03
C VAL I 135 -3.97 -16.24 -11.58
N LYS I 136 -3.50 -15.36 -10.69
CA LYS I 136 -2.80 -14.16 -11.08
C LYS I 136 -1.48 -14.49 -11.84
N PHE I 137 -0.75 -15.49 -11.39
CA PHE I 137 0.54 -15.88 -11.97
C PHE I 137 0.38 -17.00 -13.02
N ASP I 138 -0.85 -17.41 -13.27
CA ASP I 138 -1.16 -18.48 -14.25
C ASP I 138 -0.40 -19.79 -14.01
N LEU I 139 -0.35 -20.20 -12.75
CA LEU I 139 0.20 -21.49 -12.35
C LEU I 139 -0.96 -22.36 -11.85
N PRO I 140 -1.18 -23.56 -12.43
CA PRO I 140 -2.17 -24.47 -11.87
C PRO I 140 -1.92 -24.75 -10.40
N LEU I 141 -3.01 -24.85 -9.65
CA LEU I 141 -3.03 -25.17 -8.25
C LEU I 141 -3.41 -26.65 -8.10
N VAL I 142 -2.51 -27.44 -7.54
CA VAL I 142 -2.79 -28.83 -7.11
C VAL I 142 -3.13 -28.85 -5.61
N VAL I 143 -4.38 -29.18 -5.28
CA VAL I 143 -4.75 -29.29 -3.85
C VAL I 143 -4.57 -30.75 -3.45
N GLU I 144 -3.81 -30.97 -2.38
CA GLU I 144 -3.59 -32.28 -1.82
C GLU I 144 -4.58 -32.37 -0.68
N SER I 145 -5.68 -33.08 -0.93
CA SER I 145 -6.80 -33.11 0.01
C SER I 145 -6.74 -34.36 0.88
N PHE I 146 -6.37 -34.19 2.14
CA PHE I 146 -6.17 -35.34 3.04
C PHE I 146 -6.94 -35.11 4.31
N PRO I 147 -8.22 -35.39 4.32
CA PRO I 147 -9.01 -35.25 5.55
C PRO I 147 -8.28 -35.92 6.73
N ARG I 148 -8.21 -35.19 7.82
CA ARG I 148 -7.43 -35.62 8.98
C ARG I 148 -7.80 -34.75 10.20
N GLY I 149 -7.91 -35.36 11.36
CA GLY I 149 -8.39 -34.70 12.56
C GLY I 149 -9.90 -34.75 12.58
N GLY I 150 -10.48 -34.08 13.56
CA GLY I 150 -11.93 -34.06 13.73
C GLY I 150 -12.53 -35.46 13.81
N LYS I 151 -13.53 -35.70 12.98
CA LYS I 151 -14.26 -36.96 12.94
C LYS I 151 -13.59 -38.04 12.08
N VAL I 152 -12.46 -37.72 11.47
CA VAL I 152 -11.79 -38.64 10.56
C VAL I 152 -11.06 -39.70 11.35
N VAL I 153 -11.44 -40.93 11.10
CA VAL I 153 -10.80 -42.07 11.76
C VAL I 153 -10.20 -43.07 10.79
N ASN I 154 -10.57 -43.01 9.52
CA ASN I 154 -10.01 -43.92 8.53
C ASN I 154 -9.85 -43.09 7.26
N GLU I 155 -8.61 -42.73 6.94
CA GLU I 155 -8.34 -41.82 5.83
C GLU I 155 -8.57 -42.42 4.44
N THR I 156 -8.69 -43.74 4.33
CA THR I 156 -8.96 -44.40 3.03
C THR I 156 -10.38 -44.91 2.88
N ALA I 157 -11.25 -44.57 3.84
CA ALA I 157 -12.65 -44.92 3.74
C ALA I 157 -13.29 -44.25 2.48
N PRO I 158 -14.10 -45.00 1.75
CA PRO I 158 -14.74 -44.47 0.54
C PRO I 158 -15.38 -43.09 0.72
N GLU I 159 -16.17 -42.89 1.78
CA GLU I 159 -16.83 -41.60 2.02
C GLU I 159 -15.82 -40.50 2.30
N ILE I 160 -14.69 -40.86 2.93
CA ILE I 160 -13.69 -39.86 3.27
C ILE I 160 -12.94 -39.41 2.04
N VAL I 161 -12.48 -40.37 1.20
CA VAL I 161 -11.80 -40.03 -0.05
C VAL I 161 -12.73 -39.26 -1.00
N ALA I 162 -14.00 -39.62 -1.09
CA ALA I 162 -14.94 -38.91 -1.95
C ALA I 162 -15.14 -37.50 -1.45
N TYR I 163 -15.21 -37.35 -0.13
CA TYR I 163 -15.31 -36.02 0.48
C TYR I 163 -14.06 -35.18 0.15
N ALA I 164 -12.87 -35.74 0.40
CA ALA I 164 -11.59 -35.14 0.03
C ALA I 164 -11.61 -34.58 -1.41
N ALA I 165 -12.06 -35.42 -2.37
CA ALA I 165 -12.04 -35.06 -3.80
C ALA I 165 -12.98 -33.90 -4.05
N ARG I 166 -14.14 -33.96 -3.42
CA ARG I 166 -15.16 -32.98 -3.67
C ARG I 166 -14.74 -31.61 -3.15
N ILE I 167 -14.16 -31.58 -1.97
CA ILE I 167 -13.68 -30.35 -1.35
C ILE I 167 -12.65 -29.66 -2.22
N ALA I 168 -11.73 -30.44 -2.77
CA ALA I 168 -10.72 -29.90 -3.63
C ALA I 168 -11.34 -29.20 -4.84
N LEU I 169 -12.30 -29.84 -5.48
CA LEU I 169 -13.04 -29.23 -6.58
C LEU I 169 -13.70 -27.94 -6.13
N GLU I 170 -14.41 -27.99 -5.00
CA GLU I 170 -15.15 -26.82 -4.48
C GLU I 170 -14.29 -25.63 -4.15
N LEU I 171 -13.05 -25.86 -3.72
CA LEU I 171 -12.17 -24.78 -3.27
C LEU I 171 -11.34 -24.20 -4.43
N GLY I 172 -11.35 -24.82 -5.59
CA GLY I 172 -10.71 -24.23 -6.76
C GLY I 172 -9.49 -24.95 -7.29
N ALA I 173 -9.26 -26.20 -6.85
CA ALA I 173 -8.16 -26.99 -7.38
C ALA I 173 -8.27 -27.10 -8.92
N ASP I 174 -7.13 -27.02 -9.58
CA ASP I 174 -7.05 -27.27 -11.02
C ASP I 174 -6.70 -28.74 -11.27
N ALA I 175 -6.04 -29.35 -10.29
CA ALA I 175 -5.83 -30.80 -10.20
C ALA I 175 -5.80 -31.16 -8.74
N MET I 176 -5.86 -32.44 -8.40
CA MET I 176 -5.87 -32.80 -6.97
C MET I 176 -5.18 -34.14 -6.74
N LYS I 177 -4.70 -34.31 -5.53
CA LYS I 177 -4.07 -35.54 -5.06
C LYS I 177 -4.86 -36.02 -3.86
N ILE I 178 -5.28 -37.27 -3.88
CA ILE I 178 -6.08 -37.87 -2.80
C ILE I 178 -5.60 -39.30 -2.59
N LYS I 179 -5.94 -39.86 -1.44
CA LYS I 179 -5.60 -41.25 -1.14
C LYS I 179 -6.46 -42.26 -1.88
N TYR I 180 -5.89 -43.43 -2.15
CA TYR I 180 -6.67 -44.52 -2.72
C TYR I 180 -7.56 -45.22 -1.67
N THR I 181 -8.77 -45.60 -2.08
CA THR I 181 -9.71 -46.31 -1.21
C THR I 181 -9.43 -47.80 -1.10
N GLY I 182 -8.64 -48.34 -2.03
CA GLY I 182 -8.31 -49.75 -2.08
C GLY I 182 -9.07 -50.58 -3.10
N ASP I 183 -10.03 -49.97 -3.80
CA ASP I 183 -10.71 -50.65 -4.89
C ASP I 183 -11.28 -49.67 -5.92
N PRO I 184 -11.31 -50.09 -7.19
CA PRO I 184 -11.71 -49.19 -8.27
C PRO I 184 -13.15 -48.71 -8.20
N LYS I 185 -14.06 -49.49 -7.62
CA LYS I 185 -15.46 -49.08 -7.57
C LYS I 185 -15.66 -47.84 -6.70
N THR I 186 -15.22 -47.90 -5.46
CA THR I 186 -15.36 -46.75 -4.56
C THR I 186 -14.46 -45.58 -5.00
N PHE I 187 -13.29 -45.89 -5.57
CA PHE I 187 -12.40 -44.84 -6.02
C PHE I 187 -12.98 -44.08 -7.23
N SER I 188 -13.73 -44.77 -8.09
CA SER I 188 -14.42 -44.16 -9.22
C SER I 188 -15.48 -43.14 -8.78
N TRP I 189 -16.08 -43.32 -7.61
CA TRP I 189 -17.03 -42.35 -7.10
C TRP I 189 -16.29 -41.05 -6.74
N ALA I 190 -15.15 -41.17 -6.06
CA ALA I 190 -14.31 -40.03 -5.76
C ALA I 190 -13.93 -39.29 -7.08
N VAL I 191 -13.54 -40.04 -8.12
CA VAL I 191 -13.16 -39.45 -9.40
C VAL I 191 -14.37 -38.73 -9.99
N LYS I 192 -15.53 -39.35 -9.92
CA LYS I 192 -16.75 -38.75 -10.47
C LYS I 192 -17.10 -37.40 -9.82
N VAL I 193 -17.09 -37.35 -8.49
CA VAL I 193 -17.47 -36.14 -7.77
C VAL I 193 -16.45 -35.00 -7.92
N ALA I 194 -15.20 -35.34 -8.30
CA ALA I 194 -14.17 -34.37 -8.69
C ALA I 194 -14.45 -33.70 -10.04
N GLY I 195 -15.38 -34.25 -10.79
CA GLY I 195 -15.85 -33.64 -12.03
C GLY I 195 -14.72 -33.45 -13.00
N LYS I 196 -14.59 -32.25 -13.54
CA LYS I 196 -13.57 -32.01 -14.56
C LYS I 196 -12.17 -31.70 -14.01
N VAL I 197 -11.99 -31.78 -12.70
CA VAL I 197 -10.68 -31.63 -12.10
C VAL I 197 -10.00 -32.98 -12.02
N PRO I 198 -8.85 -33.15 -12.66
CA PRO I 198 -8.16 -34.45 -12.64
C PRO I 198 -7.65 -34.88 -11.28
N VAL I 199 -7.65 -36.21 -11.07
CA VAL I 199 -7.30 -36.82 -9.81
C VAL I 199 -6.02 -37.65 -9.96
N LEU I 200 -5.08 -37.37 -9.07
CA LEU I 200 -3.87 -38.14 -8.89
C LEU I 200 -3.97 -38.91 -7.57
N MET I 201 -3.68 -40.21 -7.63
CA MET I 201 -3.57 -41.06 -6.46
C MET I 201 -2.24 -40.83 -5.75
N SER I 202 -2.32 -40.55 -4.46
CA SER I 202 -1.14 -40.55 -3.58
C SER I 202 -0.64 -41.98 -3.39
N GLY I 203 0.65 -42.20 -3.57
CA GLY I 203 1.19 -43.54 -3.55
C GLY I 203 1.09 -44.31 -2.26
N GLY I 204 1.39 -43.67 -1.15
CA GLY I 204 1.27 -44.29 0.16
C GLY I 204 2.55 -45.00 0.62
N PRO I 205 2.52 -45.58 1.82
CA PRO I 205 3.65 -46.38 2.28
C PRO I 205 4.02 -47.46 1.27
N LYS I 206 5.30 -47.77 1.22
CA LYS I 206 5.81 -48.81 0.37
C LYS I 206 5.06 -50.13 0.62
N THR I 207 4.59 -50.74 -0.47
CA THR I 207 3.83 -51.97 -0.38
C THR I 207 4.77 -53.18 -0.14
N LYS I 208 4.19 -54.29 0.31
CA LYS I 208 4.97 -55.46 0.67
C LYS I 208 5.65 -56.06 -0.57
N THR I 209 4.91 -56.05 -1.68
CA THR I 209 5.44 -56.43 -2.98
C THR I 209 5.17 -55.36 -4.02
N GLU I 210 5.94 -55.41 -5.10
CA GLU I 210 5.73 -54.50 -6.23
C GLU I 210 4.40 -54.76 -6.90
N GLU I 211 4.00 -56.03 -6.99
CA GLU I 211 2.73 -56.38 -7.61
C GLU I 211 1.58 -55.75 -6.86
N ASP I 212 1.70 -55.64 -5.54
CA ASP I 212 0.63 -55.03 -4.76
C ASP I 212 0.43 -53.59 -5.22
N PHE I 213 1.51 -52.87 -5.44
CA PHE I 213 1.42 -51.47 -5.88
C PHE I 213 0.90 -51.37 -7.28
N LEU I 214 1.39 -52.23 -8.18
CA LEU I 214 0.92 -52.24 -9.57
C LEU I 214 -0.59 -52.49 -9.63
N LYS I 215 -1.07 -53.36 -8.76
CA LYS I 215 -2.48 -53.68 -8.64
C LYS I 215 -3.28 -52.43 -8.22
N GLN I 216 -2.75 -51.65 -7.30
CA GLN I 216 -3.44 -50.44 -6.87
C GLN I 216 -3.50 -49.42 -8.00
N VAL I 217 -2.38 -49.23 -8.70
CA VAL I 217 -2.31 -48.32 -9.82
C VAL I 217 -3.28 -48.74 -10.95
N GLU I 218 -3.42 -50.04 -11.15
CA GLU I 218 -4.35 -50.57 -12.15
C GLU I 218 -5.77 -50.14 -11.79
N GLY I 219 -6.10 -50.25 -10.51
CA GLY I 219 -7.38 -49.83 -9.98
C GLY I 219 -7.65 -48.33 -10.14
N VAL I 220 -6.61 -47.53 -9.93
CA VAL I 220 -6.67 -46.08 -10.01
C VAL I 220 -7.03 -45.70 -11.43
N LEU I 221 -6.33 -46.31 -12.37
CA LEU I 221 -6.60 -46.08 -13.77
C LEU I 221 -7.99 -46.55 -14.19
N GLU I 222 -8.41 -47.72 -13.70
CA GLU I 222 -9.74 -48.28 -14.00
C GLU I 222 -10.82 -47.34 -13.50
N ALA I 223 -10.53 -46.64 -12.40
CA ALA I 223 -11.48 -45.73 -11.78
C ALA I 223 -11.60 -44.40 -12.53
N GLY I 224 -10.74 -44.17 -13.51
CA GLY I 224 -10.75 -42.93 -14.29
C GLY I 224 -9.80 -41.83 -13.82
N ALA I 225 -8.88 -42.13 -12.91
CA ALA I 225 -7.92 -41.12 -12.41
C ALA I 225 -6.91 -40.77 -13.50
N LEU I 226 -6.31 -39.58 -13.40
CA LEU I 226 -5.27 -39.13 -14.33
C LEU I 226 -3.99 -39.95 -14.19
N GLY I 227 -3.69 -40.35 -12.96
CA GLY I 227 -2.46 -41.07 -12.70
C GLY I 227 -2.08 -41.02 -11.24
N ILE I 228 -0.77 -40.96 -10.97
CA ILE I 228 -0.28 -41.11 -9.61
C ILE I 228 0.75 -40.03 -9.26
N ALA I 229 0.79 -39.71 -7.97
CA ALA I 229 1.83 -38.89 -7.37
C ALA I 229 2.49 -39.81 -6.37
N VAL I 230 3.67 -40.33 -6.73
CA VAL I 230 4.27 -41.43 -6.00
C VAL I 230 5.63 -41.03 -5.50
N GLY I 231 5.92 -41.34 -4.24
CA GLY I 231 7.25 -41.17 -3.69
C GLY I 231 7.88 -42.47 -3.22
N ARG I 232 7.47 -42.90 -2.04
CA ARG I 232 8.07 -44.06 -1.40
C ARG I 232 8.06 -45.33 -2.25
N ASN I 233 6.96 -45.61 -2.92
CA ASN I 233 6.89 -46.82 -3.75
C ASN I 233 7.78 -46.83 -4.98
N VAL I 234 8.46 -45.72 -5.24
CA VAL I 234 9.56 -45.71 -6.18
C VAL I 234 10.90 -45.58 -5.46
N TRP I 235 11.16 -44.46 -4.79
CA TRP I 235 12.54 -44.20 -4.32
C TRP I 235 12.94 -44.82 -3.00
N GLN I 236 12.03 -45.55 -2.33
CA GLN I 236 12.47 -46.42 -1.23
C GLN I 236 12.97 -47.77 -1.71
N ARG I 237 12.83 -48.06 -3.01
CA ARG I 237 13.21 -49.33 -3.57
C ARG I 237 14.60 -49.27 -4.12
N ARG I 238 15.35 -50.33 -3.91
CA ARG I 238 16.68 -50.49 -4.49
C ARG I 238 16.62 -50.53 -6.00
N ASP I 239 15.51 -51.06 -6.54
CA ASP I 239 15.31 -51.17 -7.97
C ASP I 239 14.40 -50.02 -8.41
N ALA I 240 14.68 -48.81 -7.90
CA ALA I 240 13.80 -47.66 -8.14
C ALA I 240 13.58 -47.41 -9.62
N LEU I 241 14.66 -47.40 -10.40
CA LEU I 241 14.55 -47.05 -11.83
C LEU I 241 13.79 -48.12 -12.61
N LYS I 242 14.12 -49.39 -12.35
CA LYS I 242 13.43 -50.50 -13.00
C LYS I 242 11.93 -50.50 -12.67
N PHE I 243 11.59 -50.28 -11.41
CA PHE I 243 10.18 -50.24 -11.05
C PHE I 243 9.48 -49.01 -11.64
N ALA I 244 10.16 -47.89 -11.62
CA ALA I 244 9.63 -46.65 -12.17
C ALA I 244 9.30 -46.83 -13.64
N ARG I 245 10.14 -47.55 -14.36
CA ARG I 245 9.87 -47.81 -15.77
C ARG I 245 8.73 -48.80 -15.99
N ALA I 246 8.57 -49.77 -15.09
CA ALA I 246 7.37 -50.62 -15.13
C ALA I 246 6.08 -49.78 -14.86
N LEU I 247 6.16 -48.83 -13.94
CA LEU I 247 5.04 -47.94 -13.69
C LEU I 247 4.75 -47.10 -14.92
N ALA I 248 5.80 -46.59 -15.55
CA ALA I 248 5.62 -45.82 -16.79
C ALA I 248 4.94 -46.69 -17.87
N GLU I 249 5.27 -47.98 -17.93
CA GLU I 249 4.69 -48.87 -18.94
C GLU I 249 3.21 -49.08 -18.70
N LEU I 250 2.86 -49.29 -17.43
CA LEU I 250 1.47 -49.43 -17.03
C LEU I 250 0.65 -48.18 -17.26
N VAL I 251 1.11 -47.06 -16.71
CA VAL I 251 0.34 -45.85 -16.72
C VAL I 251 0.21 -45.27 -18.13
N TYR I 252 1.31 -45.17 -18.86
CA TYR I 252 1.28 -44.58 -20.19
C TYR I 252 1.03 -45.66 -21.23
N ASN J 3 -29.26 0.75 -3.88
CA ASN J 3 -30.04 -0.11 -2.98
C ASN J 3 -29.89 -1.56 -3.43
N LEU J 4 -29.08 -2.27 -2.67
CA LEU J 4 -28.73 -3.64 -3.03
C LEU J 4 -29.85 -4.65 -2.76
N THR J 5 -30.75 -4.35 -1.82
CA THR J 5 -31.95 -5.17 -1.68
C THR J 5 -32.80 -5.12 -2.97
N GLU J 6 -33.02 -3.91 -3.49
CA GLU J 6 -33.77 -3.72 -4.71
C GLU J 6 -33.09 -4.48 -5.86
N LYS J 7 -31.76 -4.46 -5.90
CA LYS J 7 -31.03 -5.08 -7.01
C LYS J 7 -31.22 -6.60 -6.89
N PHE J 8 -31.12 -7.09 -5.66
CA PHE J 8 -31.32 -8.52 -5.40
C PHE J 8 -32.73 -8.96 -5.87
N LEU J 9 -33.75 -8.19 -5.52
CA LEU J 9 -35.13 -8.49 -5.94
C LEU J 9 -35.32 -8.47 -7.45
N ARG J 10 -34.67 -7.52 -8.14
CA ARG J 10 -34.78 -7.40 -9.60
C ARG J 10 -34.20 -8.62 -10.28
N ILE J 11 -33.10 -9.12 -9.71
CA ILE J 11 -32.41 -10.24 -10.34
C ILE J 11 -32.99 -11.60 -9.95
N PHE J 12 -33.28 -11.77 -8.67
CA PHE J 12 -33.60 -13.07 -8.09
C PHE J 12 -35.06 -13.26 -7.74
N ALA J 13 -35.87 -12.23 -7.95
CA ALA J 13 -37.29 -12.27 -7.60
C ALA J 13 -38.13 -11.43 -8.57
N ARG J 14 -37.84 -11.60 -9.85
CA ARG J 14 -38.55 -10.88 -10.90
C ARG J 14 -40.07 -11.14 -10.89
N ARG J 15 -40.48 -12.32 -10.45
CA ARG J 15 -41.90 -12.66 -10.32
C ARG J 15 -42.53 -12.31 -8.99
N GLY J 16 -41.79 -11.67 -8.10
CA GLY J 16 -42.30 -11.27 -6.81
C GLY J 16 -41.93 -12.24 -5.70
N LYS J 17 -41.58 -13.47 -6.09
CA LYS J 17 -41.08 -14.47 -5.16
C LYS J 17 -39.90 -15.15 -5.80
N SER J 18 -39.17 -15.92 -5.00
CA SER J 18 -37.86 -16.45 -5.40
C SER J 18 -37.66 -17.93 -5.06
N ILE J 19 -37.06 -18.67 -6.01
CA ILE J 19 -36.54 -20.00 -5.73
C ILE J 19 -35.10 -20.00 -6.21
N ILE J 20 -34.18 -20.29 -5.29
CA ILE J 20 -32.76 -20.42 -5.56
C ILE J 20 -32.38 -21.87 -5.31
N LEU J 21 -31.66 -22.46 -6.26
CA LEU J 21 -31.23 -23.84 -6.19
C LEU J 21 -29.85 -23.86 -5.51
N ALA J 22 -29.82 -24.36 -4.27
CA ALA J 22 -28.60 -24.36 -3.46
C ALA J 22 -27.75 -25.57 -3.75
N TYR J 23 -26.45 -25.35 -3.91
CA TYR J 23 -25.56 -26.41 -4.33
C TYR J 23 -24.14 -26.21 -3.77
N ASP J 24 -24.07 -25.79 -2.52
CA ASP J 24 -22.79 -25.73 -1.80
C ASP J 24 -22.54 -26.96 -0.95
N HIS J 25 -23.41 -27.95 -1.12
CA HIS J 25 -23.41 -29.11 -0.27
C HIS J 25 -22.13 -29.95 -0.39
N GLY J 26 -21.49 -29.92 -1.55
CA GLY J 26 -20.30 -30.70 -1.79
C GLY J 26 -19.22 -30.45 -0.74
N ILE J 27 -19.06 -29.22 -0.29
CA ILE J 27 -18.14 -28.94 0.82
C ILE J 27 -18.83 -29.02 2.18
N GLU J 28 -20.03 -28.47 2.30
CA GLU J 28 -20.72 -28.45 3.61
C GLU J 28 -21.05 -29.82 4.18
N HIS J 29 -21.53 -30.73 3.33
CA HIS J 29 -21.89 -32.08 3.75
C HIS J 29 -21.08 -33.17 3.09
N GLY J 30 -20.48 -32.85 1.96
CA GLY J 30 -19.78 -33.84 1.17
C GLY J 30 -20.72 -34.58 0.23
N PRO J 31 -20.17 -35.46 -0.59
CA PRO J 31 -20.91 -36.12 -1.65
C PRO J 31 -21.84 -37.27 -1.28
N ALA J 32 -21.94 -37.70 -0.01
CA ALA J 32 -22.92 -38.72 0.33
C ALA J 32 -24.37 -38.29 0.00
N ASP J 33 -24.64 -36.98 0.05
CA ASP J 33 -25.88 -36.32 -0.36
C ASP J 33 -26.23 -36.70 -1.82
N PHE J 34 -25.23 -37.00 -2.65
CA PHE J 34 -25.42 -37.16 -4.10
C PHE J 34 -25.74 -38.59 -4.56
N MET J 35 -25.58 -39.57 -3.69
CA MET J 35 -25.78 -40.97 -4.07
C MET J 35 -27.26 -41.29 -4.39
N ASP J 36 -28.20 -40.66 -3.68
CA ASP J 36 -29.63 -40.91 -3.91
C ASP J 36 -30.01 -40.72 -5.38
N ASN J 37 -29.48 -39.66 -5.98
CA ASN J 37 -29.72 -39.29 -7.37
C ASN J 37 -28.34 -38.91 -7.93
N PRO J 38 -27.56 -39.89 -8.39
CA PRO J 38 -26.15 -39.66 -8.76
C PRO J 38 -25.86 -38.53 -9.75
N ASP J 39 -26.81 -38.17 -10.62
CA ASP J 39 -26.60 -37.02 -11.51
C ASP J 39 -26.39 -35.74 -10.73
N SER J 40 -26.88 -35.71 -9.50
CA SER J 40 -26.77 -34.56 -8.62
C SER J 40 -25.31 -34.17 -8.32
N ALA J 41 -24.36 -35.08 -8.54
CA ALA J 41 -22.93 -34.81 -8.36
C ALA J 41 -22.33 -34.01 -9.54
N ASP J 42 -23.10 -33.90 -10.62
CA ASP J 42 -22.69 -33.20 -11.83
C ASP J 42 -23.24 -31.78 -11.82
N PRO J 43 -22.38 -30.77 -11.61
CA PRO J 43 -22.91 -29.40 -11.63
C PRO J 43 -23.59 -29.03 -12.95
N GLU J 44 -23.25 -29.66 -14.07
CA GLU J 44 -23.95 -29.40 -15.35
C GLU J 44 -25.43 -29.74 -15.26
N TYR J 45 -25.73 -30.87 -14.61
CA TYR J 45 -27.10 -31.32 -14.36
C TYR J 45 -27.82 -30.29 -13.51
N ILE J 46 -27.17 -29.78 -12.46
CA ILE J 46 -27.79 -28.78 -11.58
C ILE J 46 -28.19 -27.50 -12.33
N LEU J 47 -27.30 -27.02 -13.16
CA LEU J 47 -27.57 -25.84 -13.98
C LEU J 47 -28.73 -26.06 -14.94
N ARG J 48 -28.78 -27.23 -15.60
CA ARG J 48 -29.92 -27.57 -16.48
C ARG J 48 -31.22 -27.64 -15.70
N LEU J 49 -31.16 -28.22 -14.51
CA LEU J 49 -32.30 -28.28 -13.62
C LEU J 49 -32.85 -26.88 -13.27
N ALA J 50 -31.97 -25.98 -12.86
CA ALA J 50 -32.41 -24.62 -12.51
C ALA J 50 -33.01 -23.95 -13.70
N ARG J 51 -32.39 -24.13 -14.85
CA ARG J 51 -32.93 -23.53 -16.09
C ARG J 51 -34.26 -24.15 -16.49
N ASP J 52 -34.32 -25.48 -16.56
CA ASP J 52 -35.53 -26.20 -17.01
C ASP J 52 -36.74 -26.03 -16.07
N ALA J 53 -36.50 -25.81 -14.78
CA ALA J 53 -37.58 -25.58 -13.81
C ALA J 53 -37.98 -24.11 -13.70
N GLY J 54 -37.18 -23.23 -14.28
CA GLY J 54 -37.47 -21.81 -14.32
C GLY J 54 -37.13 -21.12 -13.02
N PHE J 55 -36.14 -21.63 -12.29
CA PHE J 55 -35.74 -21.04 -11.01
C PHE J 55 -34.94 -19.73 -11.23
N ASP J 56 -34.78 -18.97 -10.15
CA ASP J 56 -34.18 -17.62 -10.20
C ASP J 56 -32.66 -17.56 -10.06
N GLY J 57 -32.05 -18.61 -9.51
CA GLY J 57 -30.61 -18.65 -9.36
C GLY J 57 -30.08 -19.97 -8.85
N VAL J 58 -28.75 -20.05 -8.74
CA VAL J 58 -28.03 -21.17 -8.16
C VAL J 58 -27.01 -20.62 -7.17
N VAL J 59 -26.66 -21.41 -6.15
CA VAL J 59 -25.65 -21.03 -5.18
C VAL J 59 -24.52 -22.01 -5.36
N PHE J 60 -23.36 -21.49 -5.76
CA PHE J 60 -22.13 -22.27 -5.93
C PHE J 60 -20.97 -21.70 -5.09
N GLN J 61 -20.11 -22.59 -4.62
CA GLN J 61 -18.75 -22.28 -4.14
C GLN J 61 -17.89 -21.90 -5.35
N ARG J 62 -16.74 -21.27 -5.06
CA ARG J 62 -15.88 -20.73 -6.10
C ARG J 62 -15.39 -21.76 -7.13
N GLY J 63 -15.11 -22.99 -6.72
CA GLY J 63 -14.53 -23.96 -7.62
C GLY J 63 -15.54 -24.43 -8.66
N ILE J 64 -16.76 -24.64 -8.20
CA ILE J 64 -17.86 -24.98 -9.07
C ILE J 64 -18.19 -23.84 -10.01
N ALA J 65 -18.23 -22.62 -9.50
CA ALA J 65 -18.47 -21.44 -10.34
C ALA J 65 -17.42 -21.32 -11.43
N GLU J 66 -16.16 -21.47 -11.06
CA GLU J 66 -15.07 -21.30 -12.03
C GLU J 66 -15.14 -22.39 -13.10
N LYS J 67 -15.33 -23.64 -12.68
CA LYS J 67 -15.21 -24.76 -13.64
C LYS J 67 -16.48 -24.99 -14.48
N TYR J 68 -17.62 -24.57 -13.96
CA TYR J 68 -18.92 -24.91 -14.57
C TYR J 68 -19.87 -23.78 -14.89
N TYR J 69 -19.76 -22.67 -14.19
CA TYR J 69 -20.77 -21.65 -14.34
C TYR J 69 -20.74 -21.12 -15.77
N ASP J 70 -21.95 -21.07 -16.38
CA ASP J 70 -22.11 -20.76 -17.81
C ASP J 70 -23.01 -19.57 -18.13
N GLY J 71 -23.36 -18.78 -17.12
CA GLY J 71 -24.19 -17.61 -17.31
C GLY J 71 -25.68 -17.87 -17.50
N SER J 72 -26.13 -19.12 -17.39
CA SER J 72 -27.47 -19.47 -17.87
C SER J 72 -28.57 -19.14 -16.87
N VAL J 73 -28.19 -19.04 -15.61
CA VAL J 73 -29.06 -18.66 -14.53
C VAL J 73 -28.23 -17.75 -13.59
N PRO J 74 -28.81 -16.71 -12.99
CA PRO J 74 -28.04 -15.87 -12.08
C PRO J 74 -27.35 -16.64 -10.95
N LEU J 75 -26.11 -16.24 -10.64
CA LEU J 75 -25.27 -16.93 -9.67
C LEU J 75 -25.12 -16.17 -8.35
N ILE J 76 -25.29 -16.88 -7.25
CA ILE J 76 -24.91 -16.37 -5.93
C ILE J 76 -23.67 -17.15 -5.56
N LEU J 77 -22.55 -16.47 -5.35
CA LEU J 77 -21.30 -17.15 -5.00
C LEU J 77 -21.18 -17.20 -3.49
N LYS J 78 -21.19 -18.42 -2.96
CA LYS J 78 -21.12 -18.69 -1.52
C LYS J 78 -19.64 -18.60 -1.14
N LEU J 79 -19.29 -17.59 -0.36
CA LEU J 79 -17.90 -17.21 -0.17
C LEU J 79 -17.17 -18.08 0.81
N ASN J 80 -17.86 -18.53 1.86
CA ASN J 80 -17.21 -19.35 2.87
C ASN J 80 -17.64 -20.82 2.76
N GLY J 81 -17.09 -21.67 3.60
CA GLY J 81 -17.47 -23.07 3.62
C GLY J 81 -16.68 -23.79 4.66
N LYS J 82 -17.36 -24.75 5.31
CA LYS J 82 -16.73 -25.66 6.26
C LYS J 82 -17.27 -27.06 5.98
N THR J 83 -16.67 -28.07 6.60
CA THR J 83 -17.09 -29.44 6.43
C THR J 83 -17.78 -29.97 7.66
N THR J 84 -18.51 -31.06 7.51
CA THR J 84 -19.05 -31.75 8.70
C THR J 84 -18.04 -32.64 9.38
N LEU J 85 -16.85 -32.83 8.79
CA LEU J 85 -15.81 -33.62 9.43
C LEU J 85 -15.22 -32.88 10.63
N TYR J 86 -15.39 -31.57 10.62
CA TYR J 86 -14.85 -30.66 11.62
C TYR J 86 -15.63 -30.82 12.94
N ASN J 87 -14.92 -30.86 14.06
CA ASN J 87 -15.48 -30.99 15.38
C ASN J 87 -15.41 -29.78 16.31
N GLY J 88 -14.73 -28.72 15.94
CA GLY J 88 -14.68 -27.59 16.86
C GLY J 88 -15.97 -26.74 16.96
N GLU J 89 -15.85 -25.59 17.64
CA GLU J 89 -16.94 -24.62 17.63
C GLU J 89 -17.10 -24.16 16.18
N PRO J 90 -18.35 -24.06 15.72
CA PRO J 90 -18.66 -23.80 14.31
C PRO J 90 -17.97 -22.57 13.75
N VAL J 91 -17.25 -22.75 12.66
CA VAL J 91 -16.60 -21.63 11.99
C VAL J 91 -16.47 -21.93 10.52
N SER J 92 -16.69 -20.92 9.71
CA SER J 92 -16.62 -21.05 8.25
C SER J 92 -16.00 -19.78 7.72
N VAL J 93 -14.83 -19.90 7.10
CA VAL J 93 -14.08 -18.72 6.66
C VAL J 93 -14.15 -18.61 5.17
N ALA J 94 -14.00 -17.38 4.69
CA ALA J 94 -14.06 -17.14 3.26
C ALA J 94 -12.89 -17.84 2.55
N ASN J 95 -13.20 -18.47 1.42
CA ASN J 95 -12.23 -19.07 0.55
C ASN J 95 -12.16 -18.32 -0.80
N CYS J 96 -12.88 -17.20 -0.86
CA CYS J 96 -13.04 -16.39 -2.06
C CYS J 96 -13.36 -14.97 -1.63
N SER J 97 -12.86 -13.98 -2.37
CA SER J 97 -13.16 -12.57 -2.18
C SER J 97 -14.38 -12.14 -3.01
N VAL J 98 -14.95 -11.03 -2.66
CA VAL J 98 -15.99 -10.40 -3.47
C VAL J 98 -15.48 -10.04 -4.88
N GLU J 99 -14.27 -9.50 -5.00
CA GLU J 99 -13.67 -9.16 -6.28
C GLU J 99 -13.59 -10.39 -7.19
N GLU J 100 -13.18 -11.53 -6.64
CA GLU J 100 -13.11 -12.78 -7.40
C GLU J 100 -14.51 -13.26 -7.81
N ALA J 101 -15.50 -13.08 -6.93
CA ALA J 101 -16.87 -13.44 -7.24
C ALA J 101 -17.39 -12.65 -8.42
N VAL J 102 -17.05 -11.37 -8.49
CA VAL J 102 -17.46 -10.56 -9.63
C VAL J 102 -16.82 -11.13 -10.90
N SER J 103 -15.55 -11.49 -10.81
CA SER J 103 -14.83 -12.06 -11.97
C SER J 103 -15.40 -13.40 -12.47
N LEU J 104 -15.99 -14.14 -11.57
CA LEU J 104 -16.59 -15.46 -11.88
C LEU J 104 -18.02 -15.36 -12.36
N GLY J 105 -18.59 -14.15 -12.38
CA GLY J 105 -19.91 -13.93 -12.95
C GLY J 105 -21.07 -13.84 -11.98
N ALA J 106 -20.75 -13.71 -10.70
CA ALA J 106 -21.76 -13.63 -9.62
C ALA J 106 -22.60 -12.39 -9.74
N SER J 107 -23.89 -12.53 -9.41
CA SER J 107 -24.78 -11.41 -9.28
C SER J 107 -25.03 -11.07 -7.85
N ALA J 108 -24.68 -11.97 -6.92
CA ALA J 108 -24.68 -11.69 -5.50
C ALA J 108 -23.64 -12.60 -4.81
N VAL J 109 -23.42 -12.37 -3.53
CA VAL J 109 -22.54 -13.24 -2.74
C VAL J 109 -23.24 -13.68 -1.49
N GLY J 110 -22.89 -14.85 -0.98
CA GLY J 110 -23.48 -15.38 0.22
C GLY J 110 -22.39 -15.65 1.21
N TYR J 111 -22.70 -15.51 2.49
CA TYR J 111 -21.76 -15.76 3.55
C TYR J 111 -22.51 -16.29 4.77
N THR J 112 -22.07 -17.41 5.29
CA THR J 112 -22.69 -18.07 6.45
C THR J 112 -22.12 -17.55 7.74
N ILE J 113 -23.02 -17.23 8.69
CA ILE J 113 -22.59 -16.95 10.05
C ILE J 113 -23.23 -17.97 11.00
N TYR J 114 -22.54 -18.25 12.09
CA TYR J 114 -23.07 -19.11 13.15
C TYR J 114 -23.10 -18.33 14.46
N PRO J 115 -24.11 -17.47 14.65
CA PRO J 115 -24.28 -16.77 15.91
C PRO J 115 -24.30 -17.76 17.07
N GLY J 116 -23.59 -17.41 18.13
CA GLY J 116 -23.51 -18.22 19.31
C GLY J 116 -22.24 -19.00 19.39
N SER J 117 -21.64 -19.29 18.24
CA SER J 117 -20.39 -20.03 18.21
C SER J 117 -19.29 -19.38 19.06
N GLY J 118 -18.44 -20.21 19.64
CA GLY J 118 -17.19 -19.74 20.20
C GLY J 118 -16.40 -18.84 19.25
N PHE J 119 -16.56 -19.08 17.96
CA PHE J 119 -15.90 -18.32 16.91
C PHE J 119 -16.85 -17.30 16.27
N GLU J 120 -17.96 -16.94 16.91
CA GLU J 120 -18.85 -15.99 16.24
C GLU J 120 -18.11 -14.69 15.81
N TRP J 121 -17.21 -14.24 16.66
CA TRP J 121 -16.35 -13.09 16.40
C TRP J 121 -15.55 -13.16 15.10
N LYS J 122 -15.00 -14.33 14.78
CA LYS J 122 -14.18 -14.51 13.58
C LYS J 122 -15.04 -14.30 12.34
N MET J 123 -16.26 -14.83 12.34
CA MET J 123 -17.15 -14.63 11.23
C MET J 123 -17.66 -13.20 11.11
N PHE J 124 -17.95 -12.55 12.24
CA PHE J 124 -18.41 -11.17 12.19
C PHE J 124 -17.31 -10.22 11.66
N GLU J 125 -16.08 -10.47 12.10
CA GLU J 125 -14.91 -9.72 11.68
C GLU J 125 -14.71 -9.84 10.19
N GLU J 126 -14.87 -11.05 9.65
CA GLU J 126 -14.74 -11.28 8.20
C GLU J 126 -15.90 -10.75 7.42
N LEU J 127 -17.10 -10.96 7.93
CA LEU J 127 -18.27 -10.40 7.28
C LEU J 127 -18.21 -8.87 7.15
N ALA J 128 -17.56 -8.18 8.08
CA ALA J 128 -17.41 -6.73 8.03
C ALA J 128 -16.67 -6.35 6.74
N ARG J 129 -15.63 -7.10 6.42
CA ARG J 129 -14.85 -6.84 5.21
C ARG J 129 -15.62 -7.21 3.93
N ILE J 130 -16.32 -8.33 3.96
CA ILE J 130 -17.15 -8.77 2.84
C ILE J 130 -18.30 -7.81 2.55
N LYS J 131 -18.94 -7.31 3.61
CA LYS J 131 -19.98 -6.29 3.50
C LYS J 131 -19.44 -5.05 2.81
N ARG J 132 -18.32 -4.54 3.30
CA ARG J 132 -17.68 -3.40 2.66
C ARG J 132 -17.42 -3.62 1.17
N ASP J 133 -16.88 -4.78 0.83
CA ASP J 133 -16.58 -5.13 -0.55
C ASP J 133 -17.86 -5.29 -1.39
N ALA J 134 -18.92 -5.83 -0.80
CA ALA J 134 -20.18 -6.02 -1.51
C ALA J 134 -20.71 -4.67 -1.95
N VAL J 135 -20.64 -3.69 -1.04
CA VAL J 135 -21.06 -2.32 -1.36
C VAL J 135 -20.21 -1.74 -2.47
N LYS J 136 -18.90 -1.94 -2.37
CA LYS J 136 -17.95 -1.35 -3.30
C LYS J 136 -18.16 -1.90 -4.73
N PHE J 137 -18.46 -3.19 -4.83
CA PHE J 137 -18.61 -3.85 -6.15
C PHE J 137 -20.07 -3.92 -6.58
N ASP J 138 -20.96 -3.39 -5.74
CA ASP J 138 -22.40 -3.34 -6.01
C ASP J 138 -23.01 -4.72 -6.25
N LEU J 139 -22.63 -5.66 -5.39
CA LEU J 139 -23.14 -7.02 -5.37
C LEU J 139 -23.93 -7.17 -4.06
N PRO J 140 -25.21 -7.53 -4.13
CA PRO J 140 -26.00 -7.84 -2.93
C PRO J 140 -25.35 -8.91 -2.09
N LEU J 141 -25.44 -8.76 -0.79
CA LEU J 141 -24.92 -9.69 0.18
C LEU J 141 -26.06 -10.48 0.78
N VAL J 142 -26.01 -11.80 0.61
CA VAL J 142 -26.99 -12.70 1.22
C VAL J 142 -26.31 -13.35 2.45
N VAL J 143 -26.82 -13.06 3.64
CA VAL J 143 -26.28 -13.62 4.88
C VAL J 143 -27.09 -14.85 5.20
N GLU J 144 -26.42 -16.00 5.32
CA GLU J 144 -27.03 -17.24 5.73
C GLU J 144 -26.82 -17.32 7.23
N SER J 145 -27.89 -17.10 7.97
CA SER J 145 -27.80 -16.90 9.40
C SER J 145 -28.28 -18.15 10.16
N PHE J 146 -27.32 -18.91 10.69
CA PHE J 146 -27.60 -20.21 11.29
C PHE J 146 -26.95 -20.32 12.66
N PRO J 147 -27.63 -19.84 13.69
CA PRO J 147 -27.14 -19.98 15.07
C PRO J 147 -26.77 -21.41 15.41
N ARG J 148 -25.58 -21.58 15.99
CA ARG J 148 -25.03 -22.90 16.25
C ARG J 148 -23.86 -22.72 17.16
N GLY J 149 -23.73 -23.62 18.13
CA GLY J 149 -22.72 -23.55 19.14
C GLY J 149 -23.24 -22.73 20.29
N GLY J 150 -22.36 -22.48 21.25
CA GLY J 150 -22.72 -21.72 22.43
C GLY J 150 -23.92 -22.29 23.14
N LYS J 151 -24.90 -21.44 23.42
CA LYS J 151 -26.12 -21.82 24.12
C LYS J 151 -27.18 -22.44 23.22
N VAL J 152 -26.98 -22.46 21.91
CA VAL J 152 -28.01 -22.94 20.99
C VAL J 152 -28.15 -24.46 21.17
N VAL J 153 -29.38 -24.88 21.46
CA VAL J 153 -29.71 -26.31 21.58
C VAL J 153 -30.81 -26.78 20.62
N ASN J 154 -31.50 -25.86 19.99
CA ASN J 154 -32.53 -26.18 19.00
C ASN J 154 -32.55 -25.08 17.94
N GLU J 155 -31.98 -25.40 16.80
CA GLU J 155 -31.79 -24.45 15.70
C GLU J 155 -33.09 -23.97 15.05
N THR J 156 -34.18 -24.71 15.21
CA THR J 156 -35.49 -24.32 14.65
C THR J 156 -36.44 -23.79 15.68
N ALA J 157 -35.97 -23.50 16.89
CA ALA J 157 -36.83 -22.89 17.90
C ALA J 157 -37.27 -21.51 17.40
N PRO J 158 -38.53 -21.13 17.63
CA PRO J 158 -39.03 -19.85 17.14
C PRO J 158 -38.11 -18.69 17.48
N GLU J 159 -37.66 -18.65 18.71
CA GLU J 159 -36.82 -17.53 19.15
C GLU J 159 -35.37 -17.58 18.59
N ILE J 160 -34.89 -18.78 18.26
CA ILE J 160 -33.57 -18.87 17.60
C ILE J 160 -33.62 -18.40 16.15
N VAL J 161 -34.66 -18.83 15.43
CA VAL J 161 -34.83 -18.41 14.03
C VAL J 161 -35.07 -16.89 13.93
N ALA J 162 -35.86 -16.32 14.85
CA ALA J 162 -36.08 -14.87 14.87
C ALA J 162 -34.81 -14.09 15.16
N TYR J 163 -34.02 -14.59 16.12
CA TYR J 163 -32.70 -14.02 16.42
C TYR J 163 -31.76 -14.08 15.19
N ALA J 164 -31.72 -15.22 14.52
CA ALA J 164 -30.96 -15.38 13.29
C ALA J 164 -31.32 -14.31 12.26
N ALA J 165 -32.61 -14.10 12.07
CA ALA J 165 -33.09 -13.10 11.11
C ALA J 165 -32.72 -11.68 11.53
N ARG J 166 -32.90 -11.36 12.80
CA ARG J 166 -32.53 -10.04 13.23
C ARG J 166 -31.05 -9.77 13.09
N ILE J 167 -30.22 -10.74 13.44
CA ILE J 167 -28.79 -10.54 13.34
C ILE J 167 -28.38 -10.21 11.92
N ALA J 168 -28.95 -10.93 10.97
CA ALA J 168 -28.62 -10.70 9.57
C ALA J 168 -28.98 -9.29 9.14
N LEU J 169 -30.15 -8.79 9.54
CA LEU J 169 -30.50 -7.39 9.27
C LEU J 169 -29.52 -6.41 9.90
N GLU J 170 -29.21 -6.62 11.18
CA GLU J 170 -28.34 -5.74 11.93
C GLU J 170 -26.92 -5.65 11.33
N LEU J 171 -26.43 -6.75 10.76
CA LEU J 171 -25.07 -6.82 10.25
C LEU J 171 -24.97 -6.32 8.81
N GLY J 172 -26.10 -6.04 8.16
CA GLY J 172 -26.10 -5.42 6.83
C GLY J 172 -26.49 -6.30 5.64
N ALA J 173 -27.14 -7.44 5.91
CA ALA J 173 -27.61 -8.29 4.83
C ALA J 173 -28.51 -7.51 3.92
N ASP J 174 -28.39 -7.77 2.63
CA ASP J 174 -29.36 -7.29 1.63
C ASP J 174 -30.52 -8.25 1.40
N ALA J 175 -30.25 -9.52 1.66
CA ALA J 175 -31.21 -10.62 1.72
C ALA J 175 -30.64 -11.66 2.70
N MET J 176 -31.49 -12.55 3.20
CA MET J 176 -31.01 -13.56 4.12
C MET J 176 -31.63 -14.90 3.89
N LYS J 177 -30.92 -15.92 4.37
CA LYS J 177 -31.36 -17.30 4.39
C LYS J 177 -31.36 -17.81 5.84
N ILE J 178 -32.49 -18.34 6.27
CA ILE J 178 -32.67 -18.90 7.62
C ILE J 178 -33.50 -20.17 7.56
N LYS J 179 -33.49 -20.90 8.67
CA LYS J 179 -34.20 -22.16 8.80
C LYS J 179 -35.66 -21.90 9.09
N TYR J 180 -36.51 -22.81 8.67
CA TYR J 180 -37.93 -22.72 8.99
C TYR J 180 -38.20 -23.21 10.41
N THR J 181 -39.13 -22.57 11.10
CA THR J 181 -39.58 -22.99 12.44
C THR J 181 -40.57 -24.15 12.42
N GLY J 182 -41.13 -24.46 11.25
CA GLY J 182 -42.12 -25.50 11.13
C GLY J 182 -43.55 -24.99 11.11
N ASP J 183 -43.75 -23.72 11.39
CA ASP J 183 -45.10 -23.17 11.26
C ASP J 183 -45.11 -21.70 10.85
N PRO J 184 -46.10 -21.32 10.07
CA PRO J 184 -46.14 -19.96 9.53
C PRO J 184 -46.31 -18.87 10.60
N LYS J 185 -46.95 -19.11 11.73
CA LYS J 185 -47.13 -18.03 12.71
C LYS J 185 -45.79 -17.59 13.33
N THR J 186 -45.00 -18.58 13.77
CA THR J 186 -43.70 -18.28 14.36
C THR J 186 -42.71 -17.78 13.32
N PHE J 187 -42.75 -18.35 12.12
CA PHE J 187 -41.88 -17.88 11.06
C PHE J 187 -42.20 -16.44 10.63
N SER J 188 -43.48 -16.02 10.72
CA SER J 188 -43.87 -14.64 10.39
C SER J 188 -43.26 -13.62 11.35
N TRP J 189 -42.96 -14.02 12.57
CA TRP J 189 -42.27 -13.11 13.49
C TRP J 189 -40.80 -12.91 13.03
N ALA J 190 -40.16 -13.98 12.58
CA ALA J 190 -38.82 -13.87 12.05
C ALA J 190 -38.83 -12.95 10.81
N VAL J 191 -39.81 -13.14 9.96
CA VAL J 191 -39.97 -12.26 8.80
C VAL J 191 -40.16 -10.80 9.24
N LYS J 192 -40.99 -10.57 10.26
CA LYS J 192 -41.26 -9.23 10.73
C LYS J 192 -40.00 -8.55 11.27
N VAL J 193 -39.21 -9.26 12.06
CA VAL J 193 -38.00 -8.66 12.66
C VAL J 193 -36.87 -8.48 11.62
N ALA J 194 -36.92 -9.22 10.51
CA ALA J 194 -36.03 -8.95 9.37
C ALA J 194 -36.35 -7.62 8.64
N GLY J 195 -37.50 -7.02 8.90
CA GLY J 195 -37.84 -5.72 8.34
C GLY J 195 -37.80 -5.66 6.81
N LYS J 196 -37.06 -4.69 6.28
CA LYS J 196 -36.99 -4.47 4.85
C LYS J 196 -36.11 -5.50 4.15
N VAL J 197 -35.49 -6.44 4.87
CA VAL J 197 -34.60 -7.42 4.24
C VAL J 197 -35.38 -8.71 3.98
N PRO J 198 -35.49 -9.10 2.71
CA PRO J 198 -36.25 -10.29 2.35
C PRO J 198 -35.62 -11.55 2.91
N VAL J 199 -36.48 -12.52 3.22
CA VAL J 199 -36.11 -13.78 3.87
C VAL J 199 -36.35 -14.95 2.91
N LEU J 200 -35.33 -15.79 2.73
CA LEU J 200 -35.45 -17.05 2.05
C LEU J 200 -35.35 -18.18 3.05
N MET J 201 -36.28 -19.14 2.97
CA MET J 201 -36.23 -20.35 3.78
C MET J 201 -35.21 -21.33 3.24
N SER J 202 -34.31 -21.81 4.11
CA SER J 202 -33.39 -22.90 3.80
C SER J 202 -34.21 -24.23 3.71
N GLY J 203 -34.03 -25.04 2.65
CA GLY J 203 -34.89 -26.21 2.46
C GLY J 203 -34.84 -27.30 3.53
N GLY J 204 -33.63 -27.59 4.00
CA GLY J 204 -33.42 -28.63 4.99
C GLY J 204 -33.24 -30.02 4.40
N PRO J 205 -33.06 -31.00 5.28
CA PRO J 205 -32.98 -32.39 4.85
C PRO J 205 -34.18 -32.78 3.99
N LYS J 206 -33.99 -33.74 3.09
CA LYS J 206 -35.09 -34.23 2.27
C LYS J 206 -36.21 -34.76 3.15
N THR J 207 -37.44 -34.32 2.86
CA THR J 207 -38.58 -34.66 3.69
C THR J 207 -39.07 -36.07 3.36
N LYS J 208 -39.93 -36.58 4.22
CA LYS J 208 -40.46 -37.93 4.08
C LYS J 208 -41.24 -38.09 2.77
N THR J 209 -42.09 -37.11 2.45
CA THR J 209 -42.83 -37.04 1.20
C THR J 209 -42.66 -35.67 0.54
N GLU J 210 -42.92 -35.62 -0.75
CA GLU J 210 -43.01 -34.37 -1.50
C GLU J 210 -44.07 -33.41 -0.89
N GLU J 211 -45.22 -33.96 -0.49
CA GLU J 211 -46.27 -33.14 0.14
C GLU J 211 -45.81 -32.48 1.43
N ASP J 212 -45.00 -33.16 2.24
CA ASP J 212 -44.45 -32.55 3.46
C ASP J 212 -43.66 -31.29 3.10
N PHE J 213 -42.85 -31.35 2.03
CA PHE J 213 -42.11 -30.15 1.64
C PHE J 213 -43.00 -29.05 1.12
N LEU J 214 -43.99 -29.39 0.30
CA LEU J 214 -44.87 -28.40 -0.28
C LEU J 214 -45.65 -27.67 0.80
N LYS J 215 -46.00 -28.39 1.85
CA LYS J 215 -46.74 -27.80 2.96
C LYS J 215 -45.81 -26.80 3.64
N GLN J 216 -44.54 -27.13 3.79
CA GLN J 216 -43.59 -26.18 4.41
C GLN J 216 -43.41 -24.95 3.53
N VAL J 217 -43.26 -25.14 2.23
CA VAL J 217 -43.08 -23.99 1.33
C VAL J 217 -44.33 -23.08 1.37
N GLU J 218 -45.53 -23.67 1.43
CA GLU J 218 -46.75 -22.87 1.46
C GLU J 218 -46.81 -22.06 2.75
N GLY J 219 -46.39 -22.68 3.85
CA GLY J 219 -46.28 -22.00 5.14
C GLY J 219 -45.34 -20.80 5.12
N VAL J 220 -44.19 -20.99 4.48
CA VAL J 220 -43.18 -19.95 4.31
C VAL J 220 -43.76 -18.75 3.54
N LEU J 221 -44.53 -19.04 2.49
CA LEU J 221 -45.14 -18.02 1.68
C LEU J 221 -46.21 -17.30 2.48
N GLU J 222 -47.04 -18.06 3.20
CA GLU J 222 -48.09 -17.45 4.04
C GLU J 222 -47.46 -16.56 5.14
N ALA J 223 -46.25 -16.94 5.57
CA ALA J 223 -45.54 -16.19 6.59
C ALA J 223 -44.95 -14.86 6.08
N GLY J 224 -44.91 -14.69 4.76
CA GLY J 224 -44.48 -13.45 4.13
C GLY J 224 -43.05 -13.46 3.62
N ALA J 225 -42.43 -14.64 3.60
CA ALA J 225 -41.07 -14.77 3.09
C ALA J 225 -41.06 -14.60 1.60
N LEU J 226 -39.90 -14.24 1.09
CA LEU J 226 -39.69 -14.04 -0.32
C LEU J 226 -39.70 -15.34 -1.09
N GLY J 227 -39.26 -16.41 -0.43
CA GLY J 227 -39.12 -17.67 -1.13
C GLY J 227 -38.23 -18.67 -0.48
N ILE J 228 -37.59 -19.53 -1.27
CA ILE J 228 -36.82 -20.64 -0.74
C ILE J 228 -35.46 -20.78 -1.40
N ALA J 229 -34.49 -21.24 -0.62
CA ALA J 229 -33.20 -21.65 -1.15
C ALA J 229 -33.13 -23.13 -0.87
N VAL J 230 -33.30 -23.91 -1.93
CA VAL J 230 -33.55 -25.32 -1.79
C VAL J 230 -32.47 -26.11 -2.53
N GLY J 231 -31.97 -27.14 -1.85
CA GLY J 231 -30.99 -28.05 -2.43
C GLY J 231 -31.53 -29.45 -2.44
N ARG J 232 -31.34 -30.13 -1.31
CA ARG J 232 -31.68 -31.54 -1.22
C ARG J 232 -33.13 -31.89 -1.61
N ASN J 233 -34.08 -31.09 -1.16
CA ASN J 233 -35.47 -31.38 -1.48
C ASN J 233 -35.81 -31.25 -2.97
N VAL J 234 -34.92 -30.68 -3.78
CA VAL J 234 -34.99 -30.87 -5.24
C VAL J 234 -34.01 -31.97 -5.73
N TRP J 235 -32.69 -31.78 -5.65
CA TRP J 235 -31.77 -32.66 -6.40
C TRP J 235 -31.41 -34.01 -5.76
N GLN J 236 -31.85 -34.24 -4.52
CA GLN J 236 -31.75 -35.58 -3.92
C GLN J 236 -32.87 -36.53 -4.39
N ARG J 237 -33.84 -35.99 -5.14
CA ARG J 237 -34.97 -36.77 -5.67
C ARG J 237 -34.73 -37.25 -7.10
N ARG J 238 -35.12 -38.47 -7.39
CA ARG J 238 -34.98 -39.00 -8.74
C ARG J 238 -35.94 -38.31 -9.72
N ASP J 239 -37.03 -37.75 -9.19
CA ASP J 239 -37.96 -36.94 -9.98
C ASP J 239 -37.69 -35.43 -9.77
N ALA J 240 -36.41 -35.05 -9.79
CA ALA J 240 -36.00 -33.70 -9.43
C ALA J 240 -36.70 -32.64 -10.30
N LEU J 241 -36.71 -32.84 -11.62
CA LEU J 241 -37.24 -31.82 -12.52
C LEU J 241 -38.74 -31.66 -12.32
N LYS J 242 -39.43 -32.79 -12.20
CA LYS J 242 -40.86 -32.80 -12.06
C LYS J 242 -41.26 -32.09 -10.76
N PHE J 243 -40.60 -32.42 -9.66
CA PHE J 243 -40.87 -31.77 -8.39
C PHE J 243 -40.45 -30.30 -8.38
N ALA J 244 -39.32 -29.97 -9.02
CA ALA J 244 -38.90 -28.58 -9.12
C ALA J 244 -39.94 -27.74 -9.86
N ARG J 245 -40.58 -28.29 -10.89
CA ARG J 245 -41.60 -27.54 -11.60
C ARG J 245 -42.85 -27.39 -10.73
N ALA J 246 -43.13 -28.38 -9.90
CA ALA J 246 -44.22 -28.28 -8.95
C ALA J 246 -43.96 -27.17 -7.94
N LEU J 247 -42.71 -27.02 -7.54
CA LEU J 247 -42.33 -25.95 -6.61
C LEU J 247 -42.47 -24.56 -7.28
N ALA J 248 -42.08 -24.49 -8.56
CA ALA J 248 -42.21 -23.25 -9.33
C ALA J 248 -43.68 -22.86 -9.46
N GLU J 249 -44.58 -23.80 -9.77
CA GLU J 249 -45.99 -23.48 -9.85
C GLU J 249 -46.51 -22.89 -8.52
N LEU J 250 -46.14 -23.50 -7.40
CA LEU J 250 -46.55 -23.05 -6.07
C LEU J 250 -46.01 -21.66 -5.67
N VAL J 251 -44.71 -21.44 -5.81
CA VAL J 251 -44.06 -20.19 -5.39
C VAL J 251 -44.41 -18.99 -6.30
N TYR J 252 -44.39 -19.22 -7.61
CA TYR J 252 -44.61 -18.13 -8.55
C TYR J 252 -46.13 -17.95 -8.73
#